data_5QU8
# 
_entry.id   5QU8 
# 
_audit_conform.dict_name       mmcif_pdbx.dic 
_audit_conform.dict_version    5.389 
_audit_conform.dict_location   http://mmcif.pdb.org/dictionaries/ascii/mmcif_pdbx.dic 
# 
loop_
_database_2.database_id 
_database_2.database_code 
_database_2.pdbx_database_accession 
_database_2.pdbx_DOI 
PDB   5QU8         pdb_00005qu8 10.2210/pdb5qu8/pdb 
WWPDB D_1001402413 ?            ?                   
# 
loop_
_pdbx_audit_revision_history.ordinal 
_pdbx_audit_revision_history.data_content_type 
_pdbx_audit_revision_history.major_revision 
_pdbx_audit_revision_history.minor_revision 
_pdbx_audit_revision_history.revision_date 
1 'Structure model' 1 0 2020-02-12 
2 'Structure model' 1 1 2021-05-12 
3 'Structure model' 1 2 2021-06-30 
4 'Structure model' 1 3 2024-03-06 
5 'Structure model' 1 4 2024-04-03 
# 
_pdbx_audit_revision_details.ordinal             1 
_pdbx_audit_revision_details.revision_ordinal    1 
_pdbx_audit_revision_details.data_content_type   'Structure model' 
_pdbx_audit_revision_details.provider            repository 
_pdbx_audit_revision_details.type                'Initial release' 
_pdbx_audit_revision_details.description         ? 
_pdbx_audit_revision_details.details             ? 
# 
loop_
_pdbx_audit_revision_group.ordinal 
_pdbx_audit_revision_group.revision_ordinal 
_pdbx_audit_revision_group.data_content_type 
_pdbx_audit_revision_group.group 
1 2 'Structure model' 'Structure summary'      
2 3 'Structure model' 'Database references'    
3 4 'Structure model' 'Data collection'        
4 4 'Structure model' 'Database references'    
5 5 'Structure model' 'Database references'    
6 5 'Structure model' 'Refinement description' 
# 
loop_
_pdbx_audit_revision_category.ordinal 
_pdbx_audit_revision_category.revision_ordinal 
_pdbx_audit_revision_category.data_content_type 
_pdbx_audit_revision_category.category 
1 2 'Structure model' pdbx_deposit_group            
2 3 'Structure model' citation                      
3 3 'Structure model' citation_author               
4 4 'Structure model' chem_comp_atom                
5 4 'Structure model' chem_comp_bond                
6 4 'Structure model' database_2                    
7 5 'Structure model' citation                      
8 5 'Structure model' pdbx_initial_refinement_model 
# 
loop_
_pdbx_audit_revision_item.ordinal 
_pdbx_audit_revision_item.revision_ordinal 
_pdbx_audit_revision_item.data_content_type 
_pdbx_audit_revision_item.item 
1  2 'Structure model' '_pdbx_deposit_group.group_description' 
2  2 'Structure model' '_pdbx_deposit_group.group_type'        
3  3 'Structure model' '_citation.country'                     
4  3 'Structure model' '_citation.journal_abbrev'              
5  3 'Structure model' '_citation.journal_id_ASTM'             
6  3 'Structure model' '_citation.journal_id_CSD'              
7  3 'Structure model' '_citation.journal_id_ISSN'             
8  3 'Structure model' '_citation.journal_volume'              
9  3 'Structure model' '_citation.page_first'                  
10 3 'Structure model' '_citation.page_last'                   
11 3 'Structure model' '_citation.pdbx_database_id_DOI'        
12 3 'Structure model' '_citation.pdbx_database_id_PubMed'     
13 3 'Structure model' '_citation.title'                       
14 3 'Structure model' '_citation.year'                        
15 4 'Structure model' '_database_2.pdbx_DOI'                  
16 4 'Structure model' '_database_2.pdbx_database_accession'   
17 5 'Structure model' '_citation.title'                       
# 
_pdbx_database_status.entry_id                        5QU8 
_pdbx_database_status.status_code                     REL 
_pdbx_database_status.status_code_sf                  REL 
_pdbx_database_status.status_code_mr                  ? 
_pdbx_database_status.status_code_cs                  ? 
_pdbx_database_status.recvd_initial_deposition_date   2019-12-13 
_pdbx_database_status.deposit_site                    RCSB 
_pdbx_database_status.process_site                    RCSB 
_pdbx_database_status.SG_entry                        ? 
_pdbx_database_status.pdb_format_compatible           Y 
_pdbx_database_status.methods_development_category    ? 
_pdbx_database_status.status_code_nmr_data            ? 
# 
_audit_author.pdbx_ordinal   1 
_audit_author.name           'Rudolph, M.G.' 
# 
_citation.id                        primary 
_citation.journal_abbrev            J.Biol.Chem. 
_citation.title                     
;Small molecule AX-024 reduces T cell proliferation independently of CD3&#949;/Nck1 interaction, which is governed by a domain swap in the Nck1-SH3.1 domain.
;
_citation.year                      2020 
_citation.journal_volume            295 
_citation.page_first                7849 
_citation.page_last                 7864 
_citation.journal_id_ASTM           JBCHA3 
_citation.country                   US 
_citation.journal_id_ISSN           1083-351X 
_citation.journal_id_CSD            0071 
_citation.book_publisher            ? 
_citation.pdbx_database_id_PubMed   32317279 
_citation.pdbx_database_id_DOI      10.1074/jbc.RA120.012788 
# 
loop_
_citation_author.citation_id 
_citation_author.name 
_citation_author.ordinal 
_citation_author.identifier_ORCID 
primary 'Richter, K.'       1  ?                   
primary 'Rufer, A.C.'       2  ?                   
primary 'Muller, M.'        3  ?                   
primary 'Burger, D.'        4  ?                   
primary 'Casagrande, F.'    5  ?                   
primary 'Grossenbacher, T.' 6  ?                   
primary 'Huber, S.'         7  ?                   
primary 'Hug, M.N.'         8  ?                   
primary 'Koldewey, P.'      9  0000-0003-3945-1063 
primary 
;D'Osualdo, A.
;
10 ?                   
primary 'Schlatter, D.'     11 ?                   
primary 'Stoll, T.'         12 ?                   
primary 'Rudolph, M.G.'     13 0000-0003-0447-1101 
# 
loop_
_entity.id 
_entity.type 
_entity.src_method 
_entity.pdbx_description 
_entity.formula_weight 
_entity.pdbx_number_of_molecules 
_entity.pdbx_ec 
_entity.pdbx_mutation 
_entity.pdbx_fragment 
_entity.details 
1 polymer     man 'Cytoplasmic protein NCK1' 10299.410 1  ? ? ? ? 
2 non-polymer syn 'SODIUM ION'               22.990    1  ? ? ? ? 
3 water       nat water                      18.015    63 ? ? ? ? 
# 
_entity_name_com.entity_id   1 
_entity_name_com.name        'NCK adaptor protein 1,Nck-1,SH2/SH3 adaptor protein NCK-alpha' 
# 
_entity_poly.entity_id                      1 
_entity_poly.type                           'polypeptide(L)' 
_entity_poly.nstd_linkage                   no 
_entity_poly.nstd_monomer                   no 
_entity_poly.pdbx_seq_one_letter_code       
;SGGLNDIFEAQKIEWHEGSENLYFQSMAEEVVVVAKFDYVAQQEQELDIKKNERLWLLDDSKSWWRVRNSMNKTGFVPSN
YVERKNS
;
_entity_poly.pdbx_seq_one_letter_code_can   
;SGGLNDIFEAQKIEWHEGSENLYFQSMAEEVVVVAKFDYVAQQEQELDIKKNERLWLLDDSKSWWRVRNSMNKTGFVPSN
YVERKNS
;
_entity_poly.pdbx_strand_id                 A 
_entity_poly.pdbx_target_identifier         ? 
# 
loop_
_pdbx_entity_nonpoly.entity_id 
_pdbx_entity_nonpoly.name 
_pdbx_entity_nonpoly.comp_id 
2 'SODIUM ION' NA  
3 water        HOH 
# 
loop_
_entity_poly_seq.entity_id 
_entity_poly_seq.num 
_entity_poly_seq.mon_id 
_entity_poly_seq.hetero 
1 1  SER n 
1 2  GLY n 
1 3  GLY n 
1 4  LEU n 
1 5  ASN n 
1 6  ASP n 
1 7  ILE n 
1 8  PHE n 
1 9  GLU n 
1 10 ALA n 
1 11 GLN n 
1 12 LYS n 
1 13 ILE n 
1 14 GLU n 
1 15 TRP n 
1 16 HIS n 
1 17 GLU n 
1 18 GLY n 
1 19 SER n 
1 20 GLU n 
1 21 ASN n 
1 22 LEU n 
1 23 TYR n 
1 24 PHE n 
1 25 GLN n 
1 26 SER n 
1 27 MET n 
1 28 ALA n 
1 29 GLU n 
1 30 GLU n 
1 31 VAL n 
1 32 VAL n 
1 33 VAL n 
1 34 VAL n 
1 35 ALA n 
1 36 LYS n 
1 37 PHE n 
1 38 ASP n 
1 39 TYR n 
1 40 VAL n 
1 41 ALA n 
1 42 GLN n 
1 43 GLN n 
1 44 GLU n 
1 45 GLN n 
1 46 GLU n 
1 47 LEU n 
1 48 ASP n 
1 49 ILE n 
1 50 LYS n 
1 51 LYS n 
1 52 ASN n 
1 53 GLU n 
1 54 ARG n 
1 55 LEU n 
1 56 TRP n 
1 57 LEU n 
1 58 LEU n 
1 59 ASP n 
1 60 ASP n 
1 61 SER n 
1 62 LYS n 
1 63 SER n 
1 64 TRP n 
1 65 TRP n 
1 66 ARG n 
1 67 VAL n 
1 68 ARG n 
1 69 ASN n 
1 70 SER n 
1 71 MET n 
1 72 ASN n 
1 73 LYS n 
1 74 THR n 
1 75 GLY n 
1 76 PHE n 
1 77 VAL n 
1 78 PRO n 
1 79 SER n 
1 80 ASN n 
1 81 TYR n 
1 82 VAL n 
1 83 GLU n 
1 84 ARG n 
1 85 LYS n 
1 86 ASN n 
1 87 SER n 
# 
_entity_src_gen.entity_id                          1 
_entity_src_gen.pdbx_src_id                        1 
_entity_src_gen.pdbx_alt_source_flag               sample 
_entity_src_gen.pdbx_seq_type                      'Biological sequence' 
_entity_src_gen.pdbx_beg_seq_num                   1 
_entity_src_gen.pdbx_end_seq_num                   87 
_entity_src_gen.gene_src_common_name               Human 
_entity_src_gen.gene_src_genus                     ? 
_entity_src_gen.pdbx_gene_src_gene                 'NCK1, NCK' 
_entity_src_gen.gene_src_species                   ? 
_entity_src_gen.gene_src_strain                    ? 
_entity_src_gen.gene_src_tissue                    ? 
_entity_src_gen.gene_src_tissue_fraction           ? 
_entity_src_gen.gene_src_details                   ? 
_entity_src_gen.pdbx_gene_src_fragment             ? 
_entity_src_gen.pdbx_gene_src_scientific_name      'Homo sapiens' 
_entity_src_gen.pdbx_gene_src_ncbi_taxonomy_id     9606 
_entity_src_gen.pdbx_gene_src_variant              ? 
_entity_src_gen.pdbx_gene_src_cell_line            ? 
_entity_src_gen.pdbx_gene_src_atcc                 ? 
_entity_src_gen.pdbx_gene_src_organ                ? 
_entity_src_gen.pdbx_gene_src_organelle            ? 
_entity_src_gen.pdbx_gene_src_cell                 ? 
_entity_src_gen.pdbx_gene_src_cellular_location    ? 
_entity_src_gen.host_org_common_name               ? 
_entity_src_gen.pdbx_host_org_scientific_name      'Escherichia coli' 
_entity_src_gen.pdbx_host_org_ncbi_taxonomy_id     469008 
_entity_src_gen.host_org_genus                     ? 
_entity_src_gen.pdbx_host_org_gene                 ? 
_entity_src_gen.pdbx_host_org_organ                ? 
_entity_src_gen.host_org_species                   ? 
_entity_src_gen.pdbx_host_org_tissue               ? 
_entity_src_gen.pdbx_host_org_tissue_fraction      ? 
_entity_src_gen.pdbx_host_org_strain               'BL21(DE3)' 
_entity_src_gen.pdbx_host_org_variant              ? 
_entity_src_gen.pdbx_host_org_cell_line            ? 
_entity_src_gen.pdbx_host_org_atcc                 ? 
_entity_src_gen.pdbx_host_org_culture_collection   ? 
_entity_src_gen.pdbx_host_org_cell                 ? 
_entity_src_gen.pdbx_host_org_organelle            ? 
_entity_src_gen.pdbx_host_org_cellular_location    ? 
_entity_src_gen.pdbx_host_org_vector_type          plasmid 
_entity_src_gen.pdbx_host_org_vector               ? 
_entity_src_gen.host_org_details                   ? 
_entity_src_gen.expression_system_id               ? 
_entity_src_gen.plasmid_name                       'PET28a(+)' 
_entity_src_gen.plasmid_details                    ? 
_entity_src_gen.pdbx_description                   ? 
# 
loop_
_chem_comp.id 
_chem_comp.type 
_chem_comp.mon_nstd_flag 
_chem_comp.name 
_chem_comp.pdbx_synonyms 
_chem_comp.formula 
_chem_comp.formula_weight 
ALA 'L-peptide linking' y ALANINE         ? 'C3 H7 N O2'     89.093  
ARG 'L-peptide linking' y ARGININE        ? 'C6 H15 N4 O2 1' 175.209 
ASN 'L-peptide linking' y ASPARAGINE      ? 'C4 H8 N2 O3'    132.118 
ASP 'L-peptide linking' y 'ASPARTIC ACID' ? 'C4 H7 N O4'     133.103 
GLN 'L-peptide linking' y GLUTAMINE       ? 'C5 H10 N2 O3'   146.144 
GLU 'L-peptide linking' y 'GLUTAMIC ACID' ? 'C5 H9 N O4'     147.129 
GLY 'peptide linking'   y GLYCINE         ? 'C2 H5 N O2'     75.067  
HIS 'L-peptide linking' y HISTIDINE       ? 'C6 H10 N3 O2 1' 156.162 
HOH non-polymer         . WATER           ? 'H2 O'           18.015  
ILE 'L-peptide linking' y ISOLEUCINE      ? 'C6 H13 N O2'    131.173 
LEU 'L-peptide linking' y LEUCINE         ? 'C6 H13 N O2'    131.173 
LYS 'L-peptide linking' y LYSINE          ? 'C6 H15 N2 O2 1' 147.195 
MET 'L-peptide linking' y METHIONINE      ? 'C5 H11 N O2 S'  149.211 
NA  non-polymer         . 'SODIUM ION'    ? 'Na 1'           22.990  
PHE 'L-peptide linking' y PHENYLALANINE   ? 'C9 H11 N O2'    165.189 
PRO 'L-peptide linking' y PROLINE         ? 'C5 H9 N O2'     115.130 
SER 'L-peptide linking' y SERINE          ? 'C3 H7 N O3'     105.093 
THR 'L-peptide linking' y THREONINE       ? 'C4 H9 N O3'     119.119 
TRP 'L-peptide linking' y TRYPTOPHAN      ? 'C11 H12 N2 O2'  204.225 
TYR 'L-peptide linking' y TYROSINE        ? 'C9 H11 N O3'    181.189 
VAL 'L-peptide linking' y VALINE          ? 'C5 H11 N O2'    117.146 
# 
loop_
_pdbx_poly_seq_scheme.asym_id 
_pdbx_poly_seq_scheme.entity_id 
_pdbx_poly_seq_scheme.seq_id 
_pdbx_poly_seq_scheme.mon_id 
_pdbx_poly_seq_scheme.ndb_seq_num 
_pdbx_poly_seq_scheme.pdb_seq_num 
_pdbx_poly_seq_scheme.auth_seq_num 
_pdbx_poly_seq_scheme.pdb_mon_id 
_pdbx_poly_seq_scheme.auth_mon_id 
_pdbx_poly_seq_scheme.pdb_strand_id 
_pdbx_poly_seq_scheme.pdb_ins_code 
_pdbx_poly_seq_scheme.hetero 
A 1 1  SER 1  -24 ?  ?   ?   A . n 
A 1 2  GLY 2  -23 ?  ?   ?   A . n 
A 1 3  GLY 3  -22 ?  ?   ?   A . n 
A 1 4  LEU 4  -21 ?  ?   ?   A . n 
A 1 5  ASN 5  -20 ?  ?   ?   A . n 
A 1 6  ASP 6  -19 ?  ?   ?   A . n 
A 1 7  ILE 7  -18 ?  ?   ?   A . n 
A 1 8  PHE 8  -17 ?  ?   ?   A . n 
A 1 9  GLU 9  -16 ?  ?   ?   A . n 
A 1 10 ALA 10 -15 ?  ?   ?   A . n 
A 1 11 GLN 11 -14 ?  ?   ?   A . n 
A 1 12 LYS 12 -13 ?  ?   ?   A . n 
A 1 13 ILE 13 -12 ?  ?   ?   A . n 
A 1 14 GLU 14 -11 ?  ?   ?   A . n 
A 1 15 TRP 15 -10 ?  ?   ?   A . n 
A 1 16 HIS 16 -9  ?  ?   ?   A . n 
A 1 17 GLU 17 -8  ?  ?   ?   A . n 
A 1 18 GLY 18 -7  ?  ?   ?   A . n 
A 1 19 SER 19 -6  ?  ?   ?   A . n 
A 1 20 GLU 20 -5  ?  ?   ?   A . n 
A 1 21 ASN 21 -4  ?  ?   ?   A . n 
A 1 22 LEU 22 -3  ?  ?   ?   A . n 
A 1 23 TYR 23 -2  ?  ?   ?   A . n 
A 1 24 PHE 24 -1  ?  ?   ?   A . n 
A 1 25 GLN 25 0   ?  ?   ?   A . n 
A 1 26 SER 26 1   ?  ?   ?   A . n 
A 1 27 MET 27 2   ?  ?   ?   A . n 
A 1 28 ALA 28 3   ?  ?   ?   A . n 
A 1 29 GLU 29 4   ?  ?   ?   A . n 
A 1 30 GLU 30 5   5  GLU GLU A . n 
A 1 31 VAL 31 6   6  VAL VAL A . n 
A 1 32 VAL 32 7   7  VAL VAL A . n 
A 1 33 VAL 33 8   8  VAL VAL A . n 
A 1 34 VAL 34 9   9  VAL VAL A . n 
A 1 35 ALA 35 10  10 ALA ALA A . n 
A 1 36 LYS 36 11  11 LYS LYS A . n 
A 1 37 PHE 37 12  12 PHE PHE A . n 
A 1 38 ASP 38 13  13 ASP ASP A . n 
A 1 39 TYR 39 14  14 TYR TYR A . n 
A 1 40 VAL 40 15  15 VAL VAL A . n 
A 1 41 ALA 41 16  16 ALA ALA A . n 
A 1 42 GLN 42 17  17 GLN GLN A . n 
A 1 43 GLN 43 18  18 GLN GLN A . n 
A 1 44 GLU 44 19  19 GLU GLU A . n 
A 1 45 GLN 45 20  20 GLN GLN A . n 
A 1 46 GLU 46 21  21 GLU GLU A . n 
A 1 47 LEU 47 22  22 LEU LEU A . n 
A 1 48 ASP 48 23  23 ASP ASP A . n 
A 1 49 ILE 49 24  24 ILE ILE A . n 
A 1 50 LYS 50 25  25 LYS LYS A . n 
A 1 51 LYS 51 26  26 LYS LYS A . n 
A 1 52 ASN 52 27  27 ASN ASN A . n 
A 1 53 GLU 53 28  28 GLU GLU A . n 
A 1 54 ARG 54 29  29 ARG ARG A . n 
A 1 55 LEU 55 30  30 LEU LEU A . n 
A 1 56 TRP 56 31  31 TRP TRP A . n 
A 1 57 LEU 57 32  32 LEU LEU A . n 
A 1 58 LEU 58 33  33 LEU LEU A . n 
A 1 59 ASP 59 34  34 ASP ASP A . n 
A 1 60 ASP 60 35  35 ASP ASP A . n 
A 1 61 SER 61 36  36 SER SER A . n 
A 1 62 LYS 62 37  37 LYS LYS A . n 
A 1 63 SER 63 38  38 SER SER A . n 
A 1 64 TRP 64 39  39 TRP TRP A . n 
A 1 65 TRP 65 40  40 TRP TRP A . n 
A 1 66 ARG 66 41  41 ARG ARG A . n 
A 1 67 VAL 67 42  42 VAL VAL A . n 
A 1 68 ARG 68 43  43 ARG ARG A . n 
A 1 69 ASN 69 44  44 ASN ASN A . n 
A 1 70 SER 70 45  45 SER SER A . n 
A 1 71 MET 71 46  46 MET MET A . n 
A 1 72 ASN 72 47  47 ASN ASN A . n 
A 1 73 LYS 73 48  48 LYS LYS A . n 
A 1 74 THR 74 49  49 THR THR A . n 
A 1 75 GLY 75 50  50 GLY GLY A . n 
A 1 76 PHE 76 51  51 PHE PHE A . n 
A 1 77 VAL 77 52  52 VAL VAL A . n 
A 1 78 PRO 78 53  53 PRO PRO A . n 
A 1 79 SER 79 54  54 SER SER A . n 
A 1 80 ASN 80 55  55 ASN ASN A . n 
A 1 81 TYR 81 56  56 TYR TYR A . n 
A 1 82 VAL 82 57  57 VAL VAL A . n 
A 1 83 GLU 83 58  58 GLU GLU A . n 
A 1 84 ARG 84 59  59 ARG ARG A . n 
A 1 85 LYS 85 60  60 LYS LYS A . n 
A 1 86 ASN 86 61  61 ASN ASN A . n 
A 1 87 SER 87 62  62 SER SER A . n 
# 
loop_
_pdbx_nonpoly_scheme.asym_id 
_pdbx_nonpoly_scheme.entity_id 
_pdbx_nonpoly_scheme.mon_id 
_pdbx_nonpoly_scheme.ndb_seq_num 
_pdbx_nonpoly_scheme.pdb_seq_num 
_pdbx_nonpoly_scheme.auth_seq_num 
_pdbx_nonpoly_scheme.pdb_mon_id 
_pdbx_nonpoly_scheme.auth_mon_id 
_pdbx_nonpoly_scheme.pdb_strand_id 
_pdbx_nonpoly_scheme.pdb_ins_code 
B 2 NA  1  101 1  NA  NA  A . 
C 3 HOH 1  201 62 HOH HOH A . 
C 3 HOH 2  202 61 HOH HOH A . 
C 3 HOH 3  203 46 HOH HOH A . 
C 3 HOH 4  204 10 HOH HOH A . 
C 3 HOH 5  205 26 HOH HOH A . 
C 3 HOH 6  206 52 HOH HOH A . 
C 3 HOH 7  207 38 HOH HOH A . 
C 3 HOH 8  208 50 HOH HOH A . 
C 3 HOH 9  209 27 HOH HOH A . 
C 3 HOH 10 210 2  HOH HOH A . 
C 3 HOH 11 211 42 HOH HOH A . 
C 3 HOH 12 212 43 HOH HOH A . 
C 3 HOH 13 213 12 HOH HOH A . 
C 3 HOH 14 214 18 HOH HOH A . 
C 3 HOH 15 215 16 HOH HOH A . 
C 3 HOH 16 216 57 HOH HOH A . 
C 3 HOH 17 217 47 HOH HOH A . 
C 3 HOH 18 218 56 HOH HOH A . 
C 3 HOH 19 219 22 HOH HOH A . 
C 3 HOH 20 220 60 HOH HOH A . 
C 3 HOH 21 221 23 HOH HOH A . 
C 3 HOH 22 222 1  HOH HOH A . 
C 3 HOH 23 223 4  HOH HOH A . 
C 3 HOH 24 224 14 HOH HOH A . 
C 3 HOH 25 225 5  HOH HOH A . 
C 3 HOH 26 226 6  HOH HOH A . 
C 3 HOH 27 227 25 HOH HOH A . 
C 3 HOH 28 228 34 HOH HOH A . 
C 3 HOH 29 229 9  HOH HOH A . 
C 3 HOH 30 230 3  HOH HOH A . 
C 3 HOH 31 231 63 HOH HOH A . 
C 3 HOH 32 232 13 HOH HOH A . 
C 3 HOH 33 233 31 HOH HOH A . 
C 3 HOH 34 234 36 HOH HOH A . 
C 3 HOH 35 235 11 HOH HOH A . 
C 3 HOH 36 236 33 HOH HOH A . 
C 3 HOH 37 237 17 HOH HOH A . 
C 3 HOH 38 238 54 HOH HOH A . 
C 3 HOH 39 239 40 HOH HOH A . 
C 3 HOH 40 240 20 HOH HOH A . 
C 3 HOH 41 241 24 HOH HOH A . 
C 3 HOH 42 242 7  HOH HOH A . 
C 3 HOH 43 243 21 HOH HOH A . 
C 3 HOH 44 244 55 HOH HOH A . 
C 3 HOH 45 245 32 HOH HOH A . 
C 3 HOH 46 246 19 HOH HOH A . 
C 3 HOH 47 247 29 HOH HOH A . 
C 3 HOH 48 248 8  HOH HOH A . 
C 3 HOH 49 249 15 HOH HOH A . 
C 3 HOH 50 250 30 HOH HOH A . 
C 3 HOH 51 251 35 HOH HOH A . 
C 3 HOH 52 252 49 HOH HOH A . 
C 3 HOH 53 253 44 HOH HOH A . 
C 3 HOH 54 254 37 HOH HOH A . 
C 3 HOH 55 255 53 HOH HOH A . 
C 3 HOH 56 256 66 HOH HOH A . 
C 3 HOH 57 257 45 HOH HOH A . 
C 3 HOH 58 258 39 HOH HOH A . 
C 3 HOH 59 259 59 HOH HOH A . 
C 3 HOH 60 260 64 HOH HOH A . 
C 3 HOH 61 261 58 HOH HOH A . 
C 3 HOH 62 262 65 HOH HOH A . 
C 3 HOH 63 263 41 HOH HOH A . 
# 
loop_
_software.pdbx_ordinal 
_software.name 
_software.version 
_software.date 
_software.type 
_software.contact_author 
_software.contact_author_email 
_software.classification 
_software.location 
_software.language 
_software.citation_id 
1 XSCALE      .        ?              package 'Wolfgang Kabsch'    ?                        'data scaling'    
http://www.mpimf-heidelberg.mpg.de/~kabsch/xds/html_doc/xscale_program.html ?          ? 
2 REFMAC      5.8.0238 ?              program 'Garib N. Murshudov' garib@ysbl.york.ac.uk    refinement        
http://www.ccp4.ac.uk/dist/html/refmac5.html                                Fortran_77 ? 
3 PDB_EXTRACT 3.24     'Sep. 1, 2017' package PDB                  deposit@deposit.rcsb.org 'data extraction' 
http://sw-tools.pdb.org/apps/PDB_EXTRACT/                                   C++        ? 
4 XDS         .        ?              ?       ?                    ?                        'data reduction'  ? ?          ? 
5 XSCALE      .        ?              ?       ?                    ?                        'data scaling'    ? ?          ? 
6 PHASER      .        ?              ?       ?                    ?                        phasing           ? ?          ? 
# 
_cell.entry_id           5QU8 
_cell.length_a           40.100 
_cell.length_b           55.170 
_cell.length_c           27.000 
_cell.angle_alpha        90.000 
_cell.angle_beta         90.000 
_cell.angle_gamma        90.000 
_cell.Z_PDB              4 
_cell.pdbx_unique_axis   ? 
# 
_symmetry.entry_id                         5QU8 
_symmetry.space_group_name_H-M             'P 21 21 2' 
_symmetry.Int_Tables_number                18 
_symmetry.pdbx_full_space_group_name_H-M   ? 
_symmetry.cell_setting                     ? 
# 
_exptl.crystals_number   1 
_exptl.entry_id          5QU8 
_exptl.method            'X-RAY DIFFRACTION' 
# 
_exptl_crystal.id                    1 
_exptl_crystal.density_meas          ? 
_exptl_crystal.density_Matthews      1.45 
_exptl_crystal.density_percent_sol   15.17 
_exptl_crystal.description           ? 
_exptl_crystal.preparation           ? 
# 
_exptl_crystal_grow.crystal_id      1 
_exptl_crystal_grow.method          'VAPOR DIFFUSION, SITTING DROP' 
_exptl_crystal_grow.pH              7.0 
_exptl_crystal_grow.temp            293 
_exptl_crystal_grow.pdbx_details    '60% tacsimate pH 7.0' 
_exptl_crystal_grow.temp_details    ? 
_exptl_crystal_grow.pdbx_pH_range   ? 
# 
_diffrn.id                               1 
_diffrn.crystal_id                       1 
_diffrn.ambient_temp                     100 
_diffrn.ambient_temp_details             ? 
_diffrn.pdbx_serial_crystal_experiment   ? 
# 
_diffrn_detector.diffrn_id              1 
_diffrn_detector.detector               PIXEL 
_diffrn_detector.type                   'PSI PILATUS 6M' 
_diffrn_detector.pdbx_collection_date   2020-01-24 
_diffrn_detector.details                ? 
# 
_diffrn_radiation.diffrn_id                        1 
_diffrn_radiation.pdbx_diffrn_protocol             'SINGLE WAVELENGTH' 
_diffrn_radiation.monochromator                    ? 
_diffrn_radiation.pdbx_monochromatic_or_laue_m_l   M 
_diffrn_radiation.wavelength_id                    1 
_diffrn_radiation.pdbx_scattering_type             x-ray 
# 
_diffrn_radiation_wavelength.id           1 
_diffrn_radiation_wavelength.wavelength   1.00005 
_diffrn_radiation_wavelength.wt           1.0 
# 
_diffrn_source.diffrn_id                   1 
_diffrn_source.source                      SYNCHROTRON 
_diffrn_source.type                        'SLS BEAMLINE X10SA' 
_diffrn_source.pdbx_wavelength_list        1.00005 
_diffrn_source.pdbx_synchrotron_site       SLS 
_diffrn_source.pdbx_synchrotron_beamline   X10SA 
_diffrn_source.pdbx_wavelength             ? 
# 
_reflns.entry_id                     5QU8 
_reflns.pdbx_redundancy              5.45 
_reflns.pdbx_diffrn_id               1 
_reflns.pdbx_ordinal                 1 
_reflns.observed_criterion_sigma_I   ? 
_reflns.observed_criterion_sigma_F   ? 
_reflns.d_resolution_low             27.600 
_reflns.d_resolution_high            0.930 
_reflns.number_obs                   36162 
_reflns.number_all                   ? 
_reflns.percent_possible_obs         88.100 
_reflns.pdbx_Rmerge_I_obs            0.065 
_reflns.pdbx_Rsym_value              ? 
_reflns.pdbx_netI_over_sigmaI        6.800 
_reflns.B_iso_Wilson_estimate        17.679 
_reflns.pdbx_Rrim_I_all              0.072 
_reflns.pdbx_Rpim_I_all              ? 
_reflns.pdbx_CC_half                 0.999 
_reflns.pdbx_netI_over_av_sigmaI     ? 
_reflns.pdbx_number_measured_all     196914 
_reflns.pdbx_scaling_rejects         265 
_reflns.pdbx_chi_squared             0.846 
_reflns.Rmerge_F_all                 ? 
_reflns.Rmerge_F_obs                 ? 
_reflns.observed_criterion_F_max     ? 
_reflns.observed_criterion_F_min     ? 
_reflns.observed_criterion_I_max     ? 
_reflns.observed_criterion_I_min     ? 
_reflns.pdbx_d_res_high_opt          ? 
_reflns.pdbx_d_res_low_opt           ? 
_reflns.details                      ? 
# 
loop_
_reflns_shell.pdbx_diffrn_id 
_reflns_shell.pdbx_ordinal 
_reflns_shell.d_res_high 
_reflns_shell.d_res_low 
_reflns_shell.number_measured_obs 
_reflns_shell.number_measured_all 
_reflns_shell.number_unique_obs 
_reflns_shell.pdbx_rejects 
_reflns_shell.Rmerge_I_obs 
_reflns_shell.meanI_over_sigI_obs 
_reflns_shell.pdbx_Rsym_value 
_reflns_shell.pdbx_chi_squared 
_reflns_shell.pdbx_redundancy 
_reflns_shell.percent_possible_obs 
_reflns_shell.pdbx_netI_over_sigmaI_obs 
_reflns_shell.number_possible 
_reflns_shell.number_unique_all 
_reflns_shell.Rmerge_F_all 
_reflns_shell.Rmerge_F_obs 
_reflns_shell.Rmerge_I_all 
_reflns_shell.meanI_over_sigI_all 
_reflns_shell.percent_possible_all 
_reflns_shell.pdbx_Rrim_I_all 
_reflns_shell.pdbx_Rpim_I_all 
_reflns_shell.pdbx_CC_half 
1 1  0.930 1.060  29486 ? 8332 ? 14.779 0.170  ? ? 3.539 ? ? 13109 ? ? ? ? ? 63.600  17.331 ? ?     
1 2  1.060 1.090  12922 ? 2177 ? 3.478  0.590  ? ? 5.936 ? ? 2187  ? ? ? ? ? 99.500  3.814  ? 0.588 
1 3  1.090 1.150  21676 ? 3741 ? 1.877  1.030  ? ? 5.794 ? ? 3756  ? ? ? ? ? 99.600  2.063  ? 0.803 
1 4  1.150 1.250  29225 ? 4745 ? 0.888  2.050  ? ? 6.159 ? ? 4758  ? ? ? ? ? 99.700  0.970  ? 0.926 
1 5  1.250 1.390  28147 ? 4599 ? 0.496  3.380  ? ? 6.120 ? ? 4613  ? ? ? ? ? 99.700  0.542  ? 0.972 
1 6  1.390 1.570  22850 ? 3764 ? 0.231  6.820  ? ? 6.071 ? ? 3770  ? ? ? ? ? 99.800  0.253  ? 0.989 
1 7  1.570 1.860  22204 ? 3436 ? 0.101  14.050 ? ? 6.462 ? ? 3436  ? ? ? ? ? 100.000 0.111  ? 0.995 
1 8  1.860 2.400  15822 ? 2812 ? 0.057  23.240 ? ? 5.627 ? ? 2820  ? ? ? ? ? 99.700  0.063  ? 0.997 
1 9  2.400 4.160  11436 ? 2018 ? 0.043  28.700 ? ? 5.667 ? ? 2034  ? ? ? ? ? 99.200  0.048  ? 0.998 
1 10 4.160 27.600 3146  ? 538  ? 0.032  30.930 ? ? 5.848 ? ? 543   ? ? ? ? ? 99.100  0.035  ? 0.999 
# 
_refine.entry_id                                 5QU8 
_refine.pdbx_refine_id                           'X-RAY DIFFRACTION' 
_refine.ls_d_res_high                            0.9300 
_refine.ls_d_res_low                             27.6000 
_refine.pdbx_ls_sigma_F                          0.000 
_refine.pdbx_data_cutoff_high_absF               ? 
_refine.pdbx_data_cutoff_low_absF                ? 
_refine.ls_percent_reflns_obs                    47.3700 
_refine.ls_number_reflns_obs                     18459 
_refine.ls_number_reflns_all                     ? 
_refine.pdbx_ls_cross_valid_method               THROUGHOUT 
_refine.ls_matrix_type                           ? 
_refine.pdbx_R_Free_selection_details            RANDOM 
_refine.details                                  
'HYDROGENS HAVE BEEN ADDED IN THE RIDING POSITIONS U VALUES      : REFINED INDIVIDUALLY' 
_refine.ls_R_factor_all                          ? 
_refine.ls_R_factor_obs                          0.1506 
_refine.ls_R_factor_R_work                       0.1489 
_refine.ls_wR_factor_R_work                      ? 
_refine.ls_R_factor_R_free                       0.1821 
_refine.ls_wR_factor_R_free                      ? 
_refine.ls_percent_reflns_R_free                 4.9000 
_refine.ls_number_reflns_R_free                  961 
_refine.ls_number_reflns_R_work                  ? 
_refine.ls_R_factor_R_free_error                 ? 
_refine.B_iso_mean                               17.5420 
_refine.solvent_model_param_bsol                 ? 
_refine.solvent_model_param_ksol                 ? 
_refine.pdbx_isotropic_thermal_model             ? 
_refine.aniso_B[1][1]                            1.3500 
_refine.aniso_B[2][2]                            -1.7700 
_refine.aniso_B[3][3]                            0.4200 
_refine.aniso_B[1][2]                            0.0000 
_refine.aniso_B[1][3]                            -0.0000 
_refine.aniso_B[2][3]                            0.0000 
_refine.correlation_coeff_Fo_to_Fc               0.9790 
_refine.correlation_coeff_Fo_to_Fc_free          0.9710 
_refine.overall_SU_R_Cruickshank_DPI             ? 
_refine.pdbx_overall_SU_R_free_Cruickshank_DPI   ? 
_refine.pdbx_overall_SU_R_Blow_DPI               ? 
_refine.pdbx_overall_SU_R_free_Blow_DPI          ? 
_refine.overall_SU_R_free                        ? 
_refine.pdbx_overall_ESU_R                       0.0390 
_refine.pdbx_overall_ESU_R_Free                  0.0400 
_refine.overall_SU_ML                            0.0320 
_refine.overall_SU_B                             1.5310 
_refine.solvent_model_details                    MASK 
_refine.pdbx_solvent_vdw_probe_radii             1.2000 
_refine.pdbx_solvent_ion_probe_radii             0.8000 
_refine.pdbx_solvent_shrinkage_radii             0.8000 
_refine.ls_number_parameters                     ? 
_refine.ls_number_restraints                     ? 
_refine.pdbx_starting_model                      'inhouse model' 
_refine.pdbx_method_to_determine_struct          'MOLECULAR REPLACEMENT' 
_refine.pdbx_stereochemistry_target_values       'MAXIMUM LIKELIHOOD' 
_refine.pdbx_stereochem_target_val_spec_case     ? 
_refine.overall_FOM_work_R_set                   ? 
_refine.B_iso_max                                103.660 
_refine.B_iso_min                                6.610 
_refine.pdbx_overall_phase_error                 ? 
_refine.occupancy_max                            ? 
_refine.occupancy_min                            ? 
_refine.pdbx_diffrn_id                           1 
_refine.pdbx_TLS_residual_ADP_flag               ? 
_refine.pdbx_ls_sigma_I                          ? 
_refine.pdbx_data_cutoff_high_rms_absF           ? 
_refine.ls_R_factor_R_free_error_details         ? 
# 
_refine_hist.cycle_id                         final 
_refine_hist.pdbx_refine_id                   'X-RAY DIFFRACTION' 
_refine_hist.d_res_high                       0.9300 
_refine_hist.d_res_low                        27.6000 
_refine_hist.pdbx_number_atoms_ligand         1 
_refine_hist.number_atoms_solvent             63 
_refine_hist.number_atoms_total               557 
_refine_hist.pdbx_number_residues_total       58 
_refine_hist.pdbx_B_iso_mean_ligand           25.15 
_refine_hist.pdbx_B_iso_mean_solvent          32.42 
_refine_hist.pdbx_number_atoms_protein        493 
_refine_hist.pdbx_number_atoms_nucleic_acid   0 
# 
loop_
_refine_ls_restr.pdbx_refine_id 
_refine_ls_restr.type 
_refine_ls_restr.number 
_refine_ls_restr.dev_ideal 
_refine_ls_restr.dev_ideal_target 
_refine_ls_restr.weight 
_refine_ls_restr.pdbx_restraint_function 
'X-RAY DIFFRACTION' r_bond_refined_d       552  0.015  0.013  ? ? 
'X-RAY DIFFRACTION' r_bond_other_d         514  0.002  0.018  ? ? 
'X-RAY DIFFRACTION' r_angle_refined_deg    756  1.842  1.650  ? ? 
'X-RAY DIFFRACTION' r_angle_other_deg      1199 1.440  1.593  ? ? 
'X-RAY DIFFRACTION' r_dihedral_angle_1_deg 69   6.621  5.000  ? ? 
'X-RAY DIFFRACTION' r_dihedral_angle_2_deg 39   33.761 22.051 ? ? 
'X-RAY DIFFRACTION' r_dihedral_angle_3_deg 109  13.159 15.000 ? ? 
'X-RAY DIFFRACTION' r_dihedral_angle_4_deg 6    32.824 15.000 ? ? 
'X-RAY DIFFRACTION' r_chiral_restr         67   0.101  0.200  ? ? 
'X-RAY DIFFRACTION' r_gen_planes_refined   633  0.011  0.020  ? ? 
'X-RAY DIFFRACTION' r_gen_planes_other     129  0.001  0.020  ? ? 
'X-RAY DIFFRACTION' r_rigid_bond_restr     1066 5.892  3.000  ? ? 
# 
_refine_ls_shell.d_res_high                       0.9300 
_refine_ls_shell.d_res_low                        0.9540 
_refine_ls_shell.pdbx_total_number_of_bins_used   20 
_refine_ls_shell.percent_reflns_obs               0.8400 
_refine_ls_shell.number_reflns_R_work             24 
_refine_ls_shell.R_factor_all                     ? 
_refine_ls_shell.R_factor_R_work                  0.4800 
_refine_ls_shell.R_factor_R_free                  0.7810 
_refine_ls_shell.percent_reflns_R_free            ? 
_refine_ls_shell.number_reflns_R_free             1 
_refine_ls_shell.R_factor_R_free_error            0.0000 
_refine_ls_shell.number_reflns_all                25 
_refine_ls_shell.number_reflns_obs                ? 
_refine_ls_shell.pdbx_refine_id                   'X-RAY DIFFRACTION' 
_refine_ls_shell.R_factor_obs                     ? 
# 
_struct.entry_id                  5QU8 
_struct.title                     'Crystal Structure of symmetric swapped human Nck SH3.1 domain, 0.93A, orthorhombic form IV' 
_struct.pdbx_model_details        ? 
_struct.pdbx_CASP_flag            ? 
_struct.pdbx_model_type_details   ? 
# 
_struct_keywords.entry_id        5QU8 
_struct_keywords.text            'SH3 DOMAIN, ADAPTOR, PEPTIDE BINDING, SIGNALING PROTEIN, DOMAIN SWAP' 
_struct_keywords.pdbx_keywords   'SIGNALING PROTEIN' 
# 
loop_
_struct_asym.id 
_struct_asym.pdbx_blank_PDB_chainid_flag 
_struct_asym.pdbx_modified 
_struct_asym.entity_id 
_struct_asym.details 
A N N 1 ? 
B N N 2 ? 
C N N 3 ? 
# 
_struct_ref.id                         1 
_struct_ref.db_name                    UNP 
_struct_ref.db_code                    NCK1_HUMAN 
_struct_ref.pdbx_db_accession          P16333 
_struct_ref.pdbx_db_isoform            ? 
_struct_ref.entity_id                  1 
_struct_ref.pdbx_seq_one_letter_code   MAEEVVVVAKFDYVAQQEQELDIKKNERLWLLDDSKSWWRVRNSMNKTGFVPSNYVERKNS 
_struct_ref.pdbx_align_begin           1 
# 
_struct_ref_seq.align_id                      1 
_struct_ref_seq.ref_id                        1 
_struct_ref_seq.pdbx_PDB_id_code              5QU8 
_struct_ref_seq.pdbx_strand_id                A 
_struct_ref_seq.seq_align_beg                 27 
_struct_ref_seq.pdbx_seq_align_beg_ins_code   ? 
_struct_ref_seq.seq_align_end                 87 
_struct_ref_seq.pdbx_seq_align_end_ins_code   ? 
_struct_ref_seq.pdbx_db_accession             P16333 
_struct_ref_seq.db_align_beg                  1 
_struct_ref_seq.pdbx_db_align_beg_ins_code    ? 
_struct_ref_seq.db_align_end                  61 
_struct_ref_seq.pdbx_db_align_end_ins_code    ? 
_struct_ref_seq.pdbx_auth_seq_align_beg       2 
_struct_ref_seq.pdbx_auth_seq_align_end       62 
# 
loop_
_struct_ref_seq_dif.align_id 
_struct_ref_seq_dif.pdbx_pdb_id_code 
_struct_ref_seq_dif.mon_id 
_struct_ref_seq_dif.pdbx_pdb_strand_id 
_struct_ref_seq_dif.seq_num 
_struct_ref_seq_dif.pdbx_pdb_ins_code 
_struct_ref_seq_dif.pdbx_seq_db_name 
_struct_ref_seq_dif.pdbx_seq_db_accession_code 
_struct_ref_seq_dif.db_mon_id 
_struct_ref_seq_dif.pdbx_seq_db_seq_num 
_struct_ref_seq_dif.details 
_struct_ref_seq_dif.pdbx_auth_seq_num 
_struct_ref_seq_dif.pdbx_ordinal 
1 5QU8 SER A 1  ? UNP P16333 ? ? 'expression tag' -24 1  
1 5QU8 GLY A 2  ? UNP P16333 ? ? 'expression tag' -23 2  
1 5QU8 GLY A 3  ? UNP P16333 ? ? 'expression tag' -22 3  
1 5QU8 LEU A 4  ? UNP P16333 ? ? 'expression tag' -21 4  
1 5QU8 ASN A 5  ? UNP P16333 ? ? 'expression tag' -20 5  
1 5QU8 ASP A 6  ? UNP P16333 ? ? 'expression tag' -19 6  
1 5QU8 ILE A 7  ? UNP P16333 ? ? 'expression tag' -18 7  
1 5QU8 PHE A 8  ? UNP P16333 ? ? 'expression tag' -17 8  
1 5QU8 GLU A 9  ? UNP P16333 ? ? 'expression tag' -16 9  
1 5QU8 ALA A 10 ? UNP P16333 ? ? 'expression tag' -15 10 
1 5QU8 GLN A 11 ? UNP P16333 ? ? 'expression tag' -14 11 
1 5QU8 LYS A 12 ? UNP P16333 ? ? 'expression tag' -13 12 
1 5QU8 ILE A 13 ? UNP P16333 ? ? 'expression tag' -12 13 
1 5QU8 GLU A 14 ? UNP P16333 ? ? 'expression tag' -11 14 
1 5QU8 TRP A 15 ? UNP P16333 ? ? 'expression tag' -10 15 
1 5QU8 HIS A 16 ? UNP P16333 ? ? 'expression tag' -9  16 
1 5QU8 GLU A 17 ? UNP P16333 ? ? 'expression tag' -8  17 
1 5QU8 GLY A 18 ? UNP P16333 ? ? 'expression tag' -7  18 
1 5QU8 SER A 19 ? UNP P16333 ? ? 'expression tag' -6  19 
1 5QU8 GLU A 20 ? UNP P16333 ? ? 'expression tag' -5  20 
1 5QU8 ASN A 21 ? UNP P16333 ? ? 'expression tag' -4  21 
1 5QU8 LEU A 22 ? UNP P16333 ? ? 'expression tag' -3  22 
1 5QU8 TYR A 23 ? UNP P16333 ? ? 'expression tag' -2  23 
1 5QU8 PHE A 24 ? UNP P16333 ? ? 'expression tag' -1  24 
1 5QU8 GLN A 25 ? UNP P16333 ? ? 'expression tag' 0   25 
1 5QU8 SER A 26 ? UNP P16333 ? ? 'expression tag' 1   26 
# 
_pdbx_struct_assembly.id                   1 
_pdbx_struct_assembly.details              author_and_software_defined_assembly 
_pdbx_struct_assembly.method_details       PISA 
_pdbx_struct_assembly.oligomeric_details   dimeric 
_pdbx_struct_assembly.oligomeric_count     2 
# 
loop_
_pdbx_struct_assembly_prop.biol_id 
_pdbx_struct_assembly_prop.type 
_pdbx_struct_assembly_prop.value 
_pdbx_struct_assembly_prop.details 
1 'ABSA (A^2)' 4780 ? 
1 MORE         -45  ? 
1 'SSA (A^2)'  7420 ? 
# 
_pdbx_struct_assembly_gen.assembly_id       1 
_pdbx_struct_assembly_gen.oper_expression   1,2 
_pdbx_struct_assembly_gen.asym_id_list      A,B,C 
# 
_pdbx_struct_assembly_auth_evidence.id                     1 
_pdbx_struct_assembly_auth_evidence.assembly_id            1 
_pdbx_struct_assembly_auth_evidence.experimental_support   'gel filtration' 
_pdbx_struct_assembly_auth_evidence.details                'elutes as a monomer' 
# 
loop_
_pdbx_struct_oper_list.id 
_pdbx_struct_oper_list.type 
_pdbx_struct_oper_list.name 
_pdbx_struct_oper_list.symmetry_operation 
_pdbx_struct_oper_list.matrix[1][1] 
_pdbx_struct_oper_list.matrix[1][2] 
_pdbx_struct_oper_list.matrix[1][3] 
_pdbx_struct_oper_list.vector[1] 
_pdbx_struct_oper_list.matrix[2][1] 
_pdbx_struct_oper_list.matrix[2][2] 
_pdbx_struct_oper_list.matrix[2][3] 
_pdbx_struct_oper_list.vector[2] 
_pdbx_struct_oper_list.matrix[3][1] 
_pdbx_struct_oper_list.matrix[3][2] 
_pdbx_struct_oper_list.matrix[3][3] 
_pdbx_struct_oper_list.vector[3] 
1 'identity operation'         1_555 x,y,z   1.0000000000  0.0000000000  0.0000000000 0.0000000000  0.0000000000  1.0000000000 0.0000000000  0.0000000000  0.0000000000 0.0000000000  1.0000000000  0.0000000000  
2 'crystal symmetry operation' 2_555 -x,-y,z -0.4916379979 -0.7342853160 0.4680995127 -2.6458891114 -0.7342853160 0.0606121682 -0.6761296028 -2.6844030635 0.4680995127 -0.6761296028 -0.5689741703 -1.3374255873 
# 
loop_
_struct_conf.conf_type_id 
_struct_conf.id 
_struct_conf.pdbx_PDB_helix_id 
_struct_conf.beg_label_comp_id 
_struct_conf.beg_label_asym_id 
_struct_conf.beg_label_seq_id 
_struct_conf.pdbx_beg_PDB_ins_code 
_struct_conf.end_label_comp_id 
_struct_conf.end_label_asym_id 
_struct_conf.end_label_seq_id 
_struct_conf.pdbx_end_PDB_ins_code 
_struct_conf.beg_auth_comp_id 
_struct_conf.beg_auth_asym_id 
_struct_conf.beg_auth_seq_id 
_struct_conf.end_auth_comp_id 
_struct_conf.end_auth_asym_id 
_struct_conf.end_auth_seq_id 
_struct_conf.pdbx_PDB_helix_class 
_struct_conf.details 
_struct_conf.pdbx_PDB_helix_length 
HELX_P HELX_P1 AA1 LEU A 58 ? LYS A 62 ? LEU A 33 LYS A 37 5 ? 5 
HELX_P HELX_P2 AA2 ASN A 80 ? VAL A 82 ? ASN A 55 VAL A 57 5 ? 3 
# 
_struct_conf_type.id          HELX_P 
_struct_conf_type.criteria    ? 
_struct_conf_type.reference   ? 
# 
loop_
_struct_conn.id 
_struct_conn.conn_type_id 
_struct_conn.pdbx_leaving_atom_flag 
_struct_conn.pdbx_PDB_id 
_struct_conn.ptnr1_label_asym_id 
_struct_conn.ptnr1_label_comp_id 
_struct_conn.ptnr1_label_seq_id 
_struct_conn.ptnr1_label_atom_id 
_struct_conn.pdbx_ptnr1_label_alt_id 
_struct_conn.pdbx_ptnr1_PDB_ins_code 
_struct_conn.pdbx_ptnr1_standard_comp_id 
_struct_conn.ptnr1_symmetry 
_struct_conn.ptnr2_label_asym_id 
_struct_conn.ptnr2_label_comp_id 
_struct_conn.ptnr2_label_seq_id 
_struct_conn.ptnr2_label_atom_id 
_struct_conn.pdbx_ptnr2_label_alt_id 
_struct_conn.pdbx_ptnr2_PDB_ins_code 
_struct_conn.ptnr1_auth_asym_id 
_struct_conn.ptnr1_auth_comp_id 
_struct_conn.ptnr1_auth_seq_id 
_struct_conn.ptnr2_auth_asym_id 
_struct_conn.ptnr2_auth_comp_id 
_struct_conn.ptnr2_auth_seq_id 
_struct_conn.ptnr2_symmetry 
_struct_conn.pdbx_ptnr3_label_atom_id 
_struct_conn.pdbx_ptnr3_label_seq_id 
_struct_conn.pdbx_ptnr3_label_comp_id 
_struct_conn.pdbx_ptnr3_label_asym_id 
_struct_conn.pdbx_ptnr3_label_alt_id 
_struct_conn.pdbx_ptnr3_PDB_ins_code 
_struct_conn.details 
_struct_conn.pdbx_dist_value 
_struct_conn.pdbx_value_order 
_struct_conn.pdbx_role 
metalc1 metalc ? ? A SER 79 O  ? ? ? 1_555 B NA  . NA ? ? A SER 54  A NA  101 1_555 ? ? ? ? ? ? ? 2.381 ? ? 
metalc2 metalc ? ? A VAL 82 O  ? ? ? 1_555 B NA  . NA ? ? A VAL 57  A NA  101 1_555 ? ? ? ? ? ? ? 2.298 ? ? 
metalc3 metalc ? ? B NA  .  NA ? ? ? 1_555 C HOH . O  ? ? A NA  101 A HOH 255 1_555 ? ? ? ? ? ? ? 2.369 ? ? 
metalc4 metalc ? ? B NA  .  NA ? ? ? 1_555 C HOH . O  ? ? A NA  101 A HOH 257 1_555 ? ? ? ? ? ? ? 2.385 ? ? 
# 
_struct_conn_type.id          metalc 
_struct_conn_type.criteria    ? 
_struct_conn_type.reference   ? 
# 
loop_
_pdbx_struct_conn_angle.id 
_pdbx_struct_conn_angle.ptnr1_label_atom_id 
_pdbx_struct_conn_angle.ptnr1_label_alt_id 
_pdbx_struct_conn_angle.ptnr1_label_asym_id 
_pdbx_struct_conn_angle.ptnr1_label_comp_id 
_pdbx_struct_conn_angle.ptnr1_label_seq_id 
_pdbx_struct_conn_angle.ptnr1_auth_atom_id 
_pdbx_struct_conn_angle.ptnr1_auth_asym_id 
_pdbx_struct_conn_angle.ptnr1_auth_comp_id 
_pdbx_struct_conn_angle.ptnr1_auth_seq_id 
_pdbx_struct_conn_angle.ptnr1_PDB_ins_code 
_pdbx_struct_conn_angle.ptnr1_symmetry 
_pdbx_struct_conn_angle.ptnr2_label_atom_id 
_pdbx_struct_conn_angle.ptnr2_label_alt_id 
_pdbx_struct_conn_angle.ptnr2_label_asym_id 
_pdbx_struct_conn_angle.ptnr2_label_comp_id 
_pdbx_struct_conn_angle.ptnr2_label_seq_id 
_pdbx_struct_conn_angle.ptnr2_auth_atom_id 
_pdbx_struct_conn_angle.ptnr2_auth_asym_id 
_pdbx_struct_conn_angle.ptnr2_auth_comp_id 
_pdbx_struct_conn_angle.ptnr2_auth_seq_id 
_pdbx_struct_conn_angle.ptnr2_PDB_ins_code 
_pdbx_struct_conn_angle.ptnr2_symmetry 
_pdbx_struct_conn_angle.ptnr3_label_atom_id 
_pdbx_struct_conn_angle.ptnr3_label_alt_id 
_pdbx_struct_conn_angle.ptnr3_label_asym_id 
_pdbx_struct_conn_angle.ptnr3_label_comp_id 
_pdbx_struct_conn_angle.ptnr3_label_seq_id 
_pdbx_struct_conn_angle.ptnr3_auth_atom_id 
_pdbx_struct_conn_angle.ptnr3_auth_asym_id 
_pdbx_struct_conn_angle.ptnr3_auth_comp_id 
_pdbx_struct_conn_angle.ptnr3_auth_seq_id 
_pdbx_struct_conn_angle.ptnr3_PDB_ins_code 
_pdbx_struct_conn_angle.ptnr3_symmetry 
_pdbx_struct_conn_angle.value 
_pdbx_struct_conn_angle.value_esd 
1 O ? A SER 79 ? A SER 54  ? 1_555 NA ? B NA . ? A NA 101 ? 1_555 O ? A VAL 82 ? A VAL 57  ? 1_555 83.2  ? 
2 O ? A SER 79 ? A SER 54  ? 1_555 NA ? B NA . ? A NA 101 ? 1_555 O ? C HOH .  ? A HOH 255 ? 1_555 101.0 ? 
3 O ? A VAL 82 ? A VAL 57  ? 1_555 NA ? B NA . ? A NA 101 ? 1_555 O ? C HOH .  ? A HOH 255 ? 1_555 90.9  ? 
4 O ? A SER 79 ? A SER 54  ? 1_555 NA ? B NA . ? A NA 101 ? 1_555 O ? C HOH .  ? A HOH 257 ? 1_555 171.2 ? 
5 O ? A VAL 82 ? A VAL 57  ? 1_555 NA ? B NA . ? A NA 101 ? 1_555 O ? C HOH .  ? A HOH 257 ? 1_555 97.0  ? 
6 O ? C HOH .  ? A HOH 255 ? 1_555 NA ? B NA . ? A NA 101 ? 1_555 O ? C HOH .  ? A HOH 257 ? 1_555 87.9  ? 
# 
loop_
_struct_sheet.id 
_struct_sheet.type 
_struct_sheet.number_strands 
_struct_sheet.details 
AA1 ? 2 ? 
AA2 ? 2 ? 
# 
loop_
_struct_sheet_order.sheet_id 
_struct_sheet_order.range_id_1 
_struct_sheet_order.range_id_2 
_struct_sheet_order.offset 
_struct_sheet_order.sense 
AA1 1 2 ? anti-parallel 
AA2 1 2 ? anti-parallel 
# 
loop_
_struct_sheet_range.sheet_id 
_struct_sheet_range.id 
_struct_sheet_range.beg_label_comp_id 
_struct_sheet_range.beg_label_asym_id 
_struct_sheet_range.beg_label_seq_id 
_struct_sheet_range.pdbx_beg_PDB_ins_code 
_struct_sheet_range.end_label_comp_id 
_struct_sheet_range.end_label_asym_id 
_struct_sheet_range.end_label_seq_id 
_struct_sheet_range.pdbx_end_PDB_ins_code 
_struct_sheet_range.beg_auth_comp_id 
_struct_sheet_range.beg_auth_asym_id 
_struct_sheet_range.beg_auth_seq_id 
_struct_sheet_range.end_auth_comp_id 
_struct_sheet_range.end_auth_asym_id 
_struct_sheet_range.end_auth_seq_id 
AA1 1 VAL A 31 ? VAL A 34 ? VAL A 6  VAL A 9  
AA1 2 ARG A 54 ? LEU A 57 ? ARG A 29 LEU A 32 
AA2 1 TRP A 64 ? ARG A 68 ? TRP A 39 ARG A 43 
AA2 2 THR A 74 ? PRO A 78 ? THR A 49 PRO A 53 
# 
loop_
_pdbx_struct_sheet_hbond.sheet_id 
_pdbx_struct_sheet_hbond.range_id_1 
_pdbx_struct_sheet_hbond.range_id_2 
_pdbx_struct_sheet_hbond.range_1_label_atom_id 
_pdbx_struct_sheet_hbond.range_1_label_comp_id 
_pdbx_struct_sheet_hbond.range_1_label_asym_id 
_pdbx_struct_sheet_hbond.range_1_label_seq_id 
_pdbx_struct_sheet_hbond.range_1_PDB_ins_code 
_pdbx_struct_sheet_hbond.range_1_auth_atom_id 
_pdbx_struct_sheet_hbond.range_1_auth_comp_id 
_pdbx_struct_sheet_hbond.range_1_auth_asym_id 
_pdbx_struct_sheet_hbond.range_1_auth_seq_id 
_pdbx_struct_sheet_hbond.range_2_label_atom_id 
_pdbx_struct_sheet_hbond.range_2_label_comp_id 
_pdbx_struct_sheet_hbond.range_2_label_asym_id 
_pdbx_struct_sheet_hbond.range_2_label_seq_id 
_pdbx_struct_sheet_hbond.range_2_PDB_ins_code 
_pdbx_struct_sheet_hbond.range_2_auth_atom_id 
_pdbx_struct_sheet_hbond.range_2_auth_comp_id 
_pdbx_struct_sheet_hbond.range_2_auth_asym_id 
_pdbx_struct_sheet_hbond.range_2_auth_seq_id 
AA1 1 2 N VAL A 31 ? N VAL A 6  O LEU A 57 ? O LEU A 32 
AA2 1 2 N VAL A 67 ? N VAL A 42 O GLY A 75 ? O GLY A 50 
# 
_struct_site.id                   AC1 
_struct_site.pdbx_evidence_code   Software 
_struct_site.pdbx_auth_asym_id    A 
_struct_site.pdbx_auth_comp_id    NA 
_struct_site.pdbx_auth_seq_id     101 
_struct_site.pdbx_auth_ins_code   ? 
_struct_site.pdbx_num_residues    5 
_struct_site.details              'binding site for residue NA A 101' 
# 
loop_
_struct_site_gen.id 
_struct_site_gen.site_id 
_struct_site_gen.pdbx_num_res 
_struct_site_gen.label_comp_id 
_struct_site_gen.label_asym_id 
_struct_site_gen.label_seq_id 
_struct_site_gen.pdbx_auth_ins_code 
_struct_site_gen.auth_comp_id 
_struct_site_gen.auth_asym_id 
_struct_site_gen.auth_seq_id 
_struct_site_gen.label_atom_id 
_struct_site_gen.label_alt_id 
_struct_site_gen.symmetry 
_struct_site_gen.details 
1 AC1 5 TRP A 65 ? TRP A 40  . ? 1_555 ? 
2 AC1 5 SER A 79 ? SER A 54  . ? 1_555 ? 
3 AC1 5 VAL A 82 ? VAL A 57  . ? 1_555 ? 
4 AC1 5 HOH C .  ? HOH A 255 . ? 1_555 ? 
5 AC1 5 HOH C .  ? HOH A 257 . ? 1_555 ? 
# 
_pdbx_validate_rmsd_bond.id                        1 
_pdbx_validate_rmsd_bond.PDB_model_num             1 
_pdbx_validate_rmsd_bond.auth_atom_id_1            CD 
_pdbx_validate_rmsd_bond.auth_asym_id_1            A 
_pdbx_validate_rmsd_bond.auth_comp_id_1            GLU 
_pdbx_validate_rmsd_bond.auth_seq_id_1             58 
_pdbx_validate_rmsd_bond.PDB_ins_code_1            ? 
_pdbx_validate_rmsd_bond.label_alt_id_1            ? 
_pdbx_validate_rmsd_bond.auth_atom_id_2            OE1 
_pdbx_validate_rmsd_bond.auth_asym_id_2            A 
_pdbx_validate_rmsd_bond.auth_comp_id_2            GLU 
_pdbx_validate_rmsd_bond.auth_seq_id_2             58 
_pdbx_validate_rmsd_bond.PDB_ins_code_2            ? 
_pdbx_validate_rmsd_bond.label_alt_id_2            ? 
_pdbx_validate_rmsd_bond.bond_value                1.326 
_pdbx_validate_rmsd_bond.bond_target_value         1.252 
_pdbx_validate_rmsd_bond.bond_deviation            0.074 
_pdbx_validate_rmsd_bond.bond_standard_deviation   0.011 
_pdbx_validate_rmsd_bond.linker_flag               N 
# 
loop_
_pdbx_validate_torsion.id 
_pdbx_validate_torsion.PDB_model_num 
_pdbx_validate_torsion.auth_comp_id 
_pdbx_validate_torsion.auth_asym_id 
_pdbx_validate_torsion.auth_seq_id 
_pdbx_validate_torsion.PDB_ins_code 
_pdbx_validate_torsion.label_alt_id 
_pdbx_validate_torsion.phi 
_pdbx_validate_torsion.psi 
1 1 ASN A 27 ? ? 78.32   -4.26 
2 1 ASN A 61 ? ? -100.67 66.73 
# 
loop_
_pdbx_unobs_or_zero_occ_residues.id 
_pdbx_unobs_or_zero_occ_residues.PDB_model_num 
_pdbx_unobs_or_zero_occ_residues.polymer_flag 
_pdbx_unobs_or_zero_occ_residues.occupancy_flag 
_pdbx_unobs_or_zero_occ_residues.auth_asym_id 
_pdbx_unobs_or_zero_occ_residues.auth_comp_id 
_pdbx_unobs_or_zero_occ_residues.auth_seq_id 
_pdbx_unobs_or_zero_occ_residues.PDB_ins_code 
_pdbx_unobs_or_zero_occ_residues.label_asym_id 
_pdbx_unobs_or_zero_occ_residues.label_comp_id 
_pdbx_unobs_or_zero_occ_residues.label_seq_id 
1  1 Y 1 A SER -24 ? A SER 1  
2  1 Y 1 A GLY -23 ? A GLY 2  
3  1 Y 1 A GLY -22 ? A GLY 3  
4  1 Y 1 A LEU -21 ? A LEU 4  
5  1 Y 1 A ASN -20 ? A ASN 5  
6  1 Y 1 A ASP -19 ? A ASP 6  
7  1 Y 1 A ILE -18 ? A ILE 7  
8  1 Y 1 A PHE -17 ? A PHE 8  
9  1 Y 1 A GLU -16 ? A GLU 9  
10 1 Y 1 A ALA -15 ? A ALA 10 
11 1 Y 1 A GLN -14 ? A GLN 11 
12 1 Y 1 A LYS -13 ? A LYS 12 
13 1 Y 1 A ILE -12 ? A ILE 13 
14 1 Y 1 A GLU -11 ? A GLU 14 
15 1 Y 1 A TRP -10 ? A TRP 15 
16 1 Y 1 A HIS -9  ? A HIS 16 
17 1 Y 1 A GLU -8  ? A GLU 17 
18 1 Y 1 A GLY -7  ? A GLY 18 
19 1 Y 1 A SER -6  ? A SER 19 
20 1 Y 1 A GLU -5  ? A GLU 20 
21 1 Y 1 A ASN -4  ? A ASN 21 
22 1 Y 1 A LEU -3  ? A LEU 22 
23 1 Y 1 A TYR -2  ? A TYR 23 
24 1 Y 1 A PHE -1  ? A PHE 24 
25 1 Y 1 A GLN 0   ? A GLN 25 
26 1 Y 1 A SER 1   ? A SER 26 
27 1 Y 1 A MET 2   ? A MET 27 
28 1 Y 1 A ALA 3   ? A ALA 28 
29 1 Y 1 A GLU 4   ? A GLU 29 
# 
loop_
_chem_comp_atom.comp_id 
_chem_comp_atom.atom_id 
_chem_comp_atom.type_symbol 
_chem_comp_atom.pdbx_aromatic_flag 
_chem_comp_atom.pdbx_stereo_config 
_chem_comp_atom.pdbx_ordinal 
ALA N    N  N N 1   
ALA CA   C  N S 2   
ALA C    C  N N 3   
ALA O    O  N N 4   
ALA CB   C  N N 5   
ALA OXT  O  N N 6   
ALA H    H  N N 7   
ALA H2   H  N N 8   
ALA HA   H  N N 9   
ALA HB1  H  N N 10  
ALA HB2  H  N N 11  
ALA HB3  H  N N 12  
ALA HXT  H  N N 13  
ARG N    N  N N 14  
ARG CA   C  N S 15  
ARG C    C  N N 16  
ARG O    O  N N 17  
ARG CB   C  N N 18  
ARG CG   C  N N 19  
ARG CD   C  N N 20  
ARG NE   N  N N 21  
ARG CZ   C  N N 22  
ARG NH1  N  N N 23  
ARG NH2  N  N N 24  
ARG OXT  O  N N 25  
ARG H    H  N N 26  
ARG H2   H  N N 27  
ARG HA   H  N N 28  
ARG HB2  H  N N 29  
ARG HB3  H  N N 30  
ARG HG2  H  N N 31  
ARG HG3  H  N N 32  
ARG HD2  H  N N 33  
ARG HD3  H  N N 34  
ARG HE   H  N N 35  
ARG HH11 H  N N 36  
ARG HH12 H  N N 37  
ARG HH21 H  N N 38  
ARG HH22 H  N N 39  
ARG HXT  H  N N 40  
ASN N    N  N N 41  
ASN CA   C  N S 42  
ASN C    C  N N 43  
ASN O    O  N N 44  
ASN CB   C  N N 45  
ASN CG   C  N N 46  
ASN OD1  O  N N 47  
ASN ND2  N  N N 48  
ASN OXT  O  N N 49  
ASN H    H  N N 50  
ASN H2   H  N N 51  
ASN HA   H  N N 52  
ASN HB2  H  N N 53  
ASN HB3  H  N N 54  
ASN HD21 H  N N 55  
ASN HD22 H  N N 56  
ASN HXT  H  N N 57  
ASP N    N  N N 58  
ASP CA   C  N S 59  
ASP C    C  N N 60  
ASP O    O  N N 61  
ASP CB   C  N N 62  
ASP CG   C  N N 63  
ASP OD1  O  N N 64  
ASP OD2  O  N N 65  
ASP OXT  O  N N 66  
ASP H    H  N N 67  
ASP H2   H  N N 68  
ASP HA   H  N N 69  
ASP HB2  H  N N 70  
ASP HB3  H  N N 71  
ASP HD2  H  N N 72  
ASP HXT  H  N N 73  
GLN N    N  N N 74  
GLN CA   C  N S 75  
GLN C    C  N N 76  
GLN O    O  N N 77  
GLN CB   C  N N 78  
GLN CG   C  N N 79  
GLN CD   C  N N 80  
GLN OE1  O  N N 81  
GLN NE2  N  N N 82  
GLN OXT  O  N N 83  
GLN H    H  N N 84  
GLN H2   H  N N 85  
GLN HA   H  N N 86  
GLN HB2  H  N N 87  
GLN HB3  H  N N 88  
GLN HG2  H  N N 89  
GLN HG3  H  N N 90  
GLN HE21 H  N N 91  
GLN HE22 H  N N 92  
GLN HXT  H  N N 93  
GLU N    N  N N 94  
GLU CA   C  N S 95  
GLU C    C  N N 96  
GLU O    O  N N 97  
GLU CB   C  N N 98  
GLU CG   C  N N 99  
GLU CD   C  N N 100 
GLU OE1  O  N N 101 
GLU OE2  O  N N 102 
GLU OXT  O  N N 103 
GLU H    H  N N 104 
GLU H2   H  N N 105 
GLU HA   H  N N 106 
GLU HB2  H  N N 107 
GLU HB3  H  N N 108 
GLU HG2  H  N N 109 
GLU HG3  H  N N 110 
GLU HE2  H  N N 111 
GLU HXT  H  N N 112 
GLY N    N  N N 113 
GLY CA   C  N N 114 
GLY C    C  N N 115 
GLY O    O  N N 116 
GLY OXT  O  N N 117 
GLY H    H  N N 118 
GLY H2   H  N N 119 
GLY HA2  H  N N 120 
GLY HA3  H  N N 121 
GLY HXT  H  N N 122 
HIS N    N  N N 123 
HIS CA   C  N S 124 
HIS C    C  N N 125 
HIS O    O  N N 126 
HIS CB   C  N N 127 
HIS CG   C  Y N 128 
HIS ND1  N  Y N 129 
HIS CD2  C  Y N 130 
HIS CE1  C  Y N 131 
HIS NE2  N  Y N 132 
HIS OXT  O  N N 133 
HIS H    H  N N 134 
HIS H2   H  N N 135 
HIS HA   H  N N 136 
HIS HB2  H  N N 137 
HIS HB3  H  N N 138 
HIS HD1  H  N N 139 
HIS HD2  H  N N 140 
HIS HE1  H  N N 141 
HIS HE2  H  N N 142 
HIS HXT  H  N N 143 
HOH O    O  N N 144 
HOH H1   H  N N 145 
HOH H2   H  N N 146 
ILE N    N  N N 147 
ILE CA   C  N S 148 
ILE C    C  N N 149 
ILE O    O  N N 150 
ILE CB   C  N S 151 
ILE CG1  C  N N 152 
ILE CG2  C  N N 153 
ILE CD1  C  N N 154 
ILE OXT  O  N N 155 
ILE H    H  N N 156 
ILE H2   H  N N 157 
ILE HA   H  N N 158 
ILE HB   H  N N 159 
ILE HG12 H  N N 160 
ILE HG13 H  N N 161 
ILE HG21 H  N N 162 
ILE HG22 H  N N 163 
ILE HG23 H  N N 164 
ILE HD11 H  N N 165 
ILE HD12 H  N N 166 
ILE HD13 H  N N 167 
ILE HXT  H  N N 168 
LEU N    N  N N 169 
LEU CA   C  N S 170 
LEU C    C  N N 171 
LEU O    O  N N 172 
LEU CB   C  N N 173 
LEU CG   C  N N 174 
LEU CD1  C  N N 175 
LEU CD2  C  N N 176 
LEU OXT  O  N N 177 
LEU H    H  N N 178 
LEU H2   H  N N 179 
LEU HA   H  N N 180 
LEU HB2  H  N N 181 
LEU HB3  H  N N 182 
LEU HG   H  N N 183 
LEU HD11 H  N N 184 
LEU HD12 H  N N 185 
LEU HD13 H  N N 186 
LEU HD21 H  N N 187 
LEU HD22 H  N N 188 
LEU HD23 H  N N 189 
LEU HXT  H  N N 190 
LYS N    N  N N 191 
LYS CA   C  N S 192 
LYS C    C  N N 193 
LYS O    O  N N 194 
LYS CB   C  N N 195 
LYS CG   C  N N 196 
LYS CD   C  N N 197 
LYS CE   C  N N 198 
LYS NZ   N  N N 199 
LYS OXT  O  N N 200 
LYS H    H  N N 201 
LYS H2   H  N N 202 
LYS HA   H  N N 203 
LYS HB2  H  N N 204 
LYS HB3  H  N N 205 
LYS HG2  H  N N 206 
LYS HG3  H  N N 207 
LYS HD2  H  N N 208 
LYS HD3  H  N N 209 
LYS HE2  H  N N 210 
LYS HE3  H  N N 211 
LYS HZ1  H  N N 212 
LYS HZ2  H  N N 213 
LYS HZ3  H  N N 214 
LYS HXT  H  N N 215 
MET N    N  N N 216 
MET CA   C  N S 217 
MET C    C  N N 218 
MET O    O  N N 219 
MET CB   C  N N 220 
MET CG   C  N N 221 
MET SD   S  N N 222 
MET CE   C  N N 223 
MET OXT  O  N N 224 
MET H    H  N N 225 
MET H2   H  N N 226 
MET HA   H  N N 227 
MET HB2  H  N N 228 
MET HB3  H  N N 229 
MET HG2  H  N N 230 
MET HG3  H  N N 231 
MET HE1  H  N N 232 
MET HE2  H  N N 233 
MET HE3  H  N N 234 
MET HXT  H  N N 235 
NA  NA   NA N N 236 
PHE N    N  N N 237 
PHE CA   C  N S 238 
PHE C    C  N N 239 
PHE O    O  N N 240 
PHE CB   C  N N 241 
PHE CG   C  Y N 242 
PHE CD1  C  Y N 243 
PHE CD2  C  Y N 244 
PHE CE1  C  Y N 245 
PHE CE2  C  Y N 246 
PHE CZ   C  Y N 247 
PHE OXT  O  N N 248 
PHE H    H  N N 249 
PHE H2   H  N N 250 
PHE HA   H  N N 251 
PHE HB2  H  N N 252 
PHE HB3  H  N N 253 
PHE HD1  H  N N 254 
PHE HD2  H  N N 255 
PHE HE1  H  N N 256 
PHE HE2  H  N N 257 
PHE HZ   H  N N 258 
PHE HXT  H  N N 259 
PRO N    N  N N 260 
PRO CA   C  N S 261 
PRO C    C  N N 262 
PRO O    O  N N 263 
PRO CB   C  N N 264 
PRO CG   C  N N 265 
PRO CD   C  N N 266 
PRO OXT  O  N N 267 
PRO H    H  N N 268 
PRO HA   H  N N 269 
PRO HB2  H  N N 270 
PRO HB3  H  N N 271 
PRO HG2  H  N N 272 
PRO HG3  H  N N 273 
PRO HD2  H  N N 274 
PRO HD3  H  N N 275 
PRO HXT  H  N N 276 
SER N    N  N N 277 
SER CA   C  N S 278 
SER C    C  N N 279 
SER O    O  N N 280 
SER CB   C  N N 281 
SER OG   O  N N 282 
SER OXT  O  N N 283 
SER H    H  N N 284 
SER H2   H  N N 285 
SER HA   H  N N 286 
SER HB2  H  N N 287 
SER HB3  H  N N 288 
SER HG   H  N N 289 
SER HXT  H  N N 290 
THR N    N  N N 291 
THR CA   C  N S 292 
THR C    C  N N 293 
THR O    O  N N 294 
THR CB   C  N R 295 
THR OG1  O  N N 296 
THR CG2  C  N N 297 
THR OXT  O  N N 298 
THR H    H  N N 299 
THR H2   H  N N 300 
THR HA   H  N N 301 
THR HB   H  N N 302 
THR HG1  H  N N 303 
THR HG21 H  N N 304 
THR HG22 H  N N 305 
THR HG23 H  N N 306 
THR HXT  H  N N 307 
TRP N    N  N N 308 
TRP CA   C  N S 309 
TRP C    C  N N 310 
TRP O    O  N N 311 
TRP CB   C  N N 312 
TRP CG   C  Y N 313 
TRP CD1  C  Y N 314 
TRP CD2  C  Y N 315 
TRP NE1  N  Y N 316 
TRP CE2  C  Y N 317 
TRP CE3  C  Y N 318 
TRP CZ2  C  Y N 319 
TRP CZ3  C  Y N 320 
TRP CH2  C  Y N 321 
TRP OXT  O  N N 322 
TRP H    H  N N 323 
TRP H2   H  N N 324 
TRP HA   H  N N 325 
TRP HB2  H  N N 326 
TRP HB3  H  N N 327 
TRP HD1  H  N N 328 
TRP HE1  H  N N 329 
TRP HE3  H  N N 330 
TRP HZ2  H  N N 331 
TRP HZ3  H  N N 332 
TRP HH2  H  N N 333 
TRP HXT  H  N N 334 
TYR N    N  N N 335 
TYR CA   C  N S 336 
TYR C    C  N N 337 
TYR O    O  N N 338 
TYR CB   C  N N 339 
TYR CG   C  Y N 340 
TYR CD1  C  Y N 341 
TYR CD2  C  Y N 342 
TYR CE1  C  Y N 343 
TYR CE2  C  Y N 344 
TYR CZ   C  Y N 345 
TYR OH   O  N N 346 
TYR OXT  O  N N 347 
TYR H    H  N N 348 
TYR H2   H  N N 349 
TYR HA   H  N N 350 
TYR HB2  H  N N 351 
TYR HB3  H  N N 352 
TYR HD1  H  N N 353 
TYR HD2  H  N N 354 
TYR HE1  H  N N 355 
TYR HE2  H  N N 356 
TYR HH   H  N N 357 
TYR HXT  H  N N 358 
VAL N    N  N N 359 
VAL CA   C  N S 360 
VAL C    C  N N 361 
VAL O    O  N N 362 
VAL CB   C  N N 363 
VAL CG1  C  N N 364 
VAL CG2  C  N N 365 
VAL OXT  O  N N 366 
VAL H    H  N N 367 
VAL H2   H  N N 368 
VAL HA   H  N N 369 
VAL HB   H  N N 370 
VAL HG11 H  N N 371 
VAL HG12 H  N N 372 
VAL HG13 H  N N 373 
VAL HG21 H  N N 374 
VAL HG22 H  N N 375 
VAL HG23 H  N N 376 
VAL HXT  H  N N 377 
# 
loop_
_chem_comp_bond.comp_id 
_chem_comp_bond.atom_id_1 
_chem_comp_bond.atom_id_2 
_chem_comp_bond.value_order 
_chem_comp_bond.pdbx_aromatic_flag 
_chem_comp_bond.pdbx_stereo_config 
_chem_comp_bond.pdbx_ordinal 
ALA N   CA   sing N N 1   
ALA N   H    sing N N 2   
ALA N   H2   sing N N 3   
ALA CA  C    sing N N 4   
ALA CA  CB   sing N N 5   
ALA CA  HA   sing N N 6   
ALA C   O    doub N N 7   
ALA C   OXT  sing N N 8   
ALA CB  HB1  sing N N 9   
ALA CB  HB2  sing N N 10  
ALA CB  HB3  sing N N 11  
ALA OXT HXT  sing N N 12  
ARG N   CA   sing N N 13  
ARG N   H    sing N N 14  
ARG N   H2   sing N N 15  
ARG CA  C    sing N N 16  
ARG CA  CB   sing N N 17  
ARG CA  HA   sing N N 18  
ARG C   O    doub N N 19  
ARG C   OXT  sing N N 20  
ARG CB  CG   sing N N 21  
ARG CB  HB2  sing N N 22  
ARG CB  HB3  sing N N 23  
ARG CG  CD   sing N N 24  
ARG CG  HG2  sing N N 25  
ARG CG  HG3  sing N N 26  
ARG CD  NE   sing N N 27  
ARG CD  HD2  sing N N 28  
ARG CD  HD3  sing N N 29  
ARG NE  CZ   sing N N 30  
ARG NE  HE   sing N N 31  
ARG CZ  NH1  sing N N 32  
ARG CZ  NH2  doub N N 33  
ARG NH1 HH11 sing N N 34  
ARG NH1 HH12 sing N N 35  
ARG NH2 HH21 sing N N 36  
ARG NH2 HH22 sing N N 37  
ARG OXT HXT  sing N N 38  
ASN N   CA   sing N N 39  
ASN N   H    sing N N 40  
ASN N   H2   sing N N 41  
ASN CA  C    sing N N 42  
ASN CA  CB   sing N N 43  
ASN CA  HA   sing N N 44  
ASN C   O    doub N N 45  
ASN C   OXT  sing N N 46  
ASN CB  CG   sing N N 47  
ASN CB  HB2  sing N N 48  
ASN CB  HB3  sing N N 49  
ASN CG  OD1  doub N N 50  
ASN CG  ND2  sing N N 51  
ASN ND2 HD21 sing N N 52  
ASN ND2 HD22 sing N N 53  
ASN OXT HXT  sing N N 54  
ASP N   CA   sing N N 55  
ASP N   H    sing N N 56  
ASP N   H2   sing N N 57  
ASP CA  C    sing N N 58  
ASP CA  CB   sing N N 59  
ASP CA  HA   sing N N 60  
ASP C   O    doub N N 61  
ASP C   OXT  sing N N 62  
ASP CB  CG   sing N N 63  
ASP CB  HB2  sing N N 64  
ASP CB  HB3  sing N N 65  
ASP CG  OD1  doub N N 66  
ASP CG  OD2  sing N N 67  
ASP OD2 HD2  sing N N 68  
ASP OXT HXT  sing N N 69  
GLN N   CA   sing N N 70  
GLN N   H    sing N N 71  
GLN N   H2   sing N N 72  
GLN CA  C    sing N N 73  
GLN CA  CB   sing N N 74  
GLN CA  HA   sing N N 75  
GLN C   O    doub N N 76  
GLN C   OXT  sing N N 77  
GLN CB  CG   sing N N 78  
GLN CB  HB2  sing N N 79  
GLN CB  HB3  sing N N 80  
GLN CG  CD   sing N N 81  
GLN CG  HG2  sing N N 82  
GLN CG  HG3  sing N N 83  
GLN CD  OE1  doub N N 84  
GLN CD  NE2  sing N N 85  
GLN NE2 HE21 sing N N 86  
GLN NE2 HE22 sing N N 87  
GLN OXT HXT  sing N N 88  
GLU N   CA   sing N N 89  
GLU N   H    sing N N 90  
GLU N   H2   sing N N 91  
GLU CA  C    sing N N 92  
GLU CA  CB   sing N N 93  
GLU CA  HA   sing N N 94  
GLU C   O    doub N N 95  
GLU C   OXT  sing N N 96  
GLU CB  CG   sing N N 97  
GLU CB  HB2  sing N N 98  
GLU CB  HB3  sing N N 99  
GLU CG  CD   sing N N 100 
GLU CG  HG2  sing N N 101 
GLU CG  HG3  sing N N 102 
GLU CD  OE1  doub N N 103 
GLU CD  OE2  sing N N 104 
GLU OE2 HE2  sing N N 105 
GLU OXT HXT  sing N N 106 
GLY N   CA   sing N N 107 
GLY N   H    sing N N 108 
GLY N   H2   sing N N 109 
GLY CA  C    sing N N 110 
GLY CA  HA2  sing N N 111 
GLY CA  HA3  sing N N 112 
GLY C   O    doub N N 113 
GLY C   OXT  sing N N 114 
GLY OXT HXT  sing N N 115 
HIS N   CA   sing N N 116 
HIS N   H    sing N N 117 
HIS N   H2   sing N N 118 
HIS CA  C    sing N N 119 
HIS CA  CB   sing N N 120 
HIS CA  HA   sing N N 121 
HIS C   O    doub N N 122 
HIS C   OXT  sing N N 123 
HIS CB  CG   sing N N 124 
HIS CB  HB2  sing N N 125 
HIS CB  HB3  sing N N 126 
HIS CG  ND1  sing Y N 127 
HIS CG  CD2  doub Y N 128 
HIS ND1 CE1  doub Y N 129 
HIS ND1 HD1  sing N N 130 
HIS CD2 NE2  sing Y N 131 
HIS CD2 HD2  sing N N 132 
HIS CE1 NE2  sing Y N 133 
HIS CE1 HE1  sing N N 134 
HIS NE2 HE2  sing N N 135 
HIS OXT HXT  sing N N 136 
HOH O   H1   sing N N 137 
HOH O   H2   sing N N 138 
ILE N   CA   sing N N 139 
ILE N   H    sing N N 140 
ILE N   H2   sing N N 141 
ILE CA  C    sing N N 142 
ILE CA  CB   sing N N 143 
ILE CA  HA   sing N N 144 
ILE C   O    doub N N 145 
ILE C   OXT  sing N N 146 
ILE CB  CG1  sing N N 147 
ILE CB  CG2  sing N N 148 
ILE CB  HB   sing N N 149 
ILE CG1 CD1  sing N N 150 
ILE CG1 HG12 sing N N 151 
ILE CG1 HG13 sing N N 152 
ILE CG2 HG21 sing N N 153 
ILE CG2 HG22 sing N N 154 
ILE CG2 HG23 sing N N 155 
ILE CD1 HD11 sing N N 156 
ILE CD1 HD12 sing N N 157 
ILE CD1 HD13 sing N N 158 
ILE OXT HXT  sing N N 159 
LEU N   CA   sing N N 160 
LEU N   H    sing N N 161 
LEU N   H2   sing N N 162 
LEU CA  C    sing N N 163 
LEU CA  CB   sing N N 164 
LEU CA  HA   sing N N 165 
LEU C   O    doub N N 166 
LEU C   OXT  sing N N 167 
LEU CB  CG   sing N N 168 
LEU CB  HB2  sing N N 169 
LEU CB  HB3  sing N N 170 
LEU CG  CD1  sing N N 171 
LEU CG  CD2  sing N N 172 
LEU CG  HG   sing N N 173 
LEU CD1 HD11 sing N N 174 
LEU CD1 HD12 sing N N 175 
LEU CD1 HD13 sing N N 176 
LEU CD2 HD21 sing N N 177 
LEU CD2 HD22 sing N N 178 
LEU CD2 HD23 sing N N 179 
LEU OXT HXT  sing N N 180 
LYS N   CA   sing N N 181 
LYS N   H    sing N N 182 
LYS N   H2   sing N N 183 
LYS CA  C    sing N N 184 
LYS CA  CB   sing N N 185 
LYS CA  HA   sing N N 186 
LYS C   O    doub N N 187 
LYS C   OXT  sing N N 188 
LYS CB  CG   sing N N 189 
LYS CB  HB2  sing N N 190 
LYS CB  HB3  sing N N 191 
LYS CG  CD   sing N N 192 
LYS CG  HG2  sing N N 193 
LYS CG  HG3  sing N N 194 
LYS CD  CE   sing N N 195 
LYS CD  HD2  sing N N 196 
LYS CD  HD3  sing N N 197 
LYS CE  NZ   sing N N 198 
LYS CE  HE2  sing N N 199 
LYS CE  HE3  sing N N 200 
LYS NZ  HZ1  sing N N 201 
LYS NZ  HZ2  sing N N 202 
LYS NZ  HZ3  sing N N 203 
LYS OXT HXT  sing N N 204 
MET N   CA   sing N N 205 
MET N   H    sing N N 206 
MET N   H2   sing N N 207 
MET CA  C    sing N N 208 
MET CA  CB   sing N N 209 
MET CA  HA   sing N N 210 
MET C   O    doub N N 211 
MET C   OXT  sing N N 212 
MET CB  CG   sing N N 213 
MET CB  HB2  sing N N 214 
MET CB  HB3  sing N N 215 
MET CG  SD   sing N N 216 
MET CG  HG2  sing N N 217 
MET CG  HG3  sing N N 218 
MET SD  CE   sing N N 219 
MET CE  HE1  sing N N 220 
MET CE  HE2  sing N N 221 
MET CE  HE3  sing N N 222 
MET OXT HXT  sing N N 223 
PHE N   CA   sing N N 224 
PHE N   H    sing N N 225 
PHE N   H2   sing N N 226 
PHE CA  C    sing N N 227 
PHE CA  CB   sing N N 228 
PHE CA  HA   sing N N 229 
PHE C   O    doub N N 230 
PHE C   OXT  sing N N 231 
PHE CB  CG   sing N N 232 
PHE CB  HB2  sing N N 233 
PHE CB  HB3  sing N N 234 
PHE CG  CD1  doub Y N 235 
PHE CG  CD2  sing Y N 236 
PHE CD1 CE1  sing Y N 237 
PHE CD1 HD1  sing N N 238 
PHE CD2 CE2  doub Y N 239 
PHE CD2 HD2  sing N N 240 
PHE CE1 CZ   doub Y N 241 
PHE CE1 HE1  sing N N 242 
PHE CE2 CZ   sing Y N 243 
PHE CE2 HE2  sing N N 244 
PHE CZ  HZ   sing N N 245 
PHE OXT HXT  sing N N 246 
PRO N   CA   sing N N 247 
PRO N   CD   sing N N 248 
PRO N   H    sing N N 249 
PRO CA  C    sing N N 250 
PRO CA  CB   sing N N 251 
PRO CA  HA   sing N N 252 
PRO C   O    doub N N 253 
PRO C   OXT  sing N N 254 
PRO CB  CG   sing N N 255 
PRO CB  HB2  sing N N 256 
PRO CB  HB3  sing N N 257 
PRO CG  CD   sing N N 258 
PRO CG  HG2  sing N N 259 
PRO CG  HG3  sing N N 260 
PRO CD  HD2  sing N N 261 
PRO CD  HD3  sing N N 262 
PRO OXT HXT  sing N N 263 
SER N   CA   sing N N 264 
SER N   H    sing N N 265 
SER N   H2   sing N N 266 
SER CA  C    sing N N 267 
SER CA  CB   sing N N 268 
SER CA  HA   sing N N 269 
SER C   O    doub N N 270 
SER C   OXT  sing N N 271 
SER CB  OG   sing N N 272 
SER CB  HB2  sing N N 273 
SER CB  HB3  sing N N 274 
SER OG  HG   sing N N 275 
SER OXT HXT  sing N N 276 
THR N   CA   sing N N 277 
THR N   H    sing N N 278 
THR N   H2   sing N N 279 
THR CA  C    sing N N 280 
THR CA  CB   sing N N 281 
THR CA  HA   sing N N 282 
THR C   O    doub N N 283 
THR C   OXT  sing N N 284 
THR CB  OG1  sing N N 285 
THR CB  CG2  sing N N 286 
THR CB  HB   sing N N 287 
THR OG1 HG1  sing N N 288 
THR CG2 HG21 sing N N 289 
THR CG2 HG22 sing N N 290 
THR CG2 HG23 sing N N 291 
THR OXT HXT  sing N N 292 
TRP N   CA   sing N N 293 
TRP N   H    sing N N 294 
TRP N   H2   sing N N 295 
TRP CA  C    sing N N 296 
TRP CA  CB   sing N N 297 
TRP CA  HA   sing N N 298 
TRP C   O    doub N N 299 
TRP C   OXT  sing N N 300 
TRP CB  CG   sing N N 301 
TRP CB  HB2  sing N N 302 
TRP CB  HB3  sing N N 303 
TRP CG  CD1  doub Y N 304 
TRP CG  CD2  sing Y N 305 
TRP CD1 NE1  sing Y N 306 
TRP CD1 HD1  sing N N 307 
TRP CD2 CE2  doub Y N 308 
TRP CD2 CE3  sing Y N 309 
TRP NE1 CE2  sing Y N 310 
TRP NE1 HE1  sing N N 311 
TRP CE2 CZ2  sing Y N 312 
TRP CE3 CZ3  doub Y N 313 
TRP CE3 HE3  sing N N 314 
TRP CZ2 CH2  doub Y N 315 
TRP CZ2 HZ2  sing N N 316 
TRP CZ3 CH2  sing Y N 317 
TRP CZ3 HZ3  sing N N 318 
TRP CH2 HH2  sing N N 319 
TRP OXT HXT  sing N N 320 
TYR N   CA   sing N N 321 
TYR N   H    sing N N 322 
TYR N   H2   sing N N 323 
TYR CA  C    sing N N 324 
TYR CA  CB   sing N N 325 
TYR CA  HA   sing N N 326 
TYR C   O    doub N N 327 
TYR C   OXT  sing N N 328 
TYR CB  CG   sing N N 329 
TYR CB  HB2  sing N N 330 
TYR CB  HB3  sing N N 331 
TYR CG  CD1  doub Y N 332 
TYR CG  CD2  sing Y N 333 
TYR CD1 CE1  sing Y N 334 
TYR CD1 HD1  sing N N 335 
TYR CD2 CE2  doub Y N 336 
TYR CD2 HD2  sing N N 337 
TYR CE1 CZ   doub Y N 338 
TYR CE1 HE1  sing N N 339 
TYR CE2 CZ   sing Y N 340 
TYR CE2 HE2  sing N N 341 
TYR CZ  OH   sing N N 342 
TYR OH  HH   sing N N 343 
TYR OXT HXT  sing N N 344 
VAL N   CA   sing N N 345 
VAL N   H    sing N N 346 
VAL N   H2   sing N N 347 
VAL CA  C    sing N N 348 
VAL CA  CB   sing N N 349 
VAL CA  HA   sing N N 350 
VAL C   O    doub N N 351 
VAL C   OXT  sing N N 352 
VAL CB  CG1  sing N N 353 
VAL CB  CG2  sing N N 354 
VAL CB  HB   sing N N 355 
VAL CG1 HG11 sing N N 356 
VAL CG1 HG12 sing N N 357 
VAL CG1 HG13 sing N N 358 
VAL CG2 HG21 sing N N 359 
VAL CG2 HG22 sing N N 360 
VAL CG2 HG23 sing N N 361 
VAL OXT HXT  sing N N 362 
# 
_pdbx_deposit_group.group_id            G_1002110 
_pdbx_deposit_group.group_description   
;Monomeric and dimeric, as well as peptide-bound structures of the first SH3 domain of the human adapter protein Nck1
were determined.
;
_pdbx_deposit_group.group_title         'structural plasticity of the Nck1-SH3.1 domain' 
_pdbx_deposit_group.group_type          undefined 
# 
_pdbx_initial_refinement_model.accession_code   ? 
_pdbx_initial_refinement_model.id               1 
_pdbx_initial_refinement_model.entity_id_list   ? 
_pdbx_initial_refinement_model.type             other 
_pdbx_initial_refinement_model.source_name      ? 
_pdbx_initial_refinement_model.details          'inhouse model' 
# 
_atom_sites.entry_id                    5QU8 
_atom_sites.fract_transf_matrix[1][1]   0.00958973 
_atom_sites.fract_transf_matrix[1][2]   -0.00728245 
_atom_sites.fract_transf_matrix[1][3]   -0.02183820 
_atom_sites.fract_transf_matrix[2][1]   0.01401628 
_atom_sites.fract_transf_matrix[2][2]   0.01123837 
_atom_sites.fract_transf_matrix[2][3]   0.00240723 
_atom_sites.fract_transf_matrix[3][1]   0.01867271 
_atom_sites.fract_transf_matrix[3][2]   -0.02697113 
_atom_sites.fract_transf_matrix[3][3]   0.01719382 
_atom_sites.fract_transf_vector[1]      -0.011691 
_atom_sites.fract_transf_vector[2]      0.035237 
_atom_sites.fract_transf_vector[3]      0.386822 
# 
loop_
_atom_type.symbol 
C  
N  
NA 
O  
S  
# 
loop_
_atom_site.group_PDB 
_atom_site.id 
_atom_site.type_symbol 
_atom_site.label_atom_id 
_atom_site.label_alt_id 
_atom_site.label_comp_id 
_atom_site.label_asym_id 
_atom_site.label_entity_id 
_atom_site.label_seq_id 
_atom_site.pdbx_PDB_ins_code 
_atom_site.Cartn_x 
_atom_site.Cartn_y 
_atom_site.Cartn_z 
_atom_site.occupancy 
_atom_site.B_iso_or_equiv 
_atom_site.pdbx_formal_charge 
_atom_site.auth_seq_id 
_atom_site.auth_comp_id 
_atom_site.auth_asym_id 
_atom_site.auth_atom_id 
_atom_site.pdbx_PDB_model_num 
ATOM   1   N  N   . GLU A 1 30 ? 8.493   -1.452  -15.367 1.00 86.42  ? 5   GLU A N   1 
ATOM   2   C  CA  . GLU A 1 30 ? 8.956   -0.374  -16.317 1.00 70.31  ? 5   GLU A CA  1 
ATOM   3   C  C   . GLU A 1 30 ? 8.695   1.035   -15.751 1.00 46.06  ? 5   GLU A C   1 
ATOM   4   O  O   . GLU A 1 30 ? 9.412   1.955   -16.160 1.00 45.15  ? 5   GLU A O   1 
ATOM   5   C  CB  . GLU A 1 30 ? 8.286   -0.517  -17.690 1.00 64.44  ? 5   GLU A CB  1 
ATOM   6   C  CG  . GLU A 1 30 ? 8.520   -1.870  -18.330 1.00 88.24  ? 5   GLU A CG  1 
ATOM   7   C  CD  . GLU A 1 30 ? 8.464   -1.849  -19.847 1.00 80.63  ? 5   GLU A CD  1 
ATOM   8   O  OE1 . GLU A 1 30 ? 8.780   -0.787  -20.430 1.00 103.66 ? 5   GLU A OE1 1 
ATOM   9   O  OE2 . GLU A 1 30 ? 8.112   -2.891  -20.440 1.00 85.61  ? 5   GLU A OE2 1 
ATOM   10  N  N   . VAL A 1 31 ? 7.709   1.249   -14.866 1.00 26.53  ? 6   VAL A N   1 
ATOM   11  C  CA  . VAL A 1 31 ? 7.311   2.641   -14.479 1.00 20.48  ? 6   VAL A CA  1 
ATOM   12  C  C   . VAL A 1 31 ? 8.082   3.037   -13.234 1.00 14.20  ? 6   VAL A C   1 
ATOM   13  O  O   . VAL A 1 31 ? 8.043   2.325   -12.248 1.00 22.56  ? 6   VAL A O   1 
ATOM   14  C  CB  . VAL A 1 31 ? 5.797   2.807   -14.271 1.00 23.46  ? 6   VAL A CB  1 
ATOM   15  C  CG1 . VAL A 1 31 ? 5.451   4.106   -13.607 1.00 21.87  ? 6   VAL A CG1 1 
ATOM   16  C  CG2 . VAL A 1 31 ? 5.071   2.688   -15.602 1.00 26.06  ? 6   VAL A CG2 1 
ATOM   17  N  N   . VAL A 1 32 ? 8.787   4.137   -13.327 1.00 14.18  ? 7   VAL A N   1 
ATOM   18  C  CA  . VAL A 1 32 ? 9.564   4.669   -12.178 1.00 13.95  ? 7   VAL A CA  1 
ATOM   19  C  C   . VAL A 1 32 ? 8.779   5.825   -11.537 1.00 11.85  ? 7   VAL A C   1 
ATOM   20  O  O   . VAL A 1 32 ? 8.276   6.748   -12.217 1.00 14.20  ? 7   VAL A O   1 
ATOM   21  C  CB  . VAL A 1 32 ? 10.987  5.054   -12.629 1.00 18.53  ? 7   VAL A CB  1 
ATOM   22  C  CG1 . VAL A 1 32 ? 11.734  5.745   -11.494 1.00 20.18  ? 7   VAL A CG1 1 
ATOM   23  C  CG2 . VAL A 1 32 ? 11.734  3.828   -13.130 1.00 20.27  ? 7   VAL A CG2 1 
ATOM   24  N  N   . VAL A 1 33 ? 8.761   5.808   -10.225 1.00 9.48   ? 8   VAL A N   1 
ATOM   25  C  CA  . VAL A 1 33 ? 8.142   6.893   -9.447  1.00 9.46   ? 8   VAL A CA  1 
ATOM   26  C  C   . VAL A 1 33 ? 9.247   7.522   -8.594  1.00 7.43   ? 8   VAL A C   1 
ATOM   27  O  O   . VAL A 1 33 ? 10.274  6.874   -8.286  1.00 8.83   ? 8   VAL A O   1 
ATOM   28  C  CB  . VAL A 1 33 ? 6.942   6.398   -8.631  1.00 10.82  ? 8   VAL A CB  1 
ATOM   29  C  CG1 . VAL A 1 33 ? 5.804   5.917   -9.522  1.00 14.29  ? 8   VAL A CG1 1 
ATOM   30  C  CG2 . VAL A 1 33 ? 7.332   5.330   -7.651  1.00 10.90  ? 8   VAL A CG2 1 
ATOM   31  N  N   . VAL A 1 34 ? 8.937   8.702   -8.108  1.00 7.52   ? 9   VAL A N   1 
ATOM   32  C  CA  A VAL A 1 34 ? 9.865   9.475   -7.250  0.50 8.50   ? 9   VAL A CA  1 
ATOM   33  C  CA  B VAL A 1 34 ? 9.863   9.463   -7.244  0.50 8.12   ? 9   VAL A CA  1 
ATOM   34  C  C   . VAL A 1 34 ? 9.111   9.826   -5.968  1.00 8.22   ? 9   VAL A C   1 
ATOM   35  O  O   . VAL A 1 34 ? 7.958   10.279  -6.022  1.00 9.65   ? 9   VAL A O   1 
ATOM   36  C  CB  A VAL A 1 34 ? 10.439  10.739  -7.924  0.50 10.61  ? 9   VAL A CB  1 
ATOM   37  C  CB  B VAL A 1 34 ? 10.397  10.730  -7.924  0.50 9.46   ? 9   VAL A CB  1 
ATOM   38  C  CG1 A VAL A 1 34 ? 9.388   11.721  -8.426  0.50 11.55  ? 9   VAL A CG1 1 
ATOM   39  C  CG1 B VAL A 1 34 ? 11.375  11.479  -7.033  0.50 10.93  ? 9   VAL A CG1 1 
ATOM   40  C  CG2 A VAL A 1 34 ? 11.430  11.450  -7.015  0.50 11.54  ? 9   VAL A CG2 1 
ATOM   41  C  CG2 B VAL A 1 34 ? 11.049  10.404  -9.258  0.50 9.93   ? 9   VAL A CG2 1 
ATOM   42  N  N   . ALA A 1 35 ? 9.773   9.634   -4.836  1.00 8.20   ? 10  ALA A N   1 
ATOM   43  C  CA  . ALA A 1 35 ? 9.231   10.017  -3.528  1.00 7.88   ? 10  ALA A CA  1 
ATOM   44  C  C   . ALA A 1 35 ? 9.154   11.537  -3.460  1.00 8.24   ? 10  ALA A C   1 
ATOM   45  O  O   . ALA A 1 35 ? 10.200  12.212  -3.560  1.00 9.58   ? 10  ALA A O   1 
ATOM   46  C  CB  . ALA A 1 35 ? 10.076  9.461   -2.424  1.00 7.55   ? 10  ALA A CB  1 
ATOM   47  N  N   . LYS A 1 36 ? 7.976   12.024  -3.115  1.00 9.28   ? 11  LYS A N   1 
ATOM   48  C  CA  . LYS A 1 36 ? 7.733   13.468  -2.907  1.00 10.64  ? 11  LYS A CA  1 
ATOM   49  C  C   . LYS A 1 36 ? 8.149   13.847  -1.483  1.00 9.88   ? 11  LYS A C   1 
ATOM   50  O  O   . LYS A 1 36 ? 8.480   15.007  -1.233  1.00 12.28  ? 11  LYS A O   1 
ATOM   51  C  CB  . LYS A 1 36 ? 6.244   13.765  -3.122  1.00 14.15  ? 11  LYS A CB  1 
ATOM   52  C  CG  . LYS A 1 36 ? 5.746   13.604  -4.544  1.00 20.94  ? 11  LYS A CG  1 
ATOM   53  C  CD  . LYS A 1 36 ? 4.249   13.323  -4.670  1.00 27.71  ? 11  LYS A CD  1 
ATOM   54  C  CE  . LYS A 1 36 ? 3.377   14.440  -4.182  1.00 34.83  ? 11  LYS A CE  1 
ATOM   55  N  NZ  . LYS A 1 36 ? 1.960   14.027  -4.305  1.00 40.41  ? 11  LYS A NZ  1 
ATOM   56  N  N   . PHE A 1 37 ? 8.063   12.886  -0.566  1.00 9.11   ? 12  PHE A N   1 
ATOM   57  C  CA  . PHE A 1 37 ? 8.324   13.081  0.879   1.00 9.72   ? 12  PHE A CA  1 
ATOM   58  C  C   . PHE A 1 37 ? 8.938   11.829  1.444   1.00 8.76   ? 12  PHE A C   1 
ATOM   59  O  O   . PHE A 1 37 ? 8.720   10.750  0.896   1.00 9.03   ? 12  PHE A O   1 
ATOM   60  C  CB  . PHE A 1 37 ? 7.041   13.378  1.689   1.00 12.06  ? 12  PHE A CB  1 
ATOM   61  C  CG  . PHE A 1 37 ? 6.092   14.313  1.027   1.00 13.65  ? 12  PHE A CG  1 
ATOM   62  C  CD1 . PHE A 1 37 ? 6.314   15.673  1.055   1.00 17.91  ? 12  PHE A CD1 1 
ATOM   63  C  CD2 . PHE A 1 37 ? 4.946   13.819  0.451   1.00 18.25  ? 12  PHE A CD2 1 
ATOM   64  C  CE1 . PHE A 1 37 ? 5.458   16.530  0.387   1.00 21.54  ? 12  PHE A CE1 1 
ATOM   65  C  CE2 . PHE A 1 37 ? 4.079   14.672  -0.198  1.00 23.34  ? 12  PHE A CE2 1 
ATOM   66  C  CZ  . PHE A 1 37 ? 4.353   16.024  -0.233  1.00 19.33  ? 12  PHE A CZ  1 
ATOM   67  N  N   . ASP A 1 38 ? 9.625   11.960  2.585   1.00 8.36   ? 13  ASP A N   1 
ATOM   68  C  CA  . ASP A 1 38 ? 10.035  10.774  3.330   1.00 7.35   ? 13  ASP A CA  1 
ATOM   69  C  C   . ASP A 1 38 ? 8.806   9.977   3.801   1.00 6.61   ? 13  ASP A C   1 
ATOM   70  O  O   . ASP A 1 38 ? 7.713   10.583  4.039   1.00 9.03   ? 13  ASP A O   1 
ATOM   71  C  CB  . ASP A 1 38 ? 10.827  11.159  4.574   1.00 8.68   ? 13  ASP A CB  1 
ATOM   72  C  CG  . ASP A 1 38 ? 12.147  11.878  4.344   1.00 10.92  ? 13  ASP A CG  1 
ATOM   73  O  OD1 . ASP A 1 38 ? 12.665  11.913  3.203   1.00 12.26  ? 13  ASP A OD1 1 
ATOM   74  O  OD2 . ASP A 1 38 ? 12.673  12.397  5.345   1.00 17.52  ? 13  ASP A OD2 1 
ATOM   75  N  N   . TYR A 1 39 ? 8.968   8.693   4.012   1.00 6.82   ? 14  TYR A N   1 
ATOM   76  C  CA  . TYR A 1 39 ? 7.930   7.873   4.671   1.00 7.30   ? 14  TYR A CA  1 
ATOM   77  C  C   . TYR A 1 39 ? 8.648   6.835   5.494   1.00 9.49   ? 14  TYR A C   1 
ATOM   78  O  O   . TYR A 1 39 ? 9.425   6.016   4.987   1.00 9.64   ? 14  TYR A O   1 
ATOM   79  C  CB  . TYR A 1 39 ? 6.984   7.193   3.679   1.00 7.46   ? 14  TYR A CB  1 
ATOM   80  C  CG  . TYR A 1 39 ? 5.918   6.370   4.352   1.00 7.47   ? 14  TYR A CG  1 
ATOM   81  C  CD1 . TYR A 1 39 ? 4.900   7.009   5.070   1.00 7.10   ? 14  TYR A CD1 1 
ATOM   82  C  CD2 . TYR A 1 39 ? 5.944   4.994   4.357   1.00 7.67   ? 14  TYR A CD2 1 
ATOM   83  C  CE1 . TYR A 1 39 ? 3.970   6.254   5.744   1.00 7.08   ? 14  TYR A CE1 1 
ATOM   84  C  CE2 . TYR A 1 39 ? 4.985   4.232   5.026   1.00 6.69   ? 14  TYR A CE2 1 
ATOM   85  C  CZ  . TYR A 1 39 ? 3.976   4.880   5.729   1.00 7.05   ? 14  TYR A CZ  1 
ATOM   86  O  OH  . TYR A 1 39 ? 3.061   4.167   6.451   1.00 8.30   ? 14  TYR A OH  1 
ATOM   87  N  N   . VAL A 1 40 ? 8.347   6.845   6.806   1.00 9.76   ? 15  VAL A N   1 
ATOM   88  C  CA  . VAL A 1 40 ? 8.816   5.767   7.721   1.00 9.03   ? 15  VAL A CA  1 
ATOM   89  C  C   . VAL A 1 40 ? 7.739   4.693   7.782   1.00 8.14   ? 15  VAL A C   1 
ATOM   90  O  O   . VAL A 1 40 ? 6.573   4.958   8.149   1.00 7.65   ? 15  VAL A O   1 
ATOM   91  C  CB  . VAL A 1 40 ? 9.265   6.297   9.085   1.00 9.34   ? 15  VAL A CB  1 
ATOM   92  C  CG1 . VAL A 1 40 ? 8.297   7.215   9.655   1.00 11.13  ? 15  VAL A CG1 1 
ATOM   93  C  CG2 . VAL A 1 40 ? 9.594   5.175   10.032  1.00 9.33   ? 15  VAL A CG2 1 
ATOM   94  N  N   . ALA A 1 41 ? 8.136   3.473   7.413   1.00 7.93   ? 16  ALA A N   1 
ATOM   95  C  CA  . ALA A 1 41 ? 7.248   2.309   7.395   1.00 8.71   ? 16  ALA A CA  1 
ATOM   96  C  C   . ALA A 1 41 ? 6.727   2.051   8.821   1.00 8.75   ? 16  ALA A C   1 
ATOM   97  O  O   . ALA A 1 41 ? 7.499   2.065   9.799   1.00 8.57   ? 16  ALA A O   1 
ATOM   98  C  CB  . ALA A 1 41 ? 7.965   1.096   6.876   1.00 8.58   ? 16  ALA A CB  1 
ATOM   99  N  N   . GLN A 1 42 ? 5.449   1.717   8.864   1.00 8.89   ? 17  GLN A N   1 
ATOM   100 C  CA  . GLN A 1 42 ? 4.773   1.441   10.169  1.00 9.49   ? 17  GLN A CA  1 
ATOM   101 C  C   . GLN A 1 42 ? 4.629   -0.042  10.441  1.00 9.82   ? 17  GLN A C   1 
ATOM   102 O  O   . GLN A 1 42 ? 4.242   -0.403  11.547  1.00 11.53  ? 17  GLN A O   1 
ATOM   103 C  CB  . GLN A 1 42 ? 3.444   2.174   10.226  1.00 10.38  ? 17  GLN A CB  1 
ATOM   104 C  CG  . GLN A 1 42 ? 3.596   3.676   10.128  1.00 8.89   ? 17  GLN A CG  1 
ATOM   105 C  CD  . GLN A 1 42 ? 4.495   4.182   11.231  1.00 8.14   ? 17  GLN A CD  1 
ATOM   106 O  OE1 . GLN A 1 42 ? 4.201   4.005   12.445  1.00 9.98   ? 17  GLN A OE1 1 
ATOM   107 N  NE2 . GLN A 1 42 ? 5.590   4.811   10.883  1.00 8.02   ? 17  GLN A NE2 1 
ATOM   108 N  N   . GLN A 1 43 ? 4.822   -0.879  9.429   1.00 11.77  ? 18  GLN A N   1 
ATOM   109 C  CA  A GLN A 1 43 ? 4.592   -2.337  9.474   0.50 12.78  ? 18  GLN A CA  1 
ATOM   110 C  CA  B GLN A 1 43 ? 4.666   -2.341  9.549   0.50 12.94  ? 18  GLN A CA  1 
ATOM   111 C  C   . GLN A 1 43 ? 5.636   -2.969  8.543   1.00 11.91  ? 18  GLN A C   1 
ATOM   112 O  O   . GLN A 1 43 ? 6.090   -2.285  7.635   1.00 11.04  ? 18  GLN A O   1 
ATOM   113 C  CB  A GLN A 1 43 ? 3.181   -2.723  8.965   0.50 15.66  ? 18  GLN A CB  1 
ATOM   114 C  CB  B GLN A 1 43 ? 3.222   -2.798  9.255   0.50 18.88  ? 18  GLN A CB  1 
ATOM   115 C  CG  A GLN A 1 43 ? 2.015   -2.028  9.661   0.50 16.11  ? 18  GLN A CG  1 
ATOM   116 C  CG  B GLN A 1 43 ? 2.797   -2.418  7.849   0.50 26.21  ? 18  GLN A CG  1 
ATOM   117 C  CD  A GLN A 1 43 ? 1.843   -2.452  11.094  0.50 16.54  ? 18  GLN A CD  1 
ATOM   118 C  CD  B GLN A 1 43 ? 1.577   -3.093  7.262   0.50 31.81  ? 18  GLN A CD  1 
ATOM   119 O  OE1 A GLN A 1 43 ? 2.350   -3.475  11.533  0.50 23.64  ? 18  GLN A OE1 1 
ATOM   120 O  OE1 B GLN A 1 43 ? 1.500   -4.319  7.151   0.50 33.88  ? 18  GLN A OE1 1 
ATOM   121 N  NE2 A GLN A 1 43 ? 1.121   -1.640  11.829  0.50 16.32  ? 18  GLN A NE2 1 
ATOM   122 N  NE2 B GLN A 1 43 ? 0.631   -2.268  6.811   0.50 35.38  ? 18  GLN A NE2 1 
ATOM   123 N  N   . GLU A 1 44 ? 5.900   -4.247  8.719   1.00 13.58  ? 19  GLU A N   1 
ATOM   124 C  CA  A GLU A 1 44 ? 6.933   -4.921  7.907   0.50 13.91  ? 19  GLU A CA  1 
ATOM   125 C  CA  B GLU A 1 44 ? 6.905   -4.980  7.914   0.50 14.20  ? 19  GLU A CA  1 
ATOM   126 C  C   . GLU A 1 44 ? 6.544   -4.980  6.418   1.00 11.73  ? 19  GLU A C   1 
ATOM   127 O  O   . GLU A 1 44 ? 7.455   -5.110  5.613   1.00 14.61  ? 19  GLU A O   1 
ATOM   128 C  CB  A GLU A 1 44 ? 7.209   -6.319  8.443   0.50 17.84  ? 19  GLU A CB  1 
ATOM   129 C  CB  B GLU A 1 44 ? 7.069   -6.413  8.420   0.50 16.98  ? 19  GLU A CB  1 
ATOM   130 C  CG  A GLU A 1 44 ? 6.069   -7.277  8.235   0.50 21.86  ? 19  GLU A CG  1 
ATOM   131 C  CG  B GLU A 1 44 ? 7.992   -6.533  9.630   0.50 22.06  ? 19  GLU A CG  1 
ATOM   132 C  CD  A GLU A 1 44 ? 6.429   -8.678  8.676   0.50 28.77  ? 19  GLU A CD  1 
ATOM   133 C  CD  B GLU A 1 44 ? 9.208   -5.609  9.673   0.50 25.45  ? 19  GLU A CD  1 
ATOM   134 O  OE1 A GLU A 1 44 ? 6.994   -8.804  9.779   0.50 39.41  ? 19  GLU A OE1 1 
ATOM   135 O  OE1 B GLU A 1 44 ? 10.083  -5.677  8.761   0.50 33.12  ? 19  GLU A OE1 1 
ATOM   136 O  OE2 A GLU A 1 44 ? 6.171   -9.623  7.914   0.50 42.23  ? 19  GLU A OE2 1 
ATOM   137 O  OE2 B GLU A 1 44 ? 9.269   -4.815  10.602  0.50 24.81  ? 19  GLU A OE2 1 
ATOM   138 N  N   . GLN A 1 45 ? 5.268   -4.855  6.059   1.00 10.56  ? 20  GLN A N   1 
ATOM   139 C  CA  A GLN A 1 45 ? 4.858   -4.938  4.640   0.50 9.71   ? 20  GLN A CA  1 
ATOM   140 C  CA  B GLN A 1 45 ? 4.835   -4.936  4.648   0.50 9.75   ? 20  GLN A CA  1 
ATOM   141 C  C   . GLN A 1 45 ? 5.094   -3.596  3.958   1.00 8.56   ? 20  GLN A C   1 
ATOM   142 O  O   . GLN A 1 45 ? 4.962   -3.523  2.716   1.00 9.51   ? 20  GLN A O   1 
ATOM   143 C  CB  A GLN A 1 45 ? 3.394   -5.325  4.473   0.50 10.53  ? 20  GLN A CB  1 
ATOM   144 C  CB  B GLN A 1 45 ? 3.369   -5.354  4.552   0.50 10.65  ? 20  GLN A CB  1 
ATOM   145 C  CG  A GLN A 1 45 ? 3.007   -6.643  5.114   0.50 14.15  ? 20  GLN A CG  1 
ATOM   146 C  CG  B GLN A 1 45 ? 3.105   -6.799  4.961   0.50 13.15  ? 20  GLN A CG  1 
ATOM   147 C  CD  A GLN A 1 45 ? 2.791   -6.527  6.605   0.50 18.24  ? 20  GLN A CD  1 
ATOM   148 C  CD  B GLN A 1 45 ? 1.653   -7.110  5.241   0.50 16.11  ? 20  GLN A CD  1 
ATOM   149 O  OE1 A GLN A 1 45 ? 2.647   -5.425  7.182   0.50 19.05  ? 20  GLN A OE1 1 
ATOM   150 O  OE1 B GLN A 1 45 ? 0.866   -6.234  5.620   0.50 22.48  ? 20  GLN A OE1 1 
ATOM   151 N  NE2 A GLN A 1 45 ? 2.750   -7.693  7.242   0.50 24.86  ? 20  GLN A NE2 1 
ATOM   152 N  NE2 B GLN A 1 45 ? 1.293   -8.382  5.077   0.50 20.95  ? 20  GLN A NE2 1 
ATOM   153 N  N   . GLU A 1 46 ? 5.365   -2.551  4.715   1.00 8.53   ? 21  GLU A N   1 
ATOM   154 C  CA  . GLU A 1 46 ? 5.584   -1.212  4.165   1.00 8.56   ? 21  GLU A CA  1 
ATOM   155 C  C   . GLU A 1 46 ? 7.082   -0.996  3.905   1.00 7.89   ? 21  GLU A C   1 
ATOM   156 O  O   . GLU A 1 46 ? 7.940   -1.779  4.361   1.00 10.85  ? 21  GLU A O   1 
ATOM   157 C  CB  . GLU A 1 46 ? 5.028   -0.138  5.101   1.00 8.22   ? 21  GLU A CB  1 
ATOM   158 C  CG  . GLU A 1 46 ? 3.542   -0.259  5.336   1.00 9.52   ? 21  GLU A CG  1 
ATOM   159 C  CD  . GLU A 1 46 ? 3.007   0.655   6.429   1.00 8.32   ? 21  GLU A CD  1 
ATOM   160 O  OE1 . GLU A 1 46 ? 3.670   1.681   6.706   1.00 9.05   ? 21  GLU A OE1 1 
ATOM   161 O  OE2 . GLU A 1 46 ? 1.949   0.304   6.997   1.00 11.88  ? 21  GLU A OE2 1 
ATOM   162 N  N   . LEU A 1 47 ? 7.387   0.017   3.143   1.00 7.44   ? 22  LEU A N   1 
ATOM   163 C  CA  . LEU A 1 47 ? 8.781   0.345   2.805   1.00 7.82   ? 22  LEU A CA  1 
ATOM   164 C  C   . LEU A 1 47 ? 9.115   1.753   3.298   1.00 7.73   ? 22  LEU A C   1 
ATOM   165 O  O   . LEU A 1 47 ? 8.379   2.693   3.059   1.00 8.16   ? 22  LEU A O   1 
ATOM   166 C  CB  . LEU A 1 47 ? 8.947   0.264   1.296   1.00 10.88  ? 22  LEU A CB  1 
ATOM   167 C  CG  . LEU A 1 47 ? 10.351  0.129   0.799   1.00 11.00  ? 22  LEU A CG  1 
ATOM   168 C  CD1 . LEU A 1 47 ? 11.006  -1.157  1.241   1.00 13.70  ? 22  LEU A CD1 1 
ATOM   169 C  CD2 . LEU A 1 47 ? 10.329  0.167   -0.712  1.00 10.43  ? 22  LEU A CD2 1 
ATOM   170 N  N   . ASP A 1 48 ? 10.273  1.898   3.924   1.00 8.03   ? 23  ASP A N   1 
ATOM   171 C  CA  . ASP A 1 48 ? 10.880  3.219   4.246   1.00 9.46   ? 23  ASP A CA  1 
ATOM   172 C  C   . ASP A 1 48 ? 11.380  3.855   2.953   1.00 12.60  ? 23  ASP A C   1 
ATOM   173 O  O   . ASP A 1 48 ? 12.097  3.164   2.186   1.00 13.01  ? 23  ASP A O   1 
ATOM   174 C  CB  . ASP A 1 48 ? 12.058  3.082   5.215   1.00 9.40   ? 23  ASP A CB  1 
ATOM   175 C  CG  . ASP A 1 48 ? 11.766  2.457   6.571   1.00 11.56  ? 23  ASP A CG  1 
ATOM   176 O  OD1 . ASP A 1 48 ? 10.836  2.909   7.186   1.00 12.45  ? 23  ASP A OD1 1 
ATOM   177 O  OD2 . ASP A 1 48 ? 12.518  1.564   6.962   1.00 21.09  ? 23  ASP A OD2 1 
ATOM   178 N  N   . ILE A 1 49 ? 11.017  5.083   2.685   1.00 12.97  ? 24  ILE A N   1 
ATOM   179 C  CA  . ILE A 1 49 ? 11.504  5.814   1.497   1.00 7.84   ? 24  ILE A CA  1 
ATOM   180 C  C   . ILE A 1 49 ? 11.932  7.213   1.919   1.00 7.46   ? 24  ILE A C   1 
ATOM   181 O  O   . ILE A 1 49 ? 11.469  7.750   2.951   1.00 8.44   ? 24  ILE A O   1 
ATOM   182 C  CB  . ILE A 1 49 ? 10.448  5.852   0.366   1.00 6.76   ? 24  ILE A CB  1 
ATOM   183 C  CG1 . ILE A 1 49 ? 9.164   6.564   0.781   1.00 8.10   ? 24  ILE A CG1 1 
ATOM   184 C  CG2 . ILE A 1 49 ? 10.161  4.428   -0.128  1.00 7.45   ? 24  ILE A CG2 1 
ATOM   185 C  CD1 . ILE A 1 49 ? 8.161   6.829   -0.291  1.00 8.14   ? 24  ILE A CD1 1 
ATOM   186 N  N   . LYS A 1 50 ? 12.847  7.776   1.160   1.00 8.23   ? 25  LYS A N   1 
ATOM   187 C  CA  . LYS A 1 50 ? 13.313  9.152   1.348   1.00 8.07   ? 25  LYS A CA  1 
ATOM   188 C  C   . LYS A 1 50 ? 12.892  10.056  0.201   1.00 7.28   ? 25  LYS A C   1 
ATOM   189 O  O   . LYS A 1 50 ? 12.895  9.606   -0.978  1.00 9.23   ? 25  LYS A O   1 
ATOM   190 C  CB  . LYS A 1 50 ? 14.821  9.178   1.499   1.00 10.30  ? 25  LYS A CB  1 
ATOM   191 C  CG  . LYS A 1 50 ? 15.336  8.520   2.768   1.00 14.57  ? 25  LYS A CG  1 
ATOM   192 C  CD  . LYS A 1 50 ? 14.885  9.280   4.020   1.00 20.90  ? 25  LYS A CD  1 
ATOM   193 C  CE  . LYS A 1 50 ? 15.974  10.083  4.695   1.00 35.59  ? 25  LYS A CE  1 
ATOM   194 N  NZ  . LYS A 1 50 ? 15.555  10.590  6.026   1.00 52.00  ? 25  LYS A NZ  1 
ATOM   195 N  N   . LYS A 1 51 ? 12.585  11.306  0.480   1.00 7.76   ? 26  LYS A N   1 
ATOM   196 C  CA  . LYS A 1 51 ? 12.317  12.335  -0.535  1.00 8.65   ? 26  LYS A CA  1 
ATOM   197 C  C   . LYS A 1 51 ? 13.361  12.197  -1.664  1.00 8.87   ? 26  LYS A C   1 
ATOM   198 O  O   . LYS A 1 51 ? 14.569  12.122  -1.373  1.00 9.73   ? 26  LYS A O   1 
ATOM   199 C  CB  . LYS A 1 51 ? 12.353  13.726  0.094   1.00 11.23  ? 26  LYS A CB  1 
ATOM   200 C  CG  . LYS A 1 51 ? 12.013  14.817  -0.882  1.00 14.10  ? 26  LYS A CG  1 
ATOM   201 C  CD  . LYS A 1 51 ? 11.935  16.160  -0.222  1.00 18.88  ? 26  LYS A CD  1 
ATOM   202 C  CE  . LYS A 1 51 ? 11.752  17.329  -1.163  1.00 30.86  ? 26  LYS A CE  1 
ATOM   203 N  NZ  . LYS A 1 51 ? 11.177  16.948  -2.484  1.00 46.66  ? 26  LYS A NZ  1 
ATOM   204 N  N   . ASN A 1 52 ? 12.877  12.223  -2.896  1.00 8.43   ? 27  ASN A N   1 
ATOM   205 C  CA  . ASN A 1 52 ? 13.691  12.214  -4.131  1.00 9.97   ? 27  ASN A CA  1 
ATOM   206 C  C   . ASN A 1 52 ? 14.204  10.829  -4.465  1.00 8.82   ? 27  ASN A C   1 
ATOM   207 O  O   . ASN A 1 52 ? 14.785  10.667  -5.561  1.00 9.99   ? 27  ASN A O   1 
ATOM   208 C  CB  . ASN A 1 52 ? 14.867  13.195  -4.086  1.00 12.46  ? 27  ASN A CB  1 
ATOM   209 C  CG  . ASN A 1 52 ? 14.394  14.620  -3.886  1.00 14.97  ? 27  ASN A CG  1 
ATOM   210 O  OD1 . ASN A 1 52 ? 13.377  15.032  -4.451  1.00 20.77  ? 27  ASN A OD1 1 
ATOM   211 N  ND2 . ASN A 1 52 ? 15.147  15.377  -3.110  1.00 24.15  ? 27  ASN A ND2 1 
ATOM   212 N  N   . GLU A 1 53 ? 13.978  9.821   -3.638  1.00 8.44   ? 28  GLU A N   1 
ATOM   213 C  CA  . GLU A 1 53 ? 14.330  8.414   -4.017  1.00 7.54   ? 28  GLU A CA  1 
ATOM   214 C  C   . GLU A 1 53 ? 13.482  7.979   -5.211  1.00 7.87   ? 28  GLU A C   1 
ATOM   215 O  O   . GLU A 1 53 ? 12.302  8.335   -5.294  1.00 7.56   ? 28  GLU A O   1 
ATOM   216 C  CB  . GLU A 1 53 ? 14.064  7.512   -2.805  1.00 8.75   ? 28  GLU A CB  1 
ATOM   217 C  CG  . GLU A 1 53 ? 14.463  6.106   -3.007  1.00 9.51   ? 28  GLU A CG  1 
ATOM   218 C  CD  . GLU A 1 53 ? 14.300  5.236   -1.769  1.00 9.70   ? 28  GLU A CD  1 
ATOM   219 O  OE1 . GLU A 1 53 ? 14.003  5.782   -0.673  1.00 10.34  ? 28  GLU A OE1 1 
ATOM   220 O  OE2 . GLU A 1 53 ? 14.571  4.035   -1.896  1.00 11.40  ? 28  GLU A OE2 1 
ATOM   221 N  N   . ARG A 1 54 ? 14.091  7.200   -6.118  1.00 8.68   ? 29  ARG A N   1 
ATOM   222 C  CA  . ARG A 1 54 ? 13.368  6.657   -7.274  1.00 9.12   ? 29  ARG A CA  1 
ATOM   223 C  C   . ARG A 1 54 ? 13.057  5.206   -7.018  1.00 14.21  ? 29  ARG A C   1 
ATOM   224 O  O   . ARG A 1 54 ? 13.934  4.500   -6.482  1.00 9.02   ? 29  ARG A O   1 
ATOM   225 C  CB  . ARG A 1 54 ? 14.168  6.922   -8.563  1.00 8.98   ? 29  ARG A CB  1 
ATOM   226 C  CG  . ARG A 1 54 ? 14.441  8.418   -8.804  1.00 12.03  ? 29  ARG A CG  1 
ATOM   227 C  CD  . ARG A 1 54 ? 14.937  8.774   -10.149 1.00 15.04  ? 29  ARG A CD  1 
ATOM   228 N  NE  . ARG A 1 54 ? 15.318  10.164  -10.187 1.00 17.66  ? 29  ARG A NE  1 
ATOM   229 C  CZ  . ARG A 1 54 ? 15.889  10.714  -11.288 1.00 21.26  ? 29  ARG A CZ  1 
ATOM   230 N  NH1 . ARG A 1 54 ? 16.290  11.968  -11.284 1.00 30.19  ? 29  ARG A NH1 1 
ATOM   231 N  NH2 . ARG A 1 54 ? 16.058  9.995   -12.383 1.00 23.96  ? 29  ARG A NH2 1 
ATOM   232 N  N   . LEU A 1 55 ? 11.893  4.759   -7.390  1.00 14.96  ? 30  LEU A N   1 
ATOM   233 C  CA  . LEU A 1 55 ? 11.427  3.404   -7.091  1.00 13.44  ? 30  LEU A CA  1 
ATOM   234 C  C   . LEU A 1 55 ? 10.728  2.842   -8.334  1.00 10.37  ? 30  LEU A C   1 
ATOM   235 O  O   . LEU A 1 55 ? 10.167  3.607   -9.096  1.00 10.72  ? 30  LEU A O   1 
ATOM   236 C  CB  . LEU A 1 55 ? 10.381  3.453   -5.978  1.00 12.04  ? 30  LEU A CB  1 
ATOM   237 C  CG  . LEU A 1 55 ? 10.811  4.160   -4.684  1.00 11.56  ? 30  LEU A CG  1 
ATOM   238 C  CD1 . LEU A 1 55 ? 9.686   4.961   -4.047  1.00 13.06  ? 30  LEU A CD1 1 
ATOM   239 C  CD2 . LEU A 1 55 ? 11.288  3.114   -3.761  1.00 13.58  ? 30  LEU A CD2 1 
ATOM   240 N  N   . TRP A 1 56 ? 10.750  1.525   -8.477  1.00 10.16  ? 31  TRP A N   1 
ATOM   241 C  CA  . TRP A 1 56 ? 9.875   0.821   -9.448  1.00 11.93  ? 31  TRP A CA  1 
ATOM   242 C  C   . TRP A 1 56 ? 8.437   0.801   -8.891  1.00 9.43   ? 31  TRP A C   1 
ATOM   243 O  O   . TRP A 1 56 ? 8.302   0.376   -7.745  1.00 9.91   ? 31  TRP A O   1 
ATOM   244 C  CB  . TRP A 1 56 ? 10.372  -0.631  -9.654  1.00 11.81  ? 31  TRP A CB  1 
ATOM   245 C  CG  . TRP A 1 56 ? 11.801  -0.898  -10.036 1.00 10.45  ? 31  TRP A CG  1 
ATOM   246 C  CD1 . TRP A 1 56 ? 12.794  -1.356  -9.236  1.00 11.51  ? 31  TRP A CD1 1 
ATOM   247 C  CD2 . TRP A 1 56 ? 12.370  -0.811  -11.382 1.00 9.73   ? 31  TRP A CD2 1 
ATOM   248 N  NE1 . TRP A 1 56 ? 13.937  -1.567  -9.979  1.00 12.16  ? 31  TRP A NE1 1 
ATOM   249 C  CE2 . TRP A 1 56 ? 13.726  -1.202  -11.284 1.00 11.31  ? 31  TRP A CE2 1 
ATOM   250 C  CE3 . TRP A 1 56 ? 11.867  -0.312  -12.576 1.00 13.39  ? 31  TRP A CE3 1 
ATOM   251 C  CZ2 . TRP A 1 56 ? 14.552  -1.267  -12.431 1.00 12.03  ? 31  TRP A CZ2 1 
ATOM   252 C  CZ3 . TRP A 1 56 ? 12.688  -0.325  -13.676 1.00 13.95  ? 31  TRP A CZ3 1 
ATOM   253 C  CH2 . TRP A 1 56 ? 14.018  -0.754  -13.570 1.00 14.83  ? 31  TRP A CH2 1 
ATOM   254 N  N   . LEU A 1 57 ? 7.472   1.160   -9.703  1.00 9.49   ? 32  LEU A N   1 
ATOM   255 C  CA  . LEU A 1 57 ? 6.057   0.960   -9.358  1.00 10.02  ? 32  LEU A CA  1 
ATOM   256 C  C   . LEU A 1 57 ? 5.614   -0.396  -9.869  1.00 11.57  ? 32  LEU A C   1 
ATOM   257 O  O   . LEU A 1 57 ? 5.683   -0.628  -11.070 1.00 14.59  ? 32  LEU A O   1 
ATOM   258 C  CB  . LEU A 1 57 ? 5.202   2.089   -9.919  1.00 11.31  ? 32  LEU A CB  1 
ATOM   259 C  CG  . LEU A 1 57 ? 3.697   2.016   -9.688  1.00 14.09  ? 32  LEU A CG  1 
ATOM   260 C  CD1 . LEU A 1 57 ? 3.354   1.929   -8.198  1.00 13.04  ? 32  LEU A CD1 1 
ATOM   261 C  CD2 . LEU A 1 57 ? 3.017   3.211   -10.325 1.00 15.34  ? 32  LEU A CD2 1 
ATOM   262 N  N   . LEU A 1 58 ? 5.193   -1.265  -8.975  1.00 12.28  ? 33  LEU A N   1 
ATOM   263 C  CA  . LEU A 1 58 ? 4.760   -2.628  -9.292  1.00 12.60  ? 33  LEU A CA  1 
ATOM   264 C  C   . LEU A 1 58 ? 3.234   -2.708  -9.482  1.00 15.47  ? 33  LEU A C   1 
ATOM   265 O  O   . LEU A 1 58 ? 2.463   -1.826  -9.184  1.00 16.91  ? 33  LEU A O   1 
ATOM   266 C  CB  . LEU A 1 58 ? 5.262   -3.562  -8.189  1.00 14.66  ? 33  LEU A CB  1 
ATOM   267 C  CG  . LEU A 1 58 ? 6.745   -3.478  -7.820  1.00 17.11  ? 33  LEU A CG  1 
ATOM   268 C  CD1 . LEU A 1 58 ? 7.072   -4.575  -6.843  1.00 21.12  ? 33  LEU A CD1 1 
ATOM   269 C  CD2 . LEU A 1 58 ? 7.627   -3.572  -9.017  1.00 18.71  ? 33  LEU A CD2 1 
ATOM   270 N  N   . ASP A 1 59 ? 2.827   -3.866  -9.961  1.00 22.29  ? 34  ASP A N   1 
ATOM   271 C  CA  . ASP A 1 59 ? 1.404   -4.308  -10.012 1.00 25.83  ? 34  ASP A CA  1 
ATOM   272 C  C   . ASP A 1 59 ? 0.610   -3.389  -10.946 1.00 27.30  ? 34  ASP A C   1 
ATOM   273 O  O   . ASP A 1 59 ? -0.524  -3.049  -10.619 1.00 30.33  ? 34  ASP A O   1 
ATOM   274 C  CB  . ASP A 1 59 ? 0.769   -4.404  -8.624  1.00 32.10  ? 34  ASP A CB  1 
ATOM   275 C  CG  . ASP A 1 59 ? 1.548   -5.277  -7.648  1.00 32.42  ? 34  ASP A CG  1 
ATOM   276 O  OD1 . ASP A 1 59 ? 1.949   -6.399  -8.006  1.00 43.02  ? 34  ASP A OD1 1 
ATOM   277 O  OD2 . ASP A 1 59 ? 1.735   -4.809  -6.516  1.00 44.62  ? 34  ASP A OD2 1 
ATOM   278 N  N   . ASP A 1 60 ? 1.178   -3.060  -12.114 1.00 30.79  ? 35  ASP A N   1 
ATOM   279 C  CA  . ASP A 1 60 ? 0.442   -2.297  -13.161 1.00 37.71  ? 35  ASP A CA  1 
ATOM   280 C  C   . ASP A 1 60 ? -0.128  -1.039  -12.511 1.00 27.36  ? 35  ASP A C   1 
ATOM   281 O  O   . ASP A 1 60 ? -1.238  -0.615  -12.856 1.00 28.53  ? 35  ASP A O   1 
ATOM   282 C  CB  . ASP A 1 60 ? -0.634  -3.163  -13.827 1.00 54.51  ? 35  ASP A CB  1 
ATOM   283 C  CG  . ASP A 1 60 ? -0.029  -4.115  -14.842 1.00 73.74  ? 35  ASP A CG  1 
ATOM   284 O  OD1 . ASP A 1 60 ? 0.743   -3.613  -15.704 1.00 93.29  ? 35  ASP A OD1 1 
ATOM   285 O  OD2 . ASP A 1 60 ? -0.309  -5.342  -14.752 1.00 92.28  ? 35  ASP A OD2 1 
ATOM   286 N  N   . SER A 1 61 ? 0.639   -0.464  -11.581 1.00 22.92  ? 36  SER A N   1 
ATOM   287 C  CA  . SER A 1 61 ? 0.289   0.855   -10.986 1.00 29.35  ? 36  SER A CA  1 
ATOM   288 C  C   . SER A 1 61 ? -1.062  0.847   -10.208 1.00 31.20  ? 36  SER A C   1 
ATOM   289 O  O   . SER A 1 61 ? -1.605  1.955   -9.902  1.00 33.76  ? 36  SER A O   1 
ATOM   290 C  CB  . SER A 1 61 ? 0.283   1.865   -12.112 1.00 37.83  ? 36  SER A CB  1 
ATOM   291 O  OG  . SER A 1 61 ? 1.441   1.686   -12.928 1.00 36.16  ? 36  SER A OG  1 
ATOM   292 N  N   . LYS A 1 62 ? -1.569  -0.345  -9.856  1.00 25.91  ? 37  LYS A N   1 
ATOM   293 C  CA  . LYS A 1 62 ? -2.803  -0.577  -9.066  1.00 21.70  ? 37  LYS A CA  1 
ATOM   294 C  C   . LYS A 1 62 ? -2.706  0.162   -7.732  1.00 16.74  ? 37  LYS A C   1 
ATOM   295 O  O   . LYS A 1 62 ? -1.623  0.178   -7.152  1.00 18.25  ? 37  LYS A O   1 
ATOM   296 C  CB  . LYS A 1 62 ? -2.857  -2.064  -8.774  1.00 23.77  ? 37  LYS A CB  1 
ATOM   297 C  CG  . LYS A 1 62 ? -4.169  -2.590  -8.306  1.00 35.09  ? 37  LYS A CG  1 
ATOM   298 C  CD  . LYS A 1 62 ? -4.019  -4.023  -7.969  1.00 36.46  ? 37  LYS A CD  1 
ATOM   299 C  CE  . LYS A 1 62 ? -3.707  -4.862  -9.180  1.00 40.00  ? 37  LYS A CE  1 
ATOM   300 N  NZ  . LYS A 1 62 ? -4.295  -6.200  -8.982  1.00 51.60  ? 37  LYS A NZ  1 
ATOM   301 N  N   . SER A 1 63 ? -3.814  0.674   -7.226  1.00 12.21  ? 38  SER A N   1 
ATOM   302 C  CA  . SER A 1 63 ? -3.938  1.202   -5.860  1.00 11.64  ? 38  SER A CA  1 
ATOM   303 C  C   . SER A 1 63 ? -4.481  0.112   -4.948  1.00 9.04   ? 38  SER A C   1 
ATOM   304 O  O   . SER A 1 63 ? -5.373  -0.666  -5.370  1.00 10.92  ? 38  SER A O   1 
ATOM   305 C  CB  . SER A 1 63 ? -4.852  2.414   -5.780  1.00 18.02  ? 38  SER A CB  1 
ATOM   306 O  OG  . SER A 1 63 ? -4.201  3.526   -6.358  1.00 30.45  ? 38  SER A OG  1 
ATOM   307 N  N   . TRP A 1 64 ? -3.986  0.085   -3.720  1.00 7.07   ? 39  TRP A N   1 
ATOM   308 C  CA  . TRP A 1 64 ? -4.354  -0.955  -2.758  1.00 6.61   ? 39  TRP A CA  1 
ATOM   309 C  C   . TRP A 1 64 ? -4.939  -0.307  -1.485  1.00 6.77   ? 39  TRP A C   1 
ATOM   310 O  O   . TRP A 1 64 ? -4.477  0.759   -1.069  1.00 7.29   ? 39  TRP A O   1 
ATOM   311 C  CB  . TRP A 1 64 ? -3.166  -1.808  -2.360  1.00 7.01   ? 39  TRP A CB  1 
ATOM   312 C  CG  . TRP A 1 64 ? -2.459  -2.441  -3.522  1.00 7.47   ? 39  TRP A CG  1 
ATOM   313 C  CD1 . TRP A 1 64 ? -1.481  -1.874  -4.291  1.00 8.82   ? 39  TRP A CD1 1 
ATOM   314 C  CD2 . TRP A 1 64 ? -2.639  -3.768  -4.028  1.00 7.67   ? 39  TRP A CD2 1 
ATOM   315 N  NE1 . TRP A 1 64 ? -1.054  -2.767  -5.223  1.00 10.61  ? 39  TRP A NE1 1 
ATOM   316 C  CE2 . TRP A 1 64 ? -1.705  -3.942  -5.060  1.00 8.36   ? 39  TRP A CE2 1 
ATOM   317 C  CE3 . TRP A 1 64 ? -3.439  -4.844  -3.683  1.00 6.97   ? 39  TRP A CE3 1 
ATOM   318 C  CZ2 . TRP A 1 64 ? -1.619  -5.133  -5.769  1.00 10.30  ? 39  TRP A CZ2 1 
ATOM   319 C  CZ3 . TRP A 1 64 ? -3.361  -6.003  -4.369  1.00 7.86   ? 39  TRP A CZ3 1 
ATOM   320 C  CH2 . TRP A 1 64 ? -2.457  -6.159  -5.402  1.00 10.50  ? 39  TRP A CH2 1 
ATOM   321 N  N   . TRP A 1 65 ? -5.850  -1.028  -0.859  1.00 7.04   ? 40  TRP A N   1 
ATOM   322 C  CA  . TRP A 1 65 ? -6.333  -0.749  0.508   1.00 7.74   ? 40  TRP A CA  1 
ATOM   323 C  C   . TRP A 1 65 ? -5.880  -1.901  1.385   1.00 7.88   ? 40  TRP A C   1 
ATOM   324 O  O   . TRP A 1 65 ? -5.923  -3.057  0.980   1.00 8.25   ? 40  TRP A O   1 
ATOM   325 C  CB  . TRP A 1 65 ? -7.861  -0.583  0.576   1.00 9.60   ? 40  TRP A CB  1 
ATOM   326 C  CG  . TRP A 1 65 ? -8.368  0.737   0.081   1.00 10.58  ? 40  TRP A CG  1 
ATOM   327 C  CD1 . TRP A 1 65 ? -7.616  1.818   -0.248  1.00 14.67  ? 40  TRP A CD1 1 
ATOM   328 C  CD2 . TRP A 1 65 ? -9.722  1.133   -0.113  1.00 13.59  ? 40  TRP A CD2 1 
ATOM   329 N  NE1 . TRP A 1 65 ? -8.409  2.855   -0.643  1.00 18.73  ? 40  TRP A NE1 1 
ATOM   330 C  CE2 . TRP A 1 65 ? -9.712  2.455   -0.584  1.00 16.16  ? 40  TRP A CE2 1 
ATOM   331 C  CE3 . TRP A 1 65 ? -10.937 0.477   0.087   1.00 16.29  ? 40  TRP A CE3 1 
ATOM   332 C  CZ2 . TRP A 1 65 ? -10.904 3.142   -0.853  1.00 21.59  ? 40  TRP A CZ2 1 
ATOM   333 C  CZ3 . TRP A 1 65 ? -12.111 1.148   -0.176  1.00 18.83  ? 40  TRP A CZ3 1 
ATOM   334 C  CH2 . TRP A 1 65 ? -12.087 2.454   -0.662  1.00 20.86  ? 40  TRP A CH2 1 
ATOM   335 N  N   . ARG A 1 66 ? -5.569  -1.579  2.650   1.00 7.91   ? 41  ARG A N   1 
ATOM   336 C  CA  A ARG A 1 66 ? -5.273  -2.620  3.658   0.50 8.55   ? 41  ARG A CA  1 
ATOM   337 C  CA  B ARG A 1 66 ? -5.275  -2.622  3.651   0.50 8.64   ? 41  ARG A CA  1 
ATOM   338 C  C   . ARG A 1 66 ? -6.581  -2.886  4.407   1.00 8.19   ? 41  ARG A C   1 
ATOM   339 O  O   . ARG A 1 66 ? -7.173  -1.943  4.911   1.00 9.03   ? 41  ARG A O   1 
ATOM   340 C  CB  A ARG A 1 66 ? -4.149  -2.226  4.611   0.50 10.19  ? 41  ARG A CB  1 
ATOM   341 C  CB  B ARG A 1 66 ? -4.132  -2.192  4.560   0.50 10.57  ? 41  ARG A CB  1 
ATOM   342 C  CG  A ARG A 1 66 ? -3.742  -3.351  5.543   0.50 13.39  ? 41  ARG A CG  1 
ATOM   343 C  CG  B ARG A 1 66 ? -3.611  -3.285  5.470   0.50 14.85  ? 41  ARG A CG  1 
ATOM   344 C  CD  A ARG A 1 66 ? -2.879  -2.836  6.694   0.50 14.88  ? 41  ARG A CD  1 
ATOM   345 C  CD  B ARG A 1 66 ? -2.832  -2.565  6.567   0.50 19.34  ? 41  ARG A CD  1 
ATOM   346 N  NE  A ARG A 1 66 ? -1.499  -3.116  6.405   0.50 17.73  ? 41  ARG A NE  1 
ATOM   347 N  NE  B ARG A 1 66 ? -2.144  -3.451  7.474   0.50 26.02  ? 41  ARG A NE  1 
ATOM   348 C  CZ  A ARG A 1 66 ? -0.502  -2.230  6.400   0.50 18.27  ? 41  ARG A CZ  1 
ATOM   349 C  CZ  B ARG A 1 66 ? -2.110  -3.278  8.786   0.50 29.95  ? 41  ARG A CZ  1 
ATOM   350 N  NH1 A ARG A 1 66 ? -0.725  -0.952  6.620   0.50 20.53  ? 41  ARG A NH1 1 
ATOM   351 N  NH1 B ARG A 1 66 ? -2.734  -2.244  9.333   0.50 32.90  ? 41  ARG A NH1 1 
ATOM   352 N  NH2 A ARG A 1 66 ? 0.733   -2.641  6.200   0.50 23.76  ? 41  ARG A NH2 1 
ATOM   353 N  NH2 B ARG A 1 66 ? -1.449  -4.126  9.546   0.50 33.54  ? 41  ARG A NH2 1 
ATOM   354 N  N   . VAL A 1 67 ? -6.976  -4.150  4.463   1.00 8.31   ? 42  VAL A N   1 
ATOM   355 C  CA  . VAL A 1 67 ? -8.253  -4.578  5.062   1.00 8.08   ? 42  VAL A CA  1 
ATOM   356 C  C   . VAL A 1 67 ? -7.990  -5.722  6.027   1.00 8.45   ? 42  VAL A C   1 
ATOM   357 O  O   . VAL A 1 67 ? -6.996  -6.437  5.955   1.00 10.46  ? 42  VAL A O   1 
ATOM   358 C  CB  . VAL A 1 67 ? -9.269  -4.924  3.948   1.00 8.16   ? 42  VAL A CB  1 
ATOM   359 C  CG1 . VAL A 1 67 ? -9.603  -3.685  3.147   1.00 8.99   ? 42  VAL A CG1 1 
ATOM   360 C  CG2 . VAL A 1 67 ? -8.788  -6.037  3.022   1.00 9.61   ? 42  VAL A CG2 1 
ATOM   361 N  N   . ARG A 1 68 ? -8.976  -5.920  6.878   1.00 9.75   ? 43  ARG A N   1 
ATOM   362 C  CA  A ARG A 1 68 ? -9.005  -7.062  7.811   0.50 11.84  ? 43  ARG A CA  1 
ATOM   363 C  CA  B ARG A 1 68 ? -9.016  -7.040  7.852   0.50 12.11  ? 43  ARG A CA  1 
ATOM   364 C  C   . ARG A 1 68 ? -10.345 -7.789  7.680   1.00 13.97  ? 43  ARG A C   1 
ATOM   365 O  O   . ARG A 1 68 ? -11.401 -7.141  7.671   1.00 9.81   ? 43  ARG A O   1 
ATOM   366 C  CB  A ARG A 1 68 ? -8.708  -6.630  9.249   0.50 15.32  ? 43  ARG A CB  1 
ATOM   367 C  CB  B ARG A 1 68 ? -8.767  -6.526  9.283   0.50 15.48  ? 43  ARG A CB  1 
ATOM   368 C  CG  A ARG A 1 68 ? -8.538  -7.806  10.203  0.50 17.19  ? 43  ARG A CG  1 
ATOM   369 C  CG  B ARG A 1 68 ? -8.810  -7.566  10.405  0.50 19.09  ? 43  ARG A CG  1 
ATOM   370 C  CD  A ARG A 1 68 ? -7.997  -7.366  11.544  0.50 20.81  ? 43  ARG A CD  1 
ATOM   371 C  CD  B ARG A 1 68 ? -8.386  -6.961  11.762  0.50 25.31  ? 43  ARG A CD  1 
ATOM   372 N  NE  A ARG A 1 68 ? -8.972  -6.387  11.992  0.50 26.18  ? 43  ARG A NE  1 
ATOM   373 N  NE  B ARG A 1 68 ? -7.964  -7.878  12.828  0.50 28.07  ? 43  ARG A NE  1 
ATOM   374 C  CZ  A ARG A 1 68 ? -8.662  -5.276  12.585  0.50 31.46  ? 43  ARG A CZ  1 
ATOM   375 C  CZ  B ARG A 1 68 ? -7.461  -7.485  13.973  0.50 37.14  ? 43  ARG A CZ  1 
ATOM   376 N  NH1 A ARG A 1 68 ? -9.603  -4.407  12.903  0.50 37.47  ? 43  ARG A NH1 1 
ATOM   377 N  NH1 B ARG A 1 68 ? -7.082  -8.370  14.874  0.50 40.19  ? 43  ARG A NH1 1 
ATOM   378 N  NH2 A ARG A 1 68 ? -7.406  -5.063  12.917  0.50 40.52  ? 43  ARG A NH2 1 
ATOM   379 N  NH2 B ARG A 1 68 ? -7.373  -6.194  14.227  0.50 51.71  ? 43  ARG A NH2 1 
ATOM   380 N  N   . ASN A 1 69 ? -10.288 -9.107  7.580   1.00 15.72  ? 44  ASN A N   1 
ATOM   381 C  CA  . ASN A 1 69 ? -11.510 -9.876  7.359   1.00 14.63  ? 44  ASN A CA  1 
ATOM   382 C  C   . ASN A 1 69 ? -12.115 -10.301 8.699   1.00 15.39  ? 44  ASN A C   1 
ATOM   383 O  O   . ASN A 1 69 ? -11.563 -10.061 9.814   1.00 9.96   ? 44  ASN A O   1 
ATOM   384 C  CB  . ASN A 1 69 ? -11.251 -11.001 6.360   1.00 17.08  ? 44  ASN A CB  1 
ATOM   385 C  CG  . ASN A 1 69 ? -10.355 -12.114 6.865   1.00 15.35  ? 44  ASN A CG  1 
ATOM   386 O  OD1 . ASN A 1 69 ? -10.115 -12.254 8.074   1.00 11.03  ? 44  ASN A OD1 1 
ATOM   387 N  ND2 . ASN A 1 69 ? -9.870  -12.914 5.918   1.00 17.76  ? 44  ASN A ND2 1 
ATOM   388 N  N   . SER A 1 70 ? -13.181 -11.038 8.560   1.00 13.48  ? 45  SER A N   1 
ATOM   389 C  CA  . SER A 1 70 ? -13.938 -11.547 9.734   1.00 11.73  ? 45  SER A CA  1 
ATOM   390 C  C   . SER A 1 70 ? -13.149 -12.593 10.554  1.00 9.72   ? 45  SER A C   1 
ATOM   391 O  O   . SER A 1 70 ? -13.550 -12.890 11.669  1.00 12.42  ? 45  SER A O   1 
ATOM   392 C  CB  . SER A 1 70 ? -15.238 -12.111 9.273   1.00 12.55  ? 45  SER A CB  1 
ATOM   393 O  OG  . SER A 1 70 ? -15.074 -13.301 8.527   1.00 14.37  ? 45  SER A OG  1 
ATOM   394 N  N   . MET A 1 71 ? -12.102 -13.178 9.979   1.00 9.38   ? 46  MET A N   1 
ATOM   395 C  CA  . MET A 1 71 ? -11.204 -14.112 10.651  1.00 10.50  ? 46  MET A CA  1 
ATOM   396 C  C   . MET A 1 71 ? -9.935  -13.389 11.112  1.00 9.65   ? 46  MET A C   1 
ATOM   397 O  O   . MET A 1 71 ? -9.004  -14.052 11.547  1.00 10.98  ? 46  MET A O   1 
ATOM   398 C  CB  . MET A 1 71 ? -10.891 -15.315 9.761   1.00 14.34  ? 46  MET A CB  1 
ATOM   399 C  CG  . MET A 1 71 ? -12.132 -16.145 9.550   1.00 21.72  ? 46  MET A CG  1 
ATOM   400 S  SD  . MET A 1 71 ? -11.839 -17.460 8.431   1.00 35.30  ? 46  MET A SD  1 
ATOM   401 C  CE  . MET A 1 71 ? -11.692 -16.492 6.923   1.00 34.05  ? 46  MET A CE  1 
ATOM   402 N  N   . ASN A 1 72 ? -9.922  -12.065 11.121  1.00 9.57   ? 47  ASN A N   1 
ATOM   403 C  CA  . ASN A 1 72 ? -8.817  -11.267 11.672  1.00 9.22   ? 47  ASN A CA  1 
ATOM   404 C  C   . ASN A 1 72 ? -7.529  -11.517 10.908  1.00 9.40   ? 47  ASN A C   1 
ATOM   405 O  O   . ASN A 1 72 ? -6.468  -11.247 11.437  1.00 12.49  ? 47  ASN A O   1 
ATOM   406 C  CB  . ASN A 1 72 ? -8.664  -11.469 13.167  1.00 11.14  ? 47  ASN A CB  1 
ATOM   407 C  CG  . ASN A 1 72 ? -9.883  -10.863 13.804  1.00 11.01  ? 47  ASN A CG  1 
ATOM   408 O  OD1 . ASN A 1 72 ? -10.221 -9.707  13.528  1.00 11.95  ? 47  ASN A OD1 1 
ATOM   409 N  ND2 . ASN A 1 72 ? -10.616 -11.667 14.570  1.00 11.65  ? 47  ASN A ND2 1 
ATOM   410 N  N   . LYS A 1 73 ? -7.628  -11.846 9.620   1.00 10.03  ? 48  LYS A N   1 
ATOM   411 C  CA  . LYS A 1 73 ? -6.455  -11.856 8.725   1.00 10.31  ? 48  LYS A CA  1 
ATOM   412 C  C   . LYS A 1 73 ? -6.433  -10.499 8.033   1.00 9.86   ? 48  LYS A C   1 
ATOM   413 O  O   . LYS A 1 73 ? -7.473  -10.020 7.600   1.00 10.39  ? 48  LYS A O   1 
ATOM   414 C  CB  . LYS A 1 73 ? -6.563  -13.037 7.729   1.00 14.33  ? 48  LYS A CB  1 
ATOM   415 C  CG  . LYS A 1 73 ? -5.318  -13.341 6.916   1.00 19.08  ? 48  LYS A CG  1 
ATOM   416 C  CD  . LYS A 1 73 ? -5.477  -14.527 5.987   1.00 23.77  ? 48  LYS A CD  1 
ATOM   417 C  CE  . LYS A 1 73 ? -4.466  -14.526 4.872   1.00 27.53  ? 48  LYS A CE  1 
ATOM   418 N  NZ  . LYS A 1 73 ? -3.077  -14.527 5.392   1.00 48.30  ? 48  LYS A NZ  1 
ATOM   419 N  N   . THR A 1 74 ? -5.246  -9.929  7.917   1.00 11.59  ? 49  THR A N   1 
ATOM   420 C  CA  A THR A 1 74 ? -5.002  -8.614  7.286   0.50 12.07  ? 49  THR A CA  1 
ATOM   421 C  CA  B THR A 1 74 ? -5.073  -8.626  7.246   0.50 12.91  ? 49  THR A CA  1 
ATOM   422 C  C   . THR A 1 74 ? -4.217  -8.780  5.980   1.00 11.48  ? 49  THR A C   1 
ATOM   423 O  O   . THR A 1 74 ? -3.407  -9.727  5.854   1.00 14.33  ? 49  THR A O   1 
ATOM   424 C  CB  A THR A 1 74 ? -4.203  -7.709  8.220   0.50 13.95  ? 49  THR A CB  1 
ATOM   425 C  CB  B THR A 1 74 ? -4.484  -7.586  8.192   0.50 16.62  ? 49  THR A CB  1 
ATOM   426 O  OG1 A THR A 1 74 ? -4.939  -7.642  9.437   0.50 17.83  ? 49  THR A OG1 1 
ATOM   427 O  OG1 B THR A 1 74 ? -3.167  -8.065  8.423   0.50 19.41  ? 49  THR A OG1 1 
ATOM   428 C  CG2 A THR A 1 74 ? -3.941  -6.323  7.681   0.50 14.64  ? 49  THR A CG2 1 
ATOM   429 C  CG2 B THR A 1 74 ? -5.225  -7.459  9.508   0.50 18.76  ? 49  THR A CG2 1 
ATOM   430 N  N   . GLY A 1 75 ? -4.542  -7.932  5.023   1.00 9.50   ? 50  GLY A N   1 
ATOM   431 C  CA  . GLY A 1 75 ? -3.778  -7.853  3.786   1.00 8.91   ? 50  GLY A CA  1 
ATOM   432 C  C   . GLY A 1 75 ? -4.298  -6.787  2.889   1.00 7.61   ? 50  GLY A C   1 
ATOM   433 O  O   . GLY A 1 75 ? -5.277  -6.109  3.165   1.00 9.93   ? 50  GLY A O   1 
ATOM   434 N  N   . PHE A 1 76 ? -3.602  -6.656  1.792   1.00 7.44   ? 51  PHE A N   1 
ATOM   435 C  CA  . PHE A 1 76 ? -3.905  -5.637  0.783   1.00 6.83   ? 51  PHE A CA  1 
ATOM   436 C  C   . PHE A 1 76 ? -4.802  -6.229  -0.313  1.00 6.80   ? 51  PHE A C   1 
ATOM   437 O  O   . PHE A 1 76 ? -4.584  -7.357  -0.753  1.00 8.08   ? 51  PHE A O   1 
ATOM   438 C  CB  . PHE A 1 76 ? -2.601  -5.073  0.199   1.00 7.79   ? 51  PHE A CB  1 
ATOM   439 C  CG  . PHE A 1 76 ? -1.801  -4.281  1.210   1.00 8.24   ? 51  PHE A CG  1 
ATOM   440 C  CD1 . PHE A 1 76 ? -0.886  -4.906  2.046   1.00 11.41  ? 51  PHE A CD1 1 
ATOM   441 C  CD2 . PHE A 1 76 ? -1.970  -2.921  1.313   1.00 8.42   ? 51  PHE A CD2 1 
ATOM   442 C  CE1 . PHE A 1 76 ? -0.151  -4.171  2.950   1.00 13.48  ? 51  PHE A CE1 1 
ATOM   443 C  CE2 . PHE A 1 76 ? -1.255  -2.171  2.229   1.00 8.98   ? 51  PHE A CE2 1 
ATOM   444 C  CZ  . PHE A 1 76 ? -0.330  -2.801  3.021   1.00 11.52  ? 51  PHE A CZ  1 
ATOM   445 N  N   . VAL A 1 77 ? -5.783  -5.430  -0.728  1.00 6.76   ? 52  VAL A N   1 
ATOM   446 C  CA  . VAL A 1 77 ? -6.657  -5.760  -1.877  1.00 7.17   ? 52  VAL A CA  1 
ATOM   447 C  C   . VAL A 1 77 ? -6.696  -4.548  -2.782  1.00 6.79   ? 52  VAL A C   1 
ATOM   448 O  O   . VAL A 1 77 ? -6.487  -3.413  -2.353  1.00 7.26   ? 52  VAL A O   1 
ATOM   449 C  CB  . VAL A 1 77 ? -8.058  -6.178  -1.420  1.00 7.91   ? 52  VAL A CB  1 
ATOM   450 C  CG1 . VAL A 1 77 ? -8.008  -7.371  -0.520  1.00 8.48   ? 52  VAL A CG1 1 
ATOM   451 C  CG2 . VAL A 1 77 ? -8.804  -5.048  -0.747  1.00 8.12   ? 52  VAL A CG2 1 
ATOM   452 N  N   . PRO A 1 78 ? -7.040  -4.713  -4.073  1.00 7.40   ? 53  PRO A N   1 
ATOM   453 C  CA  . PRO A 1 78 ? -7.148  -3.555  -4.960  1.00 7.77   ? 53  PRO A CA  1 
ATOM   454 C  C   . PRO A 1 78 ? -8.277  -2.671  -4.486  1.00 7.27   ? 53  PRO A C   1 
ATOM   455 O  O   . PRO A 1 78 ? -9.347  -3.159  -4.225  1.00 7.85   ? 53  PRO A O   1 
ATOM   456 C  CB  . PRO A 1 78 ? -7.435  -4.180  -6.319  1.00 9.55   ? 53  PRO A CB  1 
ATOM   457 C  CG  . PRO A 1 78 ? -6.952  -5.598  -6.215  1.00 10.72  ? 53  PRO A CG  1 
ATOM   458 C  CD  . PRO A 1 78 ? -7.240  -5.985  -4.785  1.00 8.81   ? 53  PRO A CD  1 
ATOM   459 N  N   . SER A 1 79 ? -7.994  -1.374  -4.412  1.00 8.67   ? 54  SER A N   1 
ATOM   460 C  CA  . SER A 1 79 ? -9.007  -0.423  -3.873  1.00 10.46  ? 54  SER A CA  1 
ATOM   461 C  C   . SER A 1 79 ? -10.246 -0.381  -4.781  1.00 9.44   ? 54  SER A C   1 
ATOM   462 O  O   . SER A 1 79 ? -11.348 -0.193  -4.299  1.00 12.59  ? 54  SER A O   1 
ATOM   463 C  CB  . SER A 1 79 ? -8.450  0.924   -3.594  1.00 14.53  ? 54  SER A CB  1 
ATOM   464 O  OG  . SER A 1 79 ? -7.976  1.471   -4.783  1.00 17.26  ? 54  SER A OG  1 
ATOM   465 N  N   . ASN A 1 80 ? -10.091 -0.661  -6.083  1.00 9.56   ? 55  ASN A N   1 
ATOM   466 C  CA  . ASN A 1 80 ? -11.240 -0.697  -7.010  1.00 11.30  ? 55  ASN A CA  1 
ATOM   467 C  C   . ASN A 1 80 ? -12.184 -1.844  -6.685  1.00 8.90   ? 55  ASN A C   1 
ATOM   468 O  O   . ASN A 1 80 ? -13.292 -1.831  -7.236  1.00 12.33  ? 55  ASN A O   1 
ATOM   469 C  CB  . ASN A 1 80 ? -10.793 -0.880  -8.465  1.00 18.08  ? 55  ASN A CB  1 
ATOM   470 C  CG  . ASN A 1 80 ? -10.111 0.318   -9.075  1.00 21.80  ? 55  ASN A CG  1 
ATOM   471 O  OD1 . ASN A 1 80 ? -10.126 1.439   -8.512  1.00 27.97  ? 55  ASN A OD1 1 
ATOM   472 N  ND2 . ASN A 1 80 ? -9.532  0.096   -10.255 1.00 28.66  ? 55  ASN A ND2 1 
ATOM   473 N  N   . TYR A 1 81 ? -11.733 -2.891  -5.956  1.00 7.62   ? 56  TYR A N   1 
ATOM   474 C  CA  . TYR A 1 81 ? -12.597 -4.066  -5.747  1.00 8.19   ? 56  TYR A CA  1 
ATOM   475 C  C   . TYR A 1 81 ? -13.470 -3.932  -4.492  1.00 8.90   ? 56  TYR A C   1 
ATOM   476 O  O   . TYR A 1 81 ? -14.254 -4.849  -4.273  1.00 11.71  ? 56  TYR A O   1 
ATOM   477 C  CB  . TYR A 1 81 ? -11.761 -5.309  -5.611  1.00 7.76   ? 56  TYR A CB  1 
ATOM   478 C  CG  . TYR A 1 81 ? -11.216 -5.873  -6.891  1.00 8.55   ? 56  TYR A CG  1 
ATOM   479 C  CD1 . TYR A 1 81 ? -10.537 -5.107  -7.827  1.00 9.55   ? 56  TYR A CD1 1 
ATOM   480 C  CD2 . TYR A 1 81 ? -11.338 -7.221  -7.148  1.00 7.70   ? 56  TYR A CD2 1 
ATOM   481 C  CE1 . TYR A 1 81 ? -9.973  -5.679  -8.945  1.00 9.95   ? 56  TYR A CE1 1 
ATOM   482 C  CE2 . TYR A 1 81 ? -10.794 -7.808  -8.278  1.00 9.30   ? 56  TYR A CE2 1 
ATOM   483 C  CZ  . TYR A 1 81 ? -10.088 -7.032  -9.178  1.00 9.67   ? 56  TYR A CZ  1 
ATOM   484 O  OH  . TYR A 1 81 ? -9.526  -7.554  -10.308 1.00 12.20  ? 56  TYR A OH  1 
ATOM   485 N  N   . VAL A 1 82 ? -13.356 -2.846  -3.747  1.00 9.09   ? 57  VAL A N   1 
ATOM   486 C  CA  . VAL A 1 82 ? -14.118 -2.707  -2.487  1.00 10.61  ? 57  VAL A CA  1 
ATOM   487 C  C   . VAL A 1 82 ? -14.744 -1.305  -2.468  1.00 12.24  ? 57  VAL A C   1 
ATOM   488 O  O   . VAL A 1 82 ? -14.207 -0.356  -3.095  1.00 14.75  ? 57  VAL A O   1 
ATOM   489 C  CB  . VAL A 1 82 ? -13.223 -2.955  -1.258  1.00 13.46  ? 57  VAL A CB  1 
ATOM   490 C  CG1 . VAL A 1 82 ? -12.888 -4.405  -1.028  1.00 14.16  ? 57  VAL A CG1 1 
ATOM   491 C  CG2 . VAL A 1 82 ? -11.910 -2.222  -1.385  1.00 19.40  ? 57  VAL A CG2 1 
ATOM   492 N  N   . GLU A 1 83 ? -15.853 -1.149  -1.754  1.00 13.56  ? 58  GLU A N   1 
ATOM   493 C  CA  . GLU A 1 83 ? -16.398 0.189   -1.538  1.00 15.72  ? 58  GLU A CA  1 
ATOM   494 C  C   . GLU A 1 83 ? -16.994 0.304   -0.149  1.00 15.59  ? 58  GLU A C   1 
ATOM   495 O  O   . GLU A 1 83 ? -17.383 -0.696  0.445   1.00 13.12  ? 58  GLU A O   1 
ATOM   496 C  CB  . GLU A 1 83 ? -17.431 0.470   -2.572  1.00 19.45  ? 58  GLU A CB  1 
ATOM   497 C  CG  . GLU A 1 83 ? -18.609 -0.448  -2.553  1.00 22.19  ? 58  GLU A CG  1 
ATOM   498 C  CD  . GLU A 1 83 ? -19.461 -0.154  -3.796  1.00 34.17  ? 58  GLU A CD  1 
ATOM   499 O  OE1 . GLU A 1 83 ? -19.244 0.953   -4.494  1.00 39.95  ? 58  GLU A OE1 1 
ATOM   500 O  OE2 . GLU A 1 83 ? -20.339 -1.021  -4.101  1.00 55.77  ? 58  GLU A OE2 1 
ATOM   501 N  N   . ARG A 1 84 ? -17.084 1.527   0.333   1.00 18.16  ? 59  ARG A N   1 
ATOM   502 C  CA  . ARG A 1 84 ? -17.692 1.766   1.666   1.00 20.49  ? 59  ARG A CA  1 
ATOM   503 C  C   . ARG A 1 84 ? -19.122 1.240   1.679   1.00 19.55  ? 59  ARG A C   1 
ATOM   504 O  O   . ARG A 1 84 ? -19.843 1.436   0.734   1.00 23.73  ? 59  ARG A O   1 
ATOM   505 C  CB  . ARG A 1 84 ? -17.590 3.230   2.062   1.00 25.48  ? 59  ARG A CB  1 
ATOM   506 C  CG  . ARG A 1 84 ? -16.143 3.631   2.298   1.00 30.59  ? 59  ARG A CG  1 
ATOM   507 C  CD  . ARG A 1 84 ? -16.049 5.065   2.765   1.00 43.45  ? 59  ARG A CD  1 
ATOM   508 N  NE  . ARG A 1 84 ? -14.668 5.429   3.047   1.00 59.32  ? 59  ARG A NE  1 
ATOM   509 C  CZ  . ARG A 1 84 ? -14.243 6.024   4.162   1.00 73.78  ? 59  ARG A CZ  1 
ATOM   510 N  NH1 . ARG A 1 84 ? -12.956 6.308   4.297   1.00 98.55  ? 59  ARG A NH1 1 
ATOM   511 N  NH2 . ARG A 1 84 ? -15.091 6.346   5.132   1.00 84.97  ? 59  ARG A NH2 1 
ATOM   512 N  N   . LYS A 1 85 ? -19.482 0.653   2.809   1.00 20.66  ? 60  LYS A N   1 
ATOM   513 C  CA  . LYS A 1 85 ? -20.828 0.105   3.102   1.00 22.78  ? 60  LYS A CA  1 
ATOM   514 C  C   . LYS A 1 85 ? -21.670 1.221   3.708   1.00 21.25  ? 60  LYS A C   1 
ATOM   515 O  O   . LYS A 1 85 ? -21.207 1.861   4.683   1.00 21.68  ? 60  LYS A O   1 
ATOM   516 C  CB  . LYS A 1 85 ? -20.665 -1.055  4.073   1.00 29.27  ? 60  LYS A CB  1 
ATOM   517 C  CG  . LYS A 1 85 ? -21.928 -1.707  4.619   1.00 36.57  ? 60  LYS A CG  1 
ATOM   518 C  CD  . LYS A 1 85 ? -21.636 -2.750  5.725   1.00 40.91  ? 60  LYS A CD  1 
ATOM   519 C  CE  . LYS A 1 85 ? -21.699 -2.263  7.166   1.00 45.98  ? 60  LYS A CE  1 
ATOM   520 N  NZ  . LYS A 1 85 ? -21.756 -3.407  8.122   1.00 38.44  ? 60  LYS A NZ  1 
ATOM   521 N  N   . ASN A 1 86 ? -22.921 1.364   3.251   1.00 20.63  ? 61  ASN A N   1 
ATOM   522 C  CA  . ASN A 1 86 ? -23.905 2.289   3.898   1.00 20.01  ? 61  ASN A CA  1 
ATOM   523 C  C   . ASN A 1 86 ? -24.854 1.493   4.786   1.00 22.85  ? 61  ASN A C   1 
ATOM   524 O  O   . ASN A 1 86 ? -26.077 1.553   4.567   1.00 23.49  ? 61  ASN A O   1 
ATOM   525 C  CB  . ASN A 1 86 ? -24.721 3.157   2.948   1.00 19.28  ? 61  ASN A CB  1 
ATOM   526 C  CG  . ASN A 1 86 ? -23.861 4.090   2.144   1.00 20.55  ? 61  ASN A CG  1 
ATOM   527 O  OD1 . ASN A 1 86 ? -23.515 5.194   2.568   1.00 19.67  ? 61  ASN A OD1 1 
ATOM   528 N  ND2 . ASN A 1 86 ? -23.484 3.600   0.967   1.00 20.06  ? 61  ASN A ND2 1 
ATOM   529 N  N   . SER A 1 87 ? -24.309 0.927   5.848   1.00 22.99  ? 62  SER A N   1 
ATOM   530 C  CA  . SER A 1 87 ? -25.082 0.458   7.024   1.00 26.11  ? 62  SER A CA  1 
ATOM   531 C  C   . SER A 1 87 ? -24.150 0.444   8.248   1.00 28.19  ? 62  SER A C   1 
ATOM   532 O  O   . SER A 1 87 ? -24.641 0.057   9.290   1.00 42.94  ? 62  SER A O   1 
ATOM   533 C  CB  . SER A 1 87 ? -25.738 -0.889  6.742   1.00 35.09  ? 62  SER A CB  1 
ATOM   534 O  OG  . SER A 1 87 ? -24.759 -1.860  6.447   1.00 33.53  ? 62  SER A OG  1 
ATOM   535 O  OXT . SER A 1 87 ? -22.942 0.808   8.250   1.00 36.54  ? 62  SER A OXT 1 
HETATM 536 NA NA  . NA  B 2 .  ? -13.023 1.448   -3.887  1.00 25.15  ? 101 NA  A NA  1 
HETATM 537 O  O   . HOH C 3 .  ? -0.223  -7.755  4.350   0.50 13.69  ? 201 HOH A O   1 
HETATM 538 O  O   . HOH C 3 .  ? -1.200  -6.231  6.312   0.50 24.05  ? 202 HOH A O   1 
HETATM 539 O  O   . HOH C 3 .  ? 13.844  0.550   8.638   1.00 41.55  ? 203 HOH A O   1 
HETATM 540 O  O   . HOH C 3 .  ? -3.037  -8.223  -8.719  1.00 23.92  ? 204 HOH A O   1 
HETATM 541 O  O   . HOH C 3 .  ? -19.091 2.380   5.758   1.00 36.49  ? 205 HOH A O   1 
HETATM 542 O  O   . HOH C 3 .  ? 8.967   -6.390  4.185   1.00 36.34  ? 206 HOH A O   1 
HETATM 543 O  O   . HOH C 3 .  ? -3.601  -1.272  -12.930 1.00 50.65  ? 207 HOH A O   1 
HETATM 544 O  O   . HOH C 3 .  ? -9.779  2.734   -6.437  1.00 34.85  ? 208 HOH A O   1 
HETATM 545 O  O   . HOH C 3 .  ? -24.665 1.446   0.573   1.00 42.74  ? 209 HOH A O   1 
HETATM 546 O  O   . HOH C 3 .  ? -20.011 -4.998  9.010   1.00 13.43  ? 210 HOH A O   1 
HETATM 547 O  O   . HOH C 3 .  ? -27.546 0.282   2.948   1.00 35.99  ? 211 HOH A O   1 
HETATM 548 O  O   . HOH C 3 .  ? -20.942 2.838   -4.087  1.00 43.11  ? 212 HOH A O   1 
HETATM 549 O  O   . HOH C 3 .  ? 14.778  13.420  2.960   1.00 28.62  ? 213 HOH A O   1 
HETATM 550 O  O   . HOH C 3 .  ? -17.131 2.051   -5.564  1.00 44.71  ? 214 HOH A O   1 
HETATM 551 O  O   . HOH C 3 .  ? -1.308  -14.864 3.501   1.00 31.74  ? 215 HOH A O   1 
HETATM 552 O  O   . HOH C 3 .  ? 15.509  5.079   1.357   1.00 27.44  ? 216 HOH A O   1 
HETATM 553 O  O   . HOH C 3 .  ? 8.001   17.160  -2.681  1.00 45.95  ? 217 HOH A O   1 
HETATM 554 O  O   . HOH C 3 .  ? 7.974   -0.989  -12.815 1.00 35.75  ? 218 HOH A O   1 
HETATM 555 O  O   . HOH C 3 .  ? 10.786  14.677  -4.870  1.00 31.71  ? 219 HOH A O   1 
HETATM 556 O  O   . HOH C 3 .  ? 1.638   3.772   13.085  1.00 25.33  ? 220 HOH A O   1 
HETATM 557 O  O   . HOH C 3 .  ? -16.068 -15.549 9.549   1.00 25.89  ? 221 HOH A O   1 
HETATM 558 O  O   . HOH C 3 .  ? 15.280  3.228   -4.338  1.00 8.95   ? 222 HOH A O   1 
HETATM 559 O  O   . HOH C 3 .  ? 13.487  2.438   -0.052  1.00 18.31  ? 223 HOH A O   1 
HETATM 560 O  O   . HOH C 3 .  ? 9.494   -2.256  6.491   1.00 28.69  ? 224 HOH A O   1 
HETATM 561 O  O   . HOH C 3 .  ? 0.253   1.727   8.511   1.00 21.04  ? 225 HOH A O   1 
HETATM 562 O  O   . HOH C 3 .  ? 3.055   0.577   13.808  1.00 19.97  ? 226 HOH A O   1 
HETATM 563 O  O   . HOH C 3 .  ? 16.140  13.039  0.706   1.00 25.82  ? 227 HOH A O   1 
HETATM 564 O  O   . HOH C 3 .  ? 4.284   -2.856  13.419  1.00 39.30  ? 228 HOH A O   1 
HETATM 565 O  O   . HOH C 3 .  ? 15.081  12.014  -7.969  1.00 19.53  ? 229 HOH A O   1 
HETATM 566 O  O   . HOH C 3 .  ? 0.874   -0.987  -6.774  1.00 12.72  ? 230 HOH A O   1 
HETATM 567 O  O   . HOH C 3 .  ? -13.785 5.366   0.398   1.00 40.09  ? 231 HOH A O   1 
HETATM 568 O  O   . HOH C 3 .  ? 16.821  10.541  -1.863  1.00 27.65  ? 232 HOH A O   1 
HETATM 569 O  O   . HOH C 3 .  ? -7.002  -6.620  -11.078 1.00 34.49  ? 233 HOH A O   1 
HETATM 570 O  O   . HOH C 3 .  ? -20.777 5.681   3.063   1.00 29.22  ? 234 HOH A O   1 
HETATM 571 O  O   . HOH C 3 .  ? -2.497  -11.656 3.980   1.00 24.28  ? 235 HOH A O   1 
HETATM 572 O  O   . HOH C 3 .  ? 13.734  0.903   2.729   1.00 34.45  ? 236 HOH A O   1 
HETATM 573 O  O   . HOH C 3 .  ? 4.745   -5.455  11.022  1.00 24.96  ? 237 HOH A O   1 
HETATM 574 O  O   . HOH C 3 .  ? -12.783 -9.216  12.248  1.00 11.96  ? 238 HOH A O   1 
HETATM 575 O  O   . HOH C 3 .  ? -5.971  0.944   -9.085  1.00 35.55  ? 239 HOH A O   1 
HETATM 576 O  O   . HOH C 3 .  ? -13.197 -13.809 6.411   1.00 32.25  ? 240 HOH A O   1 
HETATM 577 O  O   . HOH C 3 .  ? -15.794 3.706   -1.100  1.00 34.49  ? 241 HOH A O   1 
HETATM 578 O  O   . HOH C 3 .  ? 10.114  14.715  3.392   1.00 18.44  ? 242 HOH A O   1 
HETATM 579 O  O   . HOH C 3 .  ? -3.034  -11.432 9.080   1.00 31.26  ? 243 HOH A O   1 
HETATM 580 O  O   . HOH C 3 .  ? 9.091   5.472   -15.916 1.00 39.91  ? 244 HOH A O   1 
HETATM 581 O  O   . HOH C 3 .  ? 16.702  10.906  8.711   1.00 46.58  ? 245 HOH A O   1 
HETATM 582 O  O   . HOH C 3 .  ? -7.414  -0.828  -7.497  1.00 18.64  ? 246 HOH A O   1 
HETATM 583 O  O   . HOH C 3 .  ? 0.067   1.029   11.060  1.00 41.10  ? 247 HOH A O   1 
HETATM 584 O  O   . HOH C 3 .  ? 11.917  -0.477  4.783   1.00 24.86  ? 248 HOH A O   1 
HETATM 585 O  O   . HOH C 3 .  ? -8.831  -15.748 6.489   1.00 30.06  ? 249 HOH A O   1 
HETATM 586 O  O   . HOH C 3 .  ? -6.523  -15.967 11.261  1.00 40.33  ? 250 HOH A O   1 
HETATM 587 O  O   . HOH C 3 .  ? -5.773  -13.821 13.157  1.00 40.59  ? 251 HOH A O   1 
HETATM 588 O  O   . HOH C 3 .  ? 5.161   -5.636  -11.239 1.00 55.30  ? 252 HOH A O   1 
HETATM 589 O  O   . HOH C 3 .  ? 3.380   -10.838 4.755   1.00 48.50  ? 253 HOH A O   1 
HETATM 590 O  O   . HOH C 3 .  ? -6.947  -11.182 16.647  1.00 33.23  ? 254 HOH A O   1 
HETATM 591 O  O   . HOH C 3 .  ? -14.223 1.388   -5.929  1.00 49.27  ? 255 HOH A O   1 
HETATM 592 O  O   . HOH C 3 .  ? 2.371   6.749   11.892  1.00 36.89  ? 256 HOH A O   1 
HETATM 593 O  O   . HOH C 3 .  ? -14.538 3.135   -3.148  1.00 36.37  ? 257 HOH A O   1 
HETATM 594 O  O   . HOH C 3 .  ? -7.489  -2.815  -9.650  1.00 25.91  ? 258 HOH A O   1 
HETATM 595 O  O   . HOH C 3 .  ? -11.530 -15.471 3.798   1.00 37.67  ? 259 HOH A O   1 
HETATM 596 O  O   . HOH C 3 .  ? -18.909 4.887   4.676   1.00 38.19  ? 260 HOH A O   1 
HETATM 597 O  O   . HOH C 3 .  ? 17.667  6.650   0.628   1.00 43.81  ? 261 HOH A O   1 
HETATM 598 O  O   . HOH C 3 .  ? -5.600  -0.406  -11.393 1.00 41.51  ? 262 HOH A O   1 
HETATM 599 O  O   . HOH C 3 .  ? 17.362  8.204   -1.312  1.00 32.72  ? 263 HOH A O   1 
# 
loop_
_atom_site_anisotrop.id 
_atom_site_anisotrop.type_symbol 
_atom_site_anisotrop.pdbx_label_atom_id 
_atom_site_anisotrop.pdbx_label_alt_id 
_atom_site_anisotrop.pdbx_label_comp_id 
_atom_site_anisotrop.pdbx_label_asym_id 
_atom_site_anisotrop.pdbx_label_seq_id 
_atom_site_anisotrop.pdbx_PDB_ins_code 
_atom_site_anisotrop.U[1][1] 
_atom_site_anisotrop.U[2][2] 
_atom_site_anisotrop.U[3][3] 
_atom_site_anisotrop.U[1][2] 
_atom_site_anisotrop.U[1][3] 
_atom_site_anisotrop.U[2][3] 
_atom_site_anisotrop.pdbx_auth_seq_id 
_atom_site_anisotrop.pdbx_auth_comp_id 
_atom_site_anisotrop.pdbx_auth_asym_id 
_atom_site_anisotrop.pdbx_auth_atom_id 
1   N  N   . GLU A 30 ? 1.1165 1.0754 1.0914 -0.3509 0.0535  -0.1470 5   GLU A N   
2   C  CA  . GLU A 30 ? 1.0212 0.8029 0.8474 -0.1086 0.1621  -0.2643 5   GLU A CA  
3   C  C   . GLU A 30 ? 0.6553 0.7908 0.3040 -0.0751 0.2324  -0.1020 5   GLU A C   
4   O  O   . GLU A 30 ? 0.6783 0.7200 0.3170 0.0334  0.2526  -0.0891 5   GLU A O   
5   C  CB  . GLU A 30 ? 1.0185 1.0734 0.3565 -0.1028 0.1490  -0.4283 5   GLU A CB  
6   C  CG  . GLU A 30 ? 1.4888 1.3813 0.4823 0.0132  -0.1011 -0.0942 5   GLU A CG  
7   C  CD  . GLU A 30 ? 1.5643 0.9104 0.5886 0.3574  -0.4075 0.2078  5   GLU A CD  
8   O  OE1 . GLU A 30 ? 1.7811 1.2048 0.9527 0.3997  -0.2993 0.5537  5   GLU A OE1 
9   O  OE2 . GLU A 30 ? 1.4045 0.8601 0.9881 0.6228  -0.4604 0.0246  5   GLU A OE2 
10  N  N   . VAL A 31 ? 0.3423 0.5046 0.1608 -0.0084 -0.0401 -0.0939 6   VAL A N   
11  C  CA  . VAL A 31 ? 0.2639 0.4380 0.0763 -0.0902 -0.0103 -0.0608 6   VAL A CA  
12  C  C   . VAL A 31 ? 0.1639 0.3358 0.0399 -0.0219 0.0137  -0.0236 6   VAL A C   
13  O  O   . VAL A 31 ? 0.2697 0.5111 0.0764 -0.0935 -0.0172 0.0630  6   VAL A O   
14  C  CB  . VAL A 31 ? 0.2699 0.4304 0.1907 -0.0122 -0.0744 -0.0592 6   VAL A CB  
15  C  CG1 . VAL A 31 ? 0.2574 0.3890 0.1842 0.0180  -0.0698 0.0026  6   VAL A CG1 
16  C  CG2 . VAL A 31 ? 0.3173 0.4783 0.1945 0.0141  -0.0974 -0.0430 6   VAL A CG2 
17  N  N   . VAL A 32 ? 0.1771 0.3160 0.0456 0.0000  0.0342  -0.0307 7   VAL A N   
18  C  CA  . VAL A 32 ? 0.1835 0.3006 0.0456 0.0315  0.0279  -0.0398 7   VAL A CA  
19  C  C   . VAL A 32 ? 0.1724 0.2442 0.0335 0.0366  0.0174  0.0374  7   VAL A C   
20  O  O   . VAL A 32 ? 0.2363 0.2632 0.0399 0.0426  0.0005  0.0479  7   VAL A O   
21  C  CB  . VAL A 32 ? 0.2006 0.4135 0.0900 -0.0069 0.0561  -0.0690 7   VAL A CB  
22  C  CG1 . VAL A 32 ? 0.2197 0.4387 0.1083 -0.0121 0.0486  -0.0961 7   VAL A CG1 
23  C  CG2 . VAL A 32 ? 0.2370 0.4166 0.1164 0.0030  0.0717  -0.0941 7   VAL A CG2 
24  N  N   . VAL A 33 ? 0.1504 0.1758 0.0337 0.0532  0.0121  0.0216  8   VAL A N   
25  C  CA  . VAL A 33 ? 0.1421 0.1606 0.0565 0.0638  0.0069  0.0255  8   VAL A CA  
26  C  C   . VAL A 33 ? 0.1247 0.1208 0.0368 0.0762  0.0101  0.0197  8   VAL A C   
27  O  O   . VAL A 33 ? 0.1290 0.1380 0.0682 0.0783  -0.0041 0.0162  8   VAL A O   
28  C  CB  . VAL A 33 ? 0.1597 0.1558 0.0954 0.0540  0.0385  0.0094  8   VAL A CB  
29  C  CG1 . VAL A 33 ? 0.1820 0.2060 0.1546 0.0512  0.0073  0.0239  8   VAL A CG1 
30  C  CG2 . VAL A 33 ? 0.1654 0.1387 0.1100 0.0426  0.0544  0.0191  8   VAL A CG2 
31  N  N   . VAL A 34 ? 0.1284 0.1184 0.0387 0.0867  0.0173  0.0276  9   VAL A N   
32  C  CA  A VAL A 34 ? 0.1431 0.1277 0.0519 0.0774  0.0214  0.0202  9   VAL A CA  
33  C  CA  B VAL A 34 ? 0.1456 0.1108 0.0519 0.0800  0.0222  0.0238  9   VAL A CA  
34  C  C   . VAL A 34 ? 0.1195 0.1343 0.0583 0.0669  0.0198  0.0187  9   VAL A C   
35  O  O   . VAL A 34 ? 0.1363 0.1709 0.0591 0.0971  0.0194  0.0212  9   VAL A O   
36  C  CB  A VAL A 34 ? 0.1790 0.1462 0.0777 0.0554  0.0340  0.0327  9   VAL A CB  
37  C  CB  B VAL A 34 ? 0.1779 0.1042 0.0770 0.0793  0.0368  0.0306  9   VAL A CB  
38  C  CG1 A VAL A 34 ? 0.1911 0.1516 0.0957 0.0561  0.0279  0.0373  9   VAL A CG1 
39  C  CG1 B VAL A 34 ? 0.2177 0.1172 0.0804 0.0631  0.0340  0.0409  9   VAL A CG1 
40  C  CG2 A VAL A 34 ? 0.2117 0.1449 0.0819 0.0496  0.0251  0.0467  9   VAL A CG2 
41  C  CG2 B VAL A 34 ? 0.2145 0.0721 0.0905 0.0845  0.0561  0.0321  9   VAL A CG2 
42  N  N   . ALA A 35 ? 0.1321 0.1428 0.0365 0.0686  0.0300  0.0170  10  ALA A N   
43  C  CA  . ALA A 35 ? 0.1410 0.1237 0.0345 0.0685  0.0298  0.0272  10  ALA A CA  
44  C  C   . ALA A 35 ? 0.1425 0.1250 0.0455 0.0745  0.0296  0.0295  10  ALA A C   
45  O  O   . ALA A 35 ? 0.1657 0.1211 0.0771 0.0612  0.0384  0.0069  10  ALA A O   
46  C  CB  . ALA A 35 ? 0.1338 0.1201 0.0328 0.0662  0.0230  0.0259  10  ALA A CB  
47  N  N   . LYS A 36 ? 0.1532 0.1524 0.0470 0.0850  0.0347  0.0137  11  LYS A N   
48  C  CA  . LYS A 36 ? 0.2067 0.1480 0.0496 0.1014  0.0333  0.0219  11  LYS A CA  
49  C  C   . LYS A 36 ? 0.1812 0.1337 0.0605 0.0652  0.0319  0.0228  11  LYS A C   
50  O  O   . LYS A 36 ? 0.2283 0.1478 0.0904 0.0393  0.0461  0.0179  11  LYS A O   
51  C  CB  . LYS A 36 ? 0.2233 0.1914 0.1228 0.1470  0.0112  -0.0102 11  LYS A CB  
52  C  CG  . LYS A 36 ? 0.3002 0.3463 0.1488 0.1460  -0.0376 -0.0217 11  LYS A CG  
53  C  CD  . LYS A 36 ? 0.3185 0.4855 0.2487 0.1500  -0.0653 0.0500  11  LYS A CD  
54  C  CE  . LYS A 36 ? 0.3711 0.6165 0.3356 0.1945  -0.0291 -0.0454 11  LYS A CE  
55  N  NZ  . LYS A 36 ? 0.3591 0.6807 0.4954 0.2676  -0.0941 -0.0318 11  LYS A NZ  
56  N  N   . PHE A 37 ? 0.1913 0.1124 0.0423 0.0783  0.0366  0.0024  12  PHE A N   
57  C  CA  . PHE A 37 ? 0.1913 0.1290 0.0488 0.0503  0.0228  0.0074  12  PHE A CA  
58  C  C   . PHE A 37 ? 0.1670 0.1191 0.0466 0.0431  0.0260  0.0027  12  PHE A C   
59  O  O   . PHE A 37 ? 0.1810 0.1225 0.0394 0.0505  0.0086  -0.0036 12  PHE A O   
60  C  CB  . PHE A 37 ? 0.2223 0.1744 0.0613 0.0562  0.0460  0.0005  12  PHE A CB  
61  C  CG  . PHE A 37 ? 0.2274 0.2406 0.0505 0.0901  0.0432  -0.0338 12  PHE A CG  
62  C  CD1 . PHE A 37 ? 0.2450 0.2373 0.1980 0.1053  0.0465  0.0314  12  PHE A CD1 
63  C  CD2 . PHE A 37 ? 0.2540 0.2571 0.1824 0.1302  0.0183  -0.1086 12  PHE A CD2 
64  C  CE1 . PHE A 37 ? 0.2480 0.3462 0.2240 0.1642  0.0249  -0.0054 12  PHE A CE1 
65  C  CE2 . PHE A 37 ? 0.3128 0.3805 0.1932 0.1479  -0.0301 -0.0464 12  PHE A CE2 
66  C  CZ  . PHE A 37 ? 0.2576 0.3535 0.1230 0.1887  -0.0129 0.0547  12  PHE A CZ  
67  N  N   . ASP A 38 ? 0.1681 0.1049 0.0445 0.0381  0.0309  -0.0026 13  ASP A N   
68  C  CA  . ASP A 38 ? 0.1391 0.1018 0.0382 0.0413  0.0305  -0.0062 13  ASP A CA  
69  C  C   . ASP A 38 ? 0.1237 0.0972 0.0301 0.0425  0.0186  0.0003  13  ASP A C   
70  O  O   . ASP A 38 ? 0.1368 0.1441 0.0622 0.0642  0.0264  -0.0056 13  ASP A O   
71  C  CB  . ASP A 38 ? 0.1629 0.1313 0.0357 0.0518  0.0218  -0.0156 13  ASP A CB  
72  C  CG  . ASP A 38 ? 0.1868 0.1676 0.0604 0.0274  0.0260  -0.0278 13  ASP A CG  
73  O  OD1 . ASP A 38 ? 0.2018 0.1836 0.0801 0.0240  0.0530  -0.0485 13  ASP A OD1 
74  O  OD2 . ASP A 38 ? 0.2545 0.3416 0.0693 -0.0263 0.0237  -0.0610 13  ASP A OD2 
75  N  N   . TYR A 39 ? 0.1257 0.0941 0.0393 0.0449  0.0315  -0.0001 14  TYR A N   
76  C  CA  . TYR A 39 ? 0.1195 0.1096 0.0482 0.0376  0.0324  -0.0156 14  TYR A CA  
77  C  C   . TYR A 39 ? 0.1676 0.1518 0.0411 0.0654  0.0376  -0.0066 14  TYR A C   
78  O  O   . TYR A 39 ? 0.1885 0.1341 0.0434 0.0785  0.0425  -0.0019 14  TYR A O   
79  C  CB  . TYR A 39 ? 0.1349 0.1092 0.0393 0.0378  0.0248  0.0000  14  TYR A CB  
80  C  CG  . TYR A 39 ? 0.1306 0.1229 0.0303 0.0397  0.0207  -0.0009 14  TYR A CG  
81  C  CD1 . TYR A 39 ? 0.1371 0.0941 0.0385 0.0458  0.0202  -0.0134 14  TYR A CD1 
82  C  CD2 . TYR A 39 ? 0.1293 0.1233 0.0387 0.0431  0.0269  -0.0115 14  TYR A CD2 
83  C  CE1 . TYR A 39 ? 0.1222 0.1167 0.0300 0.0468  0.0167  -0.0030 14  TYR A CE1 
84  C  CE2 . TYR A 39 ? 0.1269 0.0925 0.0348 0.0440  0.0133  -0.0121 14  TYR A CE2 
85  C  CZ  . TYR A 39 ? 0.1154 0.1229 0.0295 0.0377  0.0147  -0.0061 14  TYR A CZ  
86  O  OH  . TYR A 39 ? 0.1293 0.1275 0.0586 0.0321  0.0290  -0.0140 14  TYR A OH  
87  N  N   . VAL A 40 ? 0.1741 0.1599 0.0366 0.0828  0.0296  -0.0053 15  VAL A N   
88  C  CA  . VAL A 40 ? 0.1679 0.1379 0.0372 0.0672  0.0282  -0.0092 15  VAL A CA  
89  C  C   . VAL A 40 ? 0.1353 0.1466 0.0273 0.0732  0.0101  -0.0021 15  VAL A C   
90  O  O   . VAL A 40 ? 0.1211 0.1428 0.0267 0.0579  0.0099  0.0001  15  VAL A O   
91  C  CB  . VAL A 40 ? 0.1741 0.1544 0.0260 0.0386  0.0093  0.0024  15  VAL A CB  
92  C  CG1 . VAL A 40 ? 0.1804 0.1657 0.0764 0.0540  0.0062  -0.0023 15  VAL A CG1 
93  C  CG2 . VAL A 40 ? 0.1568 0.1688 0.0287 0.0390  -0.0006 0.0155  15  VAL A CG2 
94  N  N   . ALA A 41 ? 0.1367 0.1348 0.0297 0.0659  0.0217  0.0097  16  ALA A N   
95  C  CA  . ALA A 41 ? 0.1500 0.1481 0.0327 0.0559  0.0193  -0.0120 16  ALA A CA  
96  C  C   . ALA A 41 ? 0.1628 0.1374 0.0321 0.0428  0.0225  -0.0104 16  ALA A C   
97  O  O   . ALA A 41 ? 0.1455 0.1455 0.0343 0.0367  0.0234  -0.0041 16  ALA A O   
98  C  CB  . ALA A 41 ? 0.1572 0.1300 0.0386 0.0577  0.0327  -0.0059 16  ALA A CB  
99  N  N   . GLN A 42 ? 0.1648 0.1374 0.0356 0.0246  0.0262  -0.0194 17  GLN A N   
100 C  CA  . GLN A 42 ? 0.1859 0.1431 0.0312 0.0117  0.0264  -0.0115 17  GLN A CA  
101 C  C   . GLN A 42 ? 0.1857 0.1467 0.0404 0.0045  0.0407  -0.0171 17  GLN A C   
102 O  O   . GLN A 42 ? 0.2220 0.1698 0.0463 0.0101  0.0495  -0.0077 17  GLN A O   
103 C  CB  . GLN A 42 ? 0.1760 0.1806 0.0375 0.0168  0.0368  -0.0181 17  GLN A CB  
104 C  CG  . GLN A 42 ? 0.1296 0.1615 0.0465 0.0534  0.0115  -0.0173 17  GLN A CG  
105 C  CD  . GLN A 42 ? 0.1386 0.1365 0.0339 0.0607  0.0211  -0.0078 17  GLN A CD  
106 O  OE1 . GLN A 42 ? 0.1460 0.1934 0.0398 0.0366  0.0271  -0.0280 17  GLN A OE1 
107 N  NE2 . GLN A 42 ? 0.1419 0.1205 0.0421 0.0428  0.0307  -0.0151 17  GLN A NE2 
108 N  N   . GLN A 43 ? 0.2383 0.1580 0.0509 0.0107  0.0472  -0.0269 18  GLN A N   
109 C  CA  A GLN A 43 ? 0.2697 0.1567 0.0590 0.0192  0.0367  0.0049  18  GLN A CA  
110 C  CA  B GLN A 43 ? 0.2768 0.1568 0.0580 0.0295  0.0272  -0.0070 18  GLN A CA  
111 C  C   . GLN A 43 ? 0.2731 0.1241 0.0551 0.0145  0.0306  0.0068  18  GLN A C   
112 O  O   . GLN A 43 ? 0.2510 0.1230 0.0453 0.0346  0.0323  0.0062  18  GLN A O   
113 C  CB  A GLN A 43 ? 0.2833 0.1912 0.1204 -0.0400 0.0705  -0.0205 18  GLN A CB  
114 C  CB  B GLN A 43 ? 0.2879 0.2032 0.2264 -0.0140 0.0720  -0.0634 18  GLN A CB  
115 C  CG  A GLN A 43 ? 0.2617 0.2382 0.1118 -0.0430 0.0765  0.0006  18  GLN A CG  
116 C  CG  B GLN A 43 ? 0.3594 0.3257 0.3107 0.0158  -0.0196 -0.0153 18  GLN A CG  
117 C  CD  A GLN A 43 ? 0.3218 0.2091 0.0975 -0.0538 0.0893  -0.0285 18  GLN A CD  
118 C  CD  B GLN A 43 ? 0.3744 0.4099 0.4241 -0.0980 0.0599  -0.0037 18  GLN A CD  
119 O  OE1 A GLN A 43 ? 0.5173 0.2596 0.1213 -0.0694 0.0418  0.0742  18  GLN A OE1 
120 O  OE1 B GLN A 43 ? 0.6281 0.3809 0.2779 -0.0765 0.2201  0.0910  18  GLN A OE1 
121 N  NE2 A GLN A 43 ? 0.2444 0.2556 0.1198 -0.0417 0.0903  -0.0311 18  GLN A NE2 
122 N  NE2 B GLN A 43 ? 0.3721 0.6770 0.2951 -0.1299 -0.1201 0.0033  18  GLN A NE2 
123 N  N   . GLU A 44 ? 0.3113 0.1405 0.0639 0.0464  0.0145  0.0224  19  GLU A N   
124 C  CA  A GLU A 44 ? 0.2855 0.1609 0.0820 0.0467  -0.0018 0.0171  19  GLU A CA  
125 C  CA  B GLU A 44 ? 0.2841 0.1727 0.0828 0.0524  -0.0049 0.0143  19  GLU A CA  
126 C  C   . GLU A 44 ? 0.2367 0.1372 0.0716 0.0579  0.0205  -0.0024 19  GLU A C   
127 O  O   . GLU A 44 ? 0.2604 0.1870 0.1077 0.0887  0.0327  -0.0081 19  GLU A O   
128 C  CB  A GLU A 44 ? 0.3935 0.1509 0.1334 0.0625  -0.0045 0.0115  19  GLU A CB  
129 C  CB  B GLU A 44 ? 0.3810 0.1688 0.0953 0.0703  -0.0298 0.0041  19  GLU A CB  
130 C  CG  A GLU A 44 ? 0.3998 0.2420 0.1884 0.0161  -0.0078 0.0505  19  GLU A CG  
131 C  CG  B GLU A 44 ? 0.4277 0.2778 0.1326 0.0879  -0.0659 0.0525  19  GLU A CG  
132 C  CD  A GLU A 44 ? 0.5227 0.2095 0.3608 0.0797  -0.0322 -0.0190 19  GLU A CD  
133 C  CD  B GLU A 44 ? 0.4837 0.3043 0.1786 0.0672  -0.0619 -0.0678 19  GLU A CD  
134 O  OE1 A GLU A 44 ? 0.5361 0.4607 0.5007 0.1579  -0.1206 0.0275  19  GLU A OE1 
135 O  OE1 B GLU A 44 ? 0.6017 0.4791 0.1774 0.1213  -0.0188 0.0180  19  GLU A OE1 
136 O  OE2 A GLU A 44 ? 0.7372 0.2311 0.6360 0.0058  -0.1098 -0.1004 19  GLU A OE2 
137 O  OE2 B GLU A 44 ? 0.2584 0.2817 0.4026 0.1840  -0.1686 -0.1925 19  GLU A OE2 
138 N  N   . GLN A 45 ? 0.2217 0.1212 0.0583 0.0388  0.0250  -0.0012 20  GLN A N   
139 C  CA  A GLN A 45 ? 0.2005 0.1004 0.0679 0.0578  0.0123  -0.0045 20  GLN A CA  
140 C  CA  B GLN A 45 ? 0.2066 0.0976 0.0660 0.0600  0.0132  -0.0069 20  GLN A CA  
141 C  C   . GLN A 45 ? 0.1641 0.1041 0.0569 0.0543  0.0195  -0.0095 20  GLN A C   
142 O  O   . GLN A 45 ? 0.2037 0.1068 0.0509 0.0457  0.0206  -0.0134 20  GLN A O   
143 C  CB  A GLN A 45 ? 0.1951 0.1265 0.0784 0.0595  0.0443  0.0071  20  GLN A CB  
144 C  CB  B GLN A 45 ? 0.2103 0.1339 0.0604 0.0584  0.0221  0.0045  20  GLN A CB  
145 C  CG  A GLN A 45 ? 0.2425 0.1334 0.1614 0.0337  0.0373  0.0194  20  GLN A CG  
146 C  CG  B GLN A 45 ? 0.2850 0.1330 0.0813 0.0338  0.0003  -0.0135 20  GLN A CG  
147 C  CD  A GLN A 45 ? 0.2976 0.2296 0.1658 0.0019  0.0403  0.0294  20  GLN A CD  
148 C  CD  B GLN A 45 ? 0.2894 0.2290 0.0937 0.0053  -0.0461 -0.0171 20  GLN A CD  
149 O  OE1 A GLN A 45 ? 0.2901 0.1993 0.2344 -0.0041 0.1474  0.0623  20  GLN A OE1 
150 O  OE1 B GLN A 45 ? 0.3137 0.2611 0.2791 0.0294  -0.0079 -0.0343 20  GLN A OE1 
151 N  NE2 A GLN A 45 ? 0.4748 0.1742 0.2955 -0.0626 0.0251  0.0175  20  GLN A NE2 
152 N  NE2 B GLN A 45 ? 0.3980 0.2635 0.1345 -0.0488 0.0146  -0.0492 20  GLN A NE2 
153 N  N   . GLU A 46 ? 0.1715 0.0891 0.0634 0.0470  0.0172  -0.0084 21  GLU A N   
154 C  CA  . GLU A 46 ? 0.1688 0.0911 0.0650 0.0486  0.0207  -0.0097 21  GLU A CA  
155 C  C   . GLU A 46 ? 0.1681 0.0753 0.0563 0.0595  0.0292  -0.0066 21  GLU A C   
156 O  O   . GLU A 46 ? 0.1699 0.1364 0.1058 0.0746  0.0259  0.0252  21  GLU A O   
157 C  CB  . GLU A 46 ? 0.1626 0.0971 0.0526 0.0567  0.0244  -0.0045 21  GLU A CB  
158 C  CG  . GLU A 46 ? 0.1649 0.1222 0.0743 0.0443  0.0225  -0.0207 21  GLU A CG  
159 C  CD  . GLU A 46 ? 0.1521 0.1142 0.0498 0.0531  0.0142  -0.0034 21  GLU A CD  
160 O  OE1 . GLU A 46 ? 0.1522 0.1413 0.0503 0.0464  0.0157  -0.0234 21  GLU A OE1 
161 O  OE2 . GLU A 46 ? 0.1729 0.1671 0.1114 0.0433  0.0329  0.0004  21  GLU A OE2 
162 N  N   . LEU A 47 ? 0.1400 0.0887 0.0539 0.0704  0.0218  0.0073  22  LEU A N   
163 C  CA  . LEU A 47 ? 0.1514 0.1064 0.0389 0.0579  0.0283  -0.0070 22  LEU A CA  
164 C  C   . LEU A 47 ? 0.1462 0.1007 0.0466 0.0647  0.0416  0.0053  22  LEU A C   
165 O  O   . LEU A 47 ? 0.1493 0.0976 0.0632 0.0621  0.0251  0.0042  22  LEU A O   
166 C  CB  . LEU A 47 ? 0.2003 0.1531 0.0599 0.0924  0.0253  -0.0361 22  LEU A CB  
167 C  CG  . LEU A 47 ? 0.2038 0.1584 0.0554 0.1127  0.0586  0.0111  22  LEU A CG  
168 C  CD1 . LEU A 47 ? 0.2244 0.1980 0.0981 0.1512  0.0406  0.0233  22  LEU A CD1 
169 C  CD2 . LEU A 47 ? 0.1691 0.1775 0.0494 0.0877  0.0522  0.0243  22  LEU A CD2 
170 N  N   . ASP A 48 ? 0.1552 0.1155 0.0345 0.0735  0.0329  0.0122  23  ASP A N   
171 C  CA  . ASP A 48 ? 0.1778 0.1449 0.0368 0.0695  0.0414  0.0146  23  ASP A CA  
172 C  C   . ASP A 48 ? 0.2147 0.2047 0.0594 0.0598  0.0696  -0.0150 23  ASP A C   
173 O  O   . ASP A 48 ? 0.2382 0.1824 0.0735 0.0857  0.0840  -0.0091 23  ASP A O   
174 C  CB  . ASP A 48 ? 0.1667 0.1454 0.0449 0.0695  0.0242  0.0000  23  ASP A CB  
175 C  CG  . ASP A 48 ? 0.1829 0.2122 0.0440 0.0887  0.0307  0.0200  23  ASP A CG  
176 O  OD1 . ASP A 48 ? 0.1691 0.2528 0.0511 0.0891  0.0404  0.0442  23  ASP A OD1 
177 O  OD2 . ASP A 48 ? 0.3043 0.3286 0.1684 0.1984  0.0595  0.0891  23  ASP A OD2 
178 N  N   . ILE A 49 ? 0.2335 0.2063 0.0530 0.0594  0.0655  -0.0155 24  ILE A N   
179 C  CA  . ILE A 49 ? 0.1323 0.1298 0.0357 0.0389  0.0315  0.0015  24  ILE A CA  
180 C  C   . ILE A 49 ? 0.1532 0.0958 0.0344 0.0469  0.0331  0.0068  24  ILE A C   
181 O  O   . ILE A 49 ? 0.1461 0.1384 0.0361 0.0599  0.0293  -0.0029 24  ILE A O   
182 C  CB  . ILE A 49 ? 0.1191 0.1055 0.0322 0.0589  0.0255  0.0164  24  ILE A CB  
183 C  CG1 . ILE A 49 ? 0.1400 0.1330 0.0346 0.0733  0.0211  -0.0046 24  ILE A CG1 
184 C  CG2 . ILE A 49 ? 0.1364 0.1181 0.0284 0.0427  0.0182  0.0044  24  ILE A CG2 
185 C  CD1 . ILE A 49 ? 0.1447 0.1342 0.0301 0.0521  0.0188  0.0134  24  ILE A CD1 
186 N  N   . LYS A 50 ? 0.1420 0.1213 0.0494 0.0350  0.0416  -0.0156 25  LYS A N   
187 C  CA  . LYS A 50 ? 0.1547 0.1009 0.0508 0.0536  0.0416  -0.0043 25  LYS A CA  
188 C  C   . LYS A 50 ? 0.1471 0.0820 0.0472 0.0361  0.0433  -0.0044 25  LYS A C   
189 O  O   . LYS A 50 ? 0.1750 0.1264 0.0491 0.0461  0.0481  -0.0120 25  LYS A O   
190 C  CB  . LYS A 50 ? 0.1626 0.1420 0.0867 0.0411  0.0314  -0.0015 25  LYS A CB  
191 C  CG  . LYS A 50 ? 0.2024 0.2089 0.1420 0.0399  -0.0185 0.0290  25  LYS A CG  
192 C  CD  . LYS A 50 ? 0.3225 0.3174 0.1539 0.0405  -0.0038 0.0109  25  LYS A CD  
193 C  CE  . LYS A 50 ? 0.4402 0.5717 0.3399 -0.0024 -0.0201 -0.1359 25  LYS A CE  
194 N  NZ  . LYS A 50 ? 0.7303 0.8449 0.4005 0.0928  -0.0195 -0.2960 25  LYS A NZ  
195 N  N   . LYS A 51 ? 0.1451 0.0915 0.0582 0.0539  0.0367  -0.0137 26  LYS A N   
196 C  CA  . LYS A 51 ? 0.1532 0.1039 0.0715 0.0470  0.0395  0.0005  26  LYS A CA  
197 C  C   . LYS A 51 ? 0.1460 0.1146 0.0764 0.0514  0.0393  0.0076  26  LYS A C   
198 O  O   . LYS A 51 ? 0.1584 0.1372 0.0738 0.0405  0.0237  -0.0044 26  LYS A O   
199 C  CB  . LYS A 51 ? 0.1889 0.1256 0.1117 0.0668  0.0639  -0.0350 26  LYS A CB  
200 C  CG  . LYS A 51 ? 0.2538 0.1262 0.1554 0.0358  0.0469  -0.0055 26  LYS A CG  
201 C  CD  . LYS A 51 ? 0.3583 0.1710 0.1879 0.0364  0.0367  -0.0495 26  LYS A CD  
202 C  CE  . LYS A 51 ? 0.5250 0.2945 0.3528 0.0439  0.0325  0.0625  26  LYS A CE  
203 N  NZ  . LYS A 51 ? 0.6468 0.6496 0.4764 0.0109  -0.0641 0.0712  26  LYS A NZ  
204 N  N   . ASN A 52 ? 0.1405 0.1111 0.0686 0.0535  0.0402  -0.0077 27  ASN A N   
205 C  CA  . ASN A 52 ? 0.1911 0.1147 0.0729 0.0504  0.0580  0.0058  27  ASN A CA  
206 C  C   . ASN A 52 ? 0.1607 0.1125 0.0620 0.0446  0.0475  -0.0019 27  ASN A C   
207 O  O   . ASN A 52 ? 0.1697 0.1432 0.0667 0.0484  0.0562  0.0040  27  ASN A O   
208 C  CB  . ASN A 52 ? 0.2237 0.1340 0.1154 0.0262  0.0921  0.0105  27  ASN A CB  
209 C  CG  . ASN A 52 ? 0.2570 0.1404 0.1712 0.0438  0.0781  0.0200  27  ASN A CG  
210 O  OD1 . ASN A 52 ? 0.2977 0.2079 0.2835 0.0954  0.0620  0.0695  27  ASN A OD1 
211 N  ND2 . ASN A 52 ? 0.4107 0.2255 0.2812 -0.0269 0.1193  -0.1023 27  ASN A ND2 
212 N  N   . GLU A 53 ? 0.1572 0.1059 0.0572 0.0600  0.0503  -0.0031 28  GLU A N   
213 C  CA  . GLU A 53 ? 0.1198 0.1034 0.0633 0.0580  0.0400  -0.0053 28  GLU A CA  
214 C  C   . GLU A 53 ? 0.1169 0.1227 0.0594 0.0606  0.0394  -0.0054 28  GLU A C   
215 O  O   . GLU A 53 ? 0.1211 0.1220 0.0438 0.0715  0.0295  0.0018  28  GLU A O   
216 C  CB  . GLU A 53 ? 0.1718 0.1166 0.0438 0.0638  0.0361  -0.0091 28  GLU A CB  
217 C  CG  . GLU A 53 ? 0.1701 0.1235 0.0677 0.0706  0.0459  0.0103  28  GLU A CG  
218 C  CD  . GLU A 53 ? 0.1800 0.1339 0.0547 0.0798  0.0578  0.0073  28  GLU A CD  
219 O  OE1 . GLU A 53 ? 0.2009 0.1304 0.0613 0.0692  0.0608  -0.0027 28  GLU A OE1 
220 O  OE2 . GLU A 53 ? 0.2216 0.1473 0.0641 0.0920  0.0497  0.0027  28  GLU A OE2 
221 N  N   . ARG A 54 ? 0.1294 0.1439 0.0564 0.0581  0.0404  -0.0139 29  ARG A N   
222 C  CA  . ARG A 54 ? 0.1256 0.1741 0.0467 0.0610  0.0361  -0.0088 29  ARG A CA  
223 C  C   . ARG A 54 ? 0.2924 0.1859 0.0615 0.1230  0.0814  0.0031  29  ARG A C   
224 O  O   . ARG A 54 ? 0.1397 0.1536 0.0491 0.0316  0.0385  -0.0254 29  ARG A O   
225 C  CB  . ARG A 54 ? 0.1417 0.1491 0.0501 0.0515  0.0496  0.0087  29  ARG A CB  
226 C  CG  . ARG A 54 ? 0.1854 0.1504 0.1211 0.1037  0.0670  0.0584  29  ARG A CG  
227 C  CD  . ARG A 54 ? 0.2592 0.1814 0.1309 0.0424  0.0686  0.0452  29  ARG A CD  
228 N  NE  . ARG A 54 ? 0.2892 0.1555 0.2262 0.0488  0.0469  0.0715  29  ARG A NE  
229 C  CZ  . ARG A 54 ? 0.3627 0.2261 0.2190 0.0307  0.0920  0.0372  29  ARG A CZ  
230 N  NH1 . ARG A 54 ? 0.4752 0.2595 0.4122 -0.0212 0.0941  0.0273  29  ARG A NH1 
231 N  NH2 . ARG A 54 ? 0.3875 0.3454 0.1771 0.0269  0.1708  0.0473  29  ARG A NH2 
232 N  N   . LEU A 55 ? 0.2553 0.2557 0.0573 0.1342  0.0651  -0.0074 30  LEU A N   
233 C  CA  . LEU A 55 ? 0.1944 0.2523 0.0638 0.0947  0.0470  -0.0402 30  LEU A CA  
234 C  C   . LEU A 55 ? 0.1461 0.1973 0.0505 0.0345  0.0491  -0.0151 30  LEU A C   
235 O  O   . LEU A 55 ? 0.1597 0.1874 0.0602 0.0700  0.0258  -0.0478 30  LEU A O   
236 C  CB  . LEU A 55 ? 0.1708 0.2239 0.0627 0.0391  0.0608  -0.0311 30  LEU A CB  
237 C  CG  . LEU A 55 ? 0.1662 0.2300 0.0431 -0.0071 0.0500  -0.0007 30  LEU A CG  
238 C  CD1 . LEU A 55 ? 0.2812 0.1710 0.0440 0.0692  0.0119  -0.0083 30  LEU A CD1 
239 C  CD2 . LEU A 55 ? 0.2022 0.1651 0.1483 0.1393  -0.0432 -0.0921 30  LEU A CD2 
240 N  N   . TRP A 56 ? 0.1456 0.1964 0.0439 0.0382  0.0369  -0.0223 31  TRP A N   
241 C  CA  . TRP A 56 ? 0.1568 0.2237 0.0726 0.0301  0.0478  -0.0649 31  TRP A CA  
242 C  C   . TRP A 56 ? 0.1299 0.1816 0.0467 0.0233  0.0290  -0.0384 31  TRP A C   
243 O  O   . TRP A 56 ? 0.1380 0.1712 0.0673 0.0519  0.0502  0.0085  31  TRP A O   
244 C  CB  . TRP A 56 ? 0.1497 0.2044 0.0943 0.0445  0.0507  -0.0604 31  TRP A CB  
245 C  CG  . TRP A 56 ? 0.1538 0.1943 0.0487 0.0593  0.0383  -0.0098 31  TRP A CG  
246 C  CD1 . TRP A 56 ? 0.1703 0.1903 0.0765 0.0785  0.0286  -0.0353 31  TRP A CD1 
247 C  CD2 . TRP A 56 ? 0.1376 0.1737 0.0581 0.0458  0.0471  -0.0218 31  TRP A CD2 
248 N  NE1 . TRP A 56 ? 0.1924 0.2015 0.0681 0.0612  0.0517  -0.0310 31  TRP A NE1 
249 C  CE2 . TRP A 56 ? 0.1553 0.2131 0.0611 0.0452  0.0392  -0.0339 31  TRP A CE2 
250 C  CE3 . TRP A 56 ? 0.2281 0.2119 0.0687 0.0790  0.0217  -0.0274 31  TRP A CE3 
251 C  CZ2 . TRP A 56 ? 0.1315 0.2438 0.0818 0.0510  0.0478  -0.0327 31  TRP A CZ2 
252 C  CZ3 . TRP A 56 ? 0.1900 0.2808 0.0591 0.0602  0.0021  -0.0302 31  TRP A CZ3 
253 C  CH2 . TRP A 56 ? 0.1708 0.2948 0.0978 0.0620  0.0579  -0.0357 31  TRP A CH2 
254 N  N   . LEU A 57 ? 0.1384 0.1825 0.0395 0.0319  0.0313  -0.0196 32  LEU A N   
255 C  CA  . LEU A 57 ? 0.1334 0.1861 0.0611 0.0233  0.0239  -0.0234 32  LEU A CA  
256 C  C   . LEU A 57 ? 0.1831 0.1958 0.0605 0.0183  0.0383  -0.0463 32  LEU A C   
257 O  O   . LEU A 57 ? 0.2137 0.2777 0.0629 -0.0047 0.0379  -0.0615 32  LEU A O   
258 C  CB  . LEU A 57 ? 0.1720 0.1979 0.0599 0.0331  0.0207  -0.0012 32  LEU A CB  
259 C  CG  . LEU A 57 ? 0.1798 0.2408 0.1147 0.0337  0.0356  -0.0224 32  LEU A CG  
260 C  CD1 . LEU A 57 ? 0.1709 0.2258 0.0986 0.0764  0.0262  -0.0417 32  LEU A CD1 
261 C  CD2 . LEU A 57 ? 0.1655 0.2836 0.1335 0.0412  0.0150  0.0064  32  LEU A CD2 
262 N  N   . LEU A 58 ? 0.1791 0.1963 0.0909 0.0091  0.0363  -0.0402 33  LEU A N   
263 C  CA  . LEU A 58 ? 0.1711 0.2025 0.1051 0.0181  0.0546  -0.0528 33  LEU A CA  
264 C  C   . LEU A 58 ? 0.1781 0.2812 0.1283 -0.0042 0.0777  -0.0871 33  LEU A C   
265 O  O   . LEU A 58 ? 0.2105 0.2740 0.1579 0.0103  0.0654  -0.0577 33  LEU A O   
266 C  CB  . LEU A 58 ? 0.2235 0.2021 0.1314 0.0230  0.0671  -0.0414 33  LEU A CB  
267 C  CG  . LEU A 58 ? 0.2239 0.2112 0.2149 0.0609  0.0780  -0.0474 33  LEU A CG  
268 C  CD1 . LEU A 58 ? 0.2061 0.2790 0.3171 0.0968  0.0580  0.0150  33  LEU A CD1 
269 C  CD2 . LEU A 58 ? 0.2184 0.2243 0.2678 0.0313  0.1007  -0.0804 33  LEU A CD2 
270 N  N   . ASP A 59 ? 0.2838 0.3685 0.1944 -0.0320 0.0514  -0.1588 34  ASP A N   
271 C  CA  . ASP A 59 ? 0.2931 0.4754 0.2127 -0.0845 0.0692  -0.1496 34  ASP A CA  
272 C  C   . ASP A 59 ? 0.2542 0.5800 0.2030 0.0128  0.0844  -0.1570 34  ASP A C   
273 O  O   . ASP A 59 ? 0.2643 0.5289 0.3589 -0.0526 0.1403  -0.2109 34  ASP A O   
274 C  CB  . ASP A 59 ? 0.3502 0.6329 0.2364 -0.1774 0.1163  -0.2035 34  ASP A CB  
275 C  CG  . ASP A 59 ? 0.4133 0.4621 0.3564 -0.1358 0.2009  -0.1730 34  ASP A CG  
276 O  OD1 . ASP A 59 ? 0.9534 0.3518 0.3294 -0.1305 0.1949  -0.1102 34  ASP A OD1 
277 O  OD2 . ASP A 59 ? 0.4676 0.8016 0.4262 -0.2635 0.1706  -0.2507 34  ASP A OD2 
278 N  N   . ASP A 60 ? 0.3224 0.6416 0.2056 0.0293  0.1057  -0.1070 35  ASP A N   
279 C  CA  . ASP A 60 ? 0.4994 0.6414 0.2920 0.0388  -0.0193 -0.1860 35  ASP A CA  
280 C  C   . ASP A 60 ? 0.2632 0.5725 0.2038 -0.0219 0.0252  -0.1140 35  ASP A C   
281 O  O   . ASP A 60 ? 0.2662 0.6757 0.1420 0.0404  0.0167  -0.0616 35  ASP A O   
282 C  CB  . ASP A 60 ? 0.5161 0.8352 0.7198 -0.1314 -0.0471 -0.2268 35  ASP A CB  
283 C  CG  . ASP A 60 ? 1.0272 1.0668 0.7075 -0.1505 -0.1057 -0.4595 35  ASP A CG  
284 O  OD1 . ASP A 60 ? 1.6532 1.5315 0.3597 -0.4534 -0.0147 -0.1132 35  ASP A OD1 
285 O  OD2 . ASP A 60 ? 0.9445 1.1347 1.4267 -0.5140 0.0999  -0.5492 35  ASP A OD2 
286 N  N   . SER A 61 ? 0.3059 0.4355 0.1294 -0.0419 0.0210  -0.0428 36  SER A N   
287 C  CA  . SER A 61 ? 0.4183 0.4849 0.2117 -0.0439 0.1325  -0.0776 36  SER A CA  
288 C  C   . SER A 61 ? 0.4129 0.4915 0.2811 -0.0255 0.1320  0.0134  36  SER A C   
289 O  O   . SER A 61 ? 0.5402 0.5654 0.1770 0.1767  0.0429  0.1037  36  SER A O   
290 C  CB  . SER A 61 ? 0.5565 0.6676 0.2133 -0.0343 0.1637  0.0382  36  SER A CB  
291 O  OG  . SER A 61 ? 0.3750 0.7282 0.2705 -0.0950 0.0487  -0.0177 36  SER A OG  
292 N  N   . LYS A 62 ? 0.4143 0.4195 0.1506 -0.0043 0.1171  -0.0888 37  LYS A N   
293 C  CA  . LYS A 62 ? 0.3537 0.3494 0.1213 0.0545  0.0830  -0.0507 37  LYS A CA  
294 C  C   . LYS A 62 ? 0.2246 0.2898 0.1216 0.0008  0.0623  -0.0306 37  LYS A C   
295 O  O   . LYS A 62 ? 0.2511 0.2723 0.1699 0.0139  0.0709  -0.0346 37  LYS A O   
296 C  CB  . LYS A 62 ? 0.3801 0.3330 0.1898 0.0042  0.0437  -0.1242 37  LYS A CB  
297 C  CG  . LYS A 62 ? 0.3997 0.5019 0.4314 0.0196  0.0009  -0.0061 37  LYS A CG  
298 C  CD  . LYS A 62 ? 0.3792 0.4731 0.5330 0.1074  -0.0864 -0.0579 37  LYS A CD  
299 C  CE  . LYS A 62 ? 0.5234 0.5542 0.4419 -0.0408 -0.1161 -0.0620 37  LYS A CE  
300 N  NZ  . LYS A 62 ? 0.6725 0.6150 0.6729 -0.0784 -0.0868 -0.1208 37  LYS A NZ  
301 N  N   . SER A 63 ? 0.1956 0.2246 0.0435 0.0149  0.0188  0.0147  38  SER A N   
302 C  CA  . SER A 63 ? 0.1968 0.1919 0.0533 -0.0017 0.0327  0.0158  38  SER A CA  
303 C  C   . SER A 63 ? 0.1550 0.1422 0.0462 0.0287  0.0097  0.0032  38  SER A C   
304 O  O   . SER A 63 ? 0.2007 0.1770 0.0370 -0.0033 0.0048  0.0184  38  SER A O   
305 C  CB  . SER A 63 ? 0.3138 0.2076 0.1632 0.0595  0.0651  0.0677  38  SER A CB  
306 O  OG  . SER A 63 ? 0.4940 0.3174 0.3454 -0.0341 0.0468  0.0893  38  SER A OG  
307 N  N   . TRP A 64 ? 0.1286 0.1019 0.0381 0.0309  0.0194  -0.0032 39  TRP A N   
308 C  CA  . TRP A 64 ? 0.1210 0.0849 0.0450 0.0266  0.0178  -0.0129 39  TRP A CA  
309 C  C   . TRP A 64 ? 0.1176 0.0954 0.0441 0.0295  0.0213  -0.0052 39  TRP A C   
310 O  O   . TRP A 64 ? 0.1177 0.1022 0.0571 0.0259  0.0312  -0.0222 39  TRP A O   
311 C  CB  . TRP A 64 ? 0.1121 0.1080 0.0461 0.0311  0.0206  -0.0166 39  TRP A CB  
312 C  CG  . TRP A 64 ? 0.1161 0.1078 0.0597 0.0482  0.0196  -0.0201 39  TRP A CG  
313 C  CD1 . TRP A 64 ? 0.1287 0.1297 0.0764 0.0344  0.0402  -0.0293 39  TRP A CD1 
314 C  CD2 . TRP A 64 ? 0.1156 0.1149 0.0608 0.0344  0.0304  -0.0235 39  TRP A CD2 
315 N  NE1 . TRP A 64 ? 0.1758 0.1405 0.0866 0.0008  0.0717  -0.0437 39  TRP A NE1 
316 C  CE2 . TRP A 64 ? 0.1401 0.1100 0.0673 0.0370  0.0432  -0.0216 39  TRP A CE2 
317 C  CE3 . TRP A 64 ? 0.1030 0.1033 0.0585 0.0481  0.0212  -0.0106 39  TRP A CE3 
318 C  CZ2 . TRP A 64 ? 0.1684 0.1410 0.0818 0.0490  0.0573  -0.0380 39  TRP A CZ2 
319 C  CZ3 . TRP A 64 ? 0.1351 0.0904 0.0731 0.0519  0.0207  0.0001  39  TRP A CZ3 
320 C  CH2 . TRP A 64 ? 0.1733 0.1342 0.0912 0.0484  0.0433  -0.0367 39  TRP A CH2 
321 N  N   . TRP A 65 ? 0.1226 0.1016 0.0431 0.0268  0.0342  -0.0070 40  TRP A N   
322 C  CA  . TRP A 65 ? 0.1288 0.1154 0.0499 0.0450  0.0308  -0.0196 40  TRP A CA  
323 C  C   . TRP A 65 ? 0.1367 0.1141 0.0486 0.0202  0.0490  -0.0034 40  TRP A C   
324 O  O   . TRP A 65 ? 0.1531 0.1068 0.0535 0.0312  0.0269  0.0059  40  TRP A O   
325 C  CB  . TRP A 65 ? 0.1328 0.1681 0.0639 0.0484  0.0435  -0.0205 40  TRP A CB  
326 C  CG  . TRP A 65 ? 0.1481 0.1729 0.0808 0.0688  0.0391  -0.0259 40  TRP A CG  
327 C  CD1 . TRP A 65 ? 0.2177 0.1619 0.1776 0.0708  0.0029  -0.0130 40  TRP A CD1 
328 C  CD2 . TRP A 65 ? 0.1899 0.2272 0.0989 0.1069  0.0315  -0.0238 40  TRP A CD2 
329 N  NE1 . TRP A 65 ? 0.2279 0.2117 0.2719 0.0992  0.0348  0.0189  40  TRP A NE1 
330 C  CE2 . TRP A 65 ? 0.2063 0.2442 0.1633 0.0908  0.0264  -0.0189 40  TRP A CE2 
331 C  CE3 . TRP A 65 ? 0.1761 0.2585 0.1843 0.1045  -0.0131 -0.0416 40  TRP A CE3 
332 C  CZ2 . TRP A 65 ? 0.2644 0.2733 0.2825 0.1436  -0.0016 -0.0312 40  TRP A CZ2 
333 C  CZ3 . TRP A 65 ? 0.1845 0.3290 0.2019 0.1260  0.0058  -0.0037 40  TRP A CZ3 
334 C  CH2 . TRP A 65 ? 0.2362 0.2965 0.2596 0.1796  0.0068  -0.0200 40  TRP A CH2 
335 N  N   . ARG A 66 ? 0.1421 0.1139 0.0445 0.0320  0.0404  -0.0095 41  ARG A N   
336 C  CA  A ARG A 66 ? 0.1383 0.1253 0.0612 0.0369  0.0491  0.0038  41  ARG A CA  
337 C  CA  B ARG A 66 ? 0.1419 0.1248 0.0613 0.0369  0.0525  0.0034  41  ARG A CA  
338 C  C   . ARG A 66 ? 0.1281 0.1242 0.0588 0.0502  0.0406  0.0123  41  ARG A C   
339 O  O   . ARG A 66 ? 0.1496 0.1318 0.0618 0.0428  0.0567  0.0008  41  ARG A O   
340 C  CB  A ARG A 66 ? 0.1735 0.1501 0.0635 0.0152  0.0344  0.0078  41  ARG A CB  
341 C  CB  B ARG A 66 ? 0.1817 0.1565 0.0633 0.0100  0.0428  -0.0041 41  ARG A CB  
342 C  CG  A ARG A 66 ? 0.2095 0.1865 0.1129 -0.0017 0.0054  0.0462  41  ARG A CG  
343 C  CG  B ARG A 66 ? 0.2393 0.2028 0.1221 -0.0034 0.0198  0.0448  41  ARG A CG  
344 C  CD  A ARG A 66 ? 0.2160 0.2189 0.1302 0.0322  -0.0141 0.0365  41  ARG A CD  
345 C  CD  B ARG A 66 ? 0.2848 0.2326 0.2174 -0.0191 0.0142  -0.0154 41  ARG A CD  
346 N  NE  A ARG A 66 ? 0.2475 0.2727 0.1533 0.0578  0.0652  0.0376  41  ARG A NE  
347 N  NE  B ARG A 66 ? 0.3033 0.4331 0.2524 0.0300  0.0344  0.0585  41  ARG A NE  
348 C  CZ  A ARG A 66 ? 0.3134 0.3120 0.0686 0.0163  0.0261  0.0178  41  ARG A CZ  
349 C  CZ  B ARG A 66 ? 0.3608 0.5412 0.2356 0.0930  0.1165  0.0945  41  ARG A CZ  
350 N  NH1 A ARG A 66 ? 0.3078 0.2627 0.2093 -0.0486 -0.0272 0.0190  41  ARG A NH1 
351 N  NH1 B ARG A 66 ? 0.2949 0.6020 0.3532 0.0865  0.1346  0.0453  41  ARG A NH1 
352 N  NH2 A ARG A 66 ? 0.2128 0.5452 0.1445 -0.0781 0.0401  -0.0987 41  ARG A NH2 
353 N  NH2 B ARG A 66 ? 0.3456 0.5311 0.3973 0.1438  0.1301  0.1450  41  ARG A NH2 
354 N  N   . VAL A 67 ? 0.1199 0.1354 0.0603 0.0333  0.0388  0.0035  42  VAL A N   
355 C  CA  . VAL A 67 ? 0.1193 0.1206 0.0669 0.0411  0.0371  0.0178  42  VAL A CA  
356 C  C   . VAL A 67 ? 0.1420 0.1315 0.0476 0.0516  0.0324  0.0142  42  VAL A C   
357 O  O   . VAL A 67 ? 0.1535 0.1622 0.0819 0.0641  0.0372  0.0239  42  VAL A O   
358 C  CB  . VAL A 67 ? 0.1221 0.1284 0.0594 0.0374  0.0379  0.0170  42  VAL A CB  
359 C  CG1 . VAL A 67 ? 0.1466 0.1379 0.0569 0.0512  0.0342  0.0150  42  VAL A CG1 
360 C  CG2 . VAL A 67 ? 0.1702 0.1224 0.0723 0.0623  0.0348  0.0178  42  VAL A CG2 
361 N  N   . ARG A 68 ? 0.1502 0.1459 0.0743 0.0431  0.0398  0.0287  43  ARG A N   
362 C  CA  A ARG A 68 ? 0.2206 0.1727 0.0566 0.0542  0.0240  0.0380  43  ARG A CA  
363 C  CA  B ARG A 68 ? 0.2244 0.1808 0.0549 0.0504  0.0241  0.0421  43  ARG A CA  
364 C  C   . ARG A 68 ? 0.1953 0.2949 0.0407 0.0837  0.0505  0.0333  43  ARG A C   
365 O  O   . ARG A 68 ? 0.1800 0.1398 0.0528 0.0474  0.0607  0.0015  43  ARG A O   
366 C  CB  A ARG A 68 ? 0.2848 0.2093 0.0878 0.0229  -0.0089 0.0104  43  ARG A CB  
367 C  CB  B ARG A 68 ? 0.3139 0.2074 0.0670 0.0026  -0.0146 0.0483  43  ARG A CB  
368 C  CG  A ARG A 68 ? 0.3356 0.2107 0.1068 0.0749  0.0069  0.0149  43  ARG A CG  
369 C  CG  B ARG A 68 ? 0.3931 0.2785 0.0537 0.0255  -0.0121 0.0796  43  ARG A CG  
370 C  CD  A ARG A 68 ? 0.4076 0.2616 0.1213 0.0863  -0.0139 0.0241  43  ARG A CD  
371 C  CD  B ARG A 68 ? 0.5465 0.2958 0.1192 -0.0218 -0.0640 0.0694  43  ARG A CD  
372 N  NE  A ARG A 68 ? 0.5188 0.2729 0.2029 0.1390  0.0588  0.0341  43  ARG A NE  
373 N  NE  B ARG A 68 ? 0.6429 0.3350 0.0886 -0.0248 -0.0133 0.0943  43  ARG A NE  
374 C  CZ  A ARG A 68 ? 0.6124 0.5028 0.0800 -0.0455 -0.1225 0.0108  43  ARG A CZ  
375 C  CZ  B ARG A 68 ? 0.7500 0.3977 0.2632 -0.0369 -0.1503 0.0080  43  ARG A CZ  
376 N  NH1 A ARG A 68 ? 0.6362 0.6449 0.1425 -0.0159 -0.0111 0.0281  43  ARG A NH1 
377 N  NH1 B ARG A 68 ? 0.9248 0.3995 0.2025 -0.1839 -0.0442 0.1085  43  ARG A NH1 
378 N  NH2 A ARG A 68 ? 0.6272 0.7700 0.1422 -0.0957 -0.1258 0.0597  43  ARG A NH2 
379 N  NH2 B ARG A 68 ? 0.7777 0.4017 0.7851 -0.1536 -0.0769 0.0444  43  ARG A NH2 
380 N  N   . ASN A 69 ? 0.2982 0.2559 0.0431 0.1339  0.0696  0.0362  44  ASN A N   
381 C  CA  . ASN A 69 ? 0.3493 0.1605 0.0458 0.1616  0.0734  0.0221  44  ASN A CA  
382 C  C   . ASN A 69 ? 0.3230 0.2106 0.0508 0.1627  0.0746  0.0151  44  ASN A C   
383 O  O   . ASN A 69 ? 0.1919 0.1474 0.0391 0.0962  0.0416  0.0090  44  ASN A O   
384 C  CB  . ASN A 69 ? 0.3441 0.2401 0.0648 0.1338  0.0901  -0.0093 44  ASN A CB  
385 C  CG  . ASN A 69 ? 0.3054 0.2139 0.0639 0.0975  0.0787  -0.0231 44  ASN A CG  
386 O  OD1 . ASN A 69 ? 0.2158 0.1607 0.0424 0.0944  0.0523  0.0104  44  ASN A OD1 
387 N  ND2 . ASN A 69 ? 0.3231 0.2925 0.0589 0.1478  0.0807  -0.0077 44  ASN A ND2 
388 N  N   . SER A 70 ? 0.2911 0.1704 0.0505 0.1404  0.0732  0.0199  45  SER A N   
389 C  CA  . SER A 70 ? 0.2323 0.1599 0.0532 0.0955  0.0718  0.0167  45  SER A CA  
390 C  C   . SER A 70 ? 0.1676 0.1510 0.0504 0.0654  0.0557  0.0078  45  SER A C   
391 O  O   . SER A 70 ? 0.2204 0.1817 0.0696 0.0759  0.0846  0.0434  45  SER A O   
392 C  CB  . SER A 70 ? 0.2183 0.1813 0.0770 0.0754  0.0680  0.0289  45  SER A CB  
393 O  OG  . SER A 70 ? 0.2347 0.1927 0.1185 0.0127  0.0548  -0.0099 45  SER A OG  
394 N  N   . MET A 71 ? 0.1594 0.1311 0.0657 0.0688  0.0539  0.0061  46  MET A N   
395 C  CA  . MET A 71 ? 0.1818 0.1332 0.0838 0.0810  0.0632  0.0271  46  MET A CA  
396 C  C   . MET A 71 ? 0.1794 0.1401 0.0471 0.0906  0.0555  0.0300  46  MET A C   
397 O  O   . MET A 71 ? 0.1866 0.1664 0.0641 0.1023  0.0492  0.0359  46  MET A O   
398 C  CB  . MET A 71 ? 0.2535 0.0979 0.1931 0.0952  0.0749  0.0179  46  MET A CB  
399 C  CG  . MET A 71 ? 0.2882 0.1933 0.3436 0.0758  0.0474  -0.0524 46  MET A CG  
400 S  SD  . MET A 71 ? 0.5399 0.2783 0.5231 0.0709  0.0285  -0.1783 46  MET A SD  
401 C  CE  . MET A 71 ? 0.4911 0.3253 0.4773 0.0952  0.0702  -0.1728 46  MET A CE  
402 N  N   . ASN A 72 ? 0.1770 0.1393 0.0471 0.0955  0.0533  0.0206  47  ASN A N   
403 C  CA  . ASN A 72 ? 0.1679 0.1399 0.0423 0.0977  0.0320  0.0328  47  ASN A CA  
404 C  C   . ASN A 72 ? 0.1517 0.1582 0.0472 0.0755  0.0223  0.0141  47  ASN A C   
405 O  O   . ASN A 72 ? 0.1648 0.2442 0.0653 0.0721  0.0194  -0.0028 47  ASN A O   
406 C  CB  . ASN A 72 ? 0.2092 0.1736 0.0403 0.1299  0.0443  0.0292  47  ASN A CB  
407 C  CG  . ASN A 72 ? 0.2191 0.1456 0.0536 0.1261  0.0441  0.0141  47  ASN A CG  
408 O  OD1 . ASN A 72 ? 0.2465 0.1462 0.0613 0.1042  0.0713  0.0214  47  ASN A OD1 
409 N  ND2 . ASN A 72 ? 0.2137 0.1842 0.0443 0.0909  0.0472  0.0141  47  ASN A ND2 
410 N  N   . LYS A 73 ? 0.1675 0.1716 0.0416 0.1049  0.0330  0.0211  48  LYS A N   
411 C  CA  . LYS A 73 ? 0.1707 0.1873 0.0336 0.1099  0.0283  0.0361  48  LYS A CA  
412 C  C   . LYS A 73 ? 0.1261 0.1888 0.0596 0.0901  0.0414  0.0427  48  LYS A C   
413 O  O   . LYS A 73 ? 0.1364 0.1616 0.0966 0.0827  0.0198  0.0524  48  LYS A O   
414 C  CB  . LYS A 73 ? 0.1969 0.2617 0.0858 0.1075  0.0297  -0.0216 48  LYS A CB  
415 C  CG  . LYS A 73 ? 0.2710 0.3111 0.1427 0.1387  0.0815  -0.0069 48  LYS A CG  
416 C  CD  . LYS A 73 ? 0.3498 0.3642 0.1891 0.1188  0.0758  -0.0576 48  LYS A CD  
417 C  CE  . LYS A 73 ? 0.4690 0.3621 0.2145 0.1518  0.1390  -0.0894 48  LYS A CE  
418 N  NZ  . LYS A 73 ? 0.5751 0.7388 0.5211 0.0411  0.0271  -0.0236 48  LYS A NZ  
419 N  N   . THR A 74 ? 0.1369 0.2052 0.0980 0.0856  0.0310  0.0479  49  THR A N   
420 C  CA  A THR A 74 ? 0.1680 0.2031 0.0873 0.0760  0.0292  0.0390  49  THR A CA  
421 C  CA  B THR A 74 ? 0.1852 0.2132 0.0918 0.0739  0.0417  0.0512  49  THR A CA  
422 C  C   . THR A 74 ? 0.1622 0.1827 0.0910 0.0842  0.0342  0.0499  49  THR A C   
423 O  O   . THR A 74 ? 0.2001 0.2142 0.1303 0.1077  0.0464  0.0607  49  THR A O   
424 C  CB  A THR A 74 ? 0.2054 0.2293 0.0950 0.0940  -0.0008 0.0125  49  THR A CB  
425 C  CB  B THR A 74 ? 0.2629 0.2380 0.1304 0.0701  0.0107  0.0289  49  THR A CB  
426 O  OG1 A THR A 74 ? 0.2945 0.2888 0.0939 0.0567  0.0104  -0.0678 49  THR A OG1 
427 O  OG1 B THR A 74 ? 0.2698 0.3103 0.1573 0.0791  0.0158  0.0088  49  THR A OG1 
428 C  CG2 A THR A 74 ? 0.2144 0.2196 0.1221 0.0815  -0.0360 0.0088  49  THR A CG2 
429 C  CG2 B THR A 74 ? 0.3043 0.2736 0.1346 0.0256  0.0146  0.0289  49  THR A CG2 
430 N  N   . GLY A 75 ? 0.1335 0.1606 0.0667 0.0665  0.0184  0.0246  50  GLY A N   
431 C  CA  . GLY A 75 ? 0.1162 0.1498 0.0722 0.0602  0.0205  0.0235  50  GLY A CA  
432 C  C   . GLY A 75 ? 0.1045 0.1291 0.0554 0.0462  0.0189  0.0112  50  GLY A C   
433 O  O   . GLY A 75 ? 0.1341 0.1685 0.0745 0.0735  0.0483  0.0239  50  GLY A O   
434 N  N   . PHE A 76 ? 0.1184 0.1195 0.0445 0.0505  0.0183  0.0089  51  PHE A N   
435 C  CA  . PHE A 76 ? 0.1060 0.1111 0.0424 0.0547  0.0092  0.0026  51  PHE A CA  
436 C  C   . PHE A 76 ? 0.1063 0.1102 0.0418 0.0521  0.0102  0.0029  51  PHE A C   
437 O  O   . PHE A 76 ? 0.1455 0.1092 0.0521 0.0510  0.0218  0.0010  51  PHE A O   
438 C  CB  . PHE A 76 ? 0.1084 0.1322 0.0552 0.0476  0.0136  0.0062  51  PHE A CB  
439 C  CG  . PHE A 76 ? 0.1247 0.1368 0.0515 0.0494  0.0199  -0.0068 51  PHE A CG  
440 C  CD1 . PHE A 76 ? 0.1270 0.1687 0.1377 0.0693  -0.0235 -0.0282 51  PHE A CD1 
441 C  CD2 . PHE A 76 ? 0.1353 0.1264 0.0581 0.0282  0.0205  0.0109  51  PHE A CD2 
442 C  CE1 . PHE A 76 ? 0.1744 0.2017 0.1361 0.0380  -0.0252 -0.0280 51  PHE A CE1 
443 C  CE2 . PHE A 76 ? 0.1455 0.1388 0.0567 0.0130  0.0318  0.0008  51  PHE A CE2 
444 C  CZ  . PHE A 76 ? 0.1442 0.1939 0.0995 0.0210  0.0004  -0.0250 51  PHE A CZ  
445 N  N   . VAL A 77 ? 0.1094 0.0954 0.0520 0.0476  0.0048  0.0024  52  VAL A N   
446 C  CA  . VAL A 77 ? 0.1178 0.0947 0.0597 0.0349  0.0069  -0.0002 52  VAL A CA  
447 C  C   . VAL A 77 ? 0.1143 0.1065 0.0371 0.0269  0.0081  0.0007  52  VAL A C   
448 O  O   . VAL A 77 ? 0.1333 0.1039 0.0385 0.0276  0.0208  -0.0064 52  VAL A O   
449 C  CB  . VAL A 77 ? 0.1136 0.1110 0.0758 0.0375  -0.0051 0.0135  52  VAL A CB  
450 C  CG1 . VAL A 77 ? 0.1366 0.1250 0.0602 0.0342  -0.0062 0.0155  52  VAL A CG1 
451 C  CG2 . VAL A 77 ? 0.0959 0.1364 0.0759 0.0450  0.0083  0.0244  52  VAL A CG2 
452 N  N   . PRO A 78 ? 0.1361 0.1072 0.0378 0.0397  -0.0007 -0.0019 53  PRO A N   
453 C  CA  . PRO A 78 ? 0.1536 0.1142 0.0274 0.0318  0.0160  0.0059  53  PRO A CA  
454 C  C   . PRO A 78 ? 0.1350 0.0988 0.0422 0.0292  -0.0043 0.0232  53  PRO A C   
455 O  O   . PRO A 78 ? 0.1354 0.0940 0.0686 0.0432  0.0098  0.0136  53  PRO A O   
456 C  CB  . PRO A 78 ? 0.2058 0.1232 0.0337 0.0576  -0.0058 -0.0010 53  PRO A CB  
457 C  CG  . PRO A 78 ? 0.2293 0.1091 0.0686 0.0338  -0.0044 -0.0078 53  PRO A CG  
458 C  CD  . PRO A 78 ? 0.1685 0.0926 0.0736 0.0436  -0.0081 -0.0024 53  PRO A CD  
459 N  N   . SER A 79 ? 0.1599 0.0909 0.0784 0.0376  0.0128  0.0221  54  SER A N   
460 C  CA  . SER A 79 ? 0.1828 0.1272 0.0874 0.0471  0.0339  0.0026  54  SER A CA  
461 C  C   . SER A 79 ? 0.1815 0.1079 0.0691 0.0592  0.0308  0.0288  54  SER A C   
462 O  O   . SER A 79 ? 0.2019 0.1764 0.1000 0.0965  0.0415  0.0087  54  SER A O   
463 C  CB  . SER A 79 ? 0.2841 0.1284 0.1393 0.0283  0.0280  -0.0008 54  SER A CB  
464 O  OG  . SER A 79 ? 0.3225 0.1332 0.2000 0.0001  0.0456  0.0038  54  SER A OG  
465 N  N   . ASN A 80 ? 0.1828 0.1059 0.0742 0.0427  0.0176  0.0166  55  ASN A N   
466 C  CA  . ASN A 80 ? 0.1869 0.1563 0.0859 0.0544  0.0148  0.0117  55  ASN A CA  
467 C  C   . ASN A 80 ? 0.1650 0.1184 0.0548 0.0784  0.0139  0.0135  55  ASN A C   
468 O  O   . ASN A 80 ? 0.1986 0.1819 0.0878 0.0771  -0.0011 0.0079  55  ASN A O   
469 C  CB  . ASN A 80 ? 0.2970 0.3289 0.0609 0.0056  0.0113  0.0605  55  ASN A CB  
470 C  CG  . ASN A 80 ? 0.3438 0.3086 0.1759 0.0418  0.0277  0.0420  55  ASN A CG  
471 O  OD1 . ASN A 80 ? 0.5861 0.2896 0.1871 0.0773  -0.0472 0.0553  55  ASN A OD1 
472 N  ND2 . ASN A 80 ? 0.4056 0.4852 0.1981 0.1221  0.0643  0.0209  55  ASN A ND2 
473 N  N   . TYR A 81 ? 0.1398 0.0971 0.0526 0.0704  0.0258  0.0045  56  TYR A N   
474 C  CA  . TYR A 81 ? 0.1276 0.1159 0.0676 0.0669  0.0321  -0.0059 56  TYR A CA  
475 C  C   . TYR A 81 ? 0.1544 0.0898 0.0940 0.0703  0.0597  0.0006  56  TYR A C   
476 O  O   . TYR A 81 ? 0.1815 0.1256 0.1376 0.0349  0.0938  -0.0227 56  TYR A O   
477 C  CB  . TYR A 81 ? 0.1409 0.0913 0.0625 0.0516  0.0428  0.0019  56  TYR A CB  
478 C  CG  . TYR A 81 ? 0.1592 0.1066 0.0588 0.0608  0.0334  -0.0041 56  TYR A CG  
479 C  CD1 . TYR A 81 ? 0.1774 0.1038 0.0814 0.0453  0.0512  -0.0141 56  TYR A CD1 
480 C  CD2 . TYR A 81 ? 0.1455 0.0932 0.0539 0.0663  0.0209  0.0118  56  TYR A CD2 
481 C  CE1 . TYR A 81 ? 0.1781 0.1236 0.0762 0.0346  0.0500  -0.0193 56  TYR A CE1 
482 C  CE2 . TYR A 81 ? 0.1766 0.1083 0.0683 0.0626  0.0247  -0.0093 56  TYR A CE2 
483 C  CZ  . TYR A 81 ? 0.1860 0.1191 0.0622 0.0492  0.0260  -0.0216 56  TYR A CZ  
484 O  OH  . TYR A 81 ? 0.2545 0.1298 0.0790 0.0674  0.0644  -0.0137 56  TYR A OH  
485 N  N   . VAL A 82 ? 0.1533 0.1230 0.0690 0.0711  0.0392  -0.0078 57  VAL A N   
486 C  CA  . VAL A 82 ? 0.1810 0.1290 0.0930 0.0776  0.0690  -0.0120 57  VAL A CA  
487 C  C   . VAL A 82 ? 0.2202 0.1414 0.1034 0.1008  0.0776  -0.0032 57  VAL A C   
488 O  O   . VAL A 82 ? 0.2661 0.1388 0.1556 0.0888  0.1101  -0.0023 57  VAL A O   
489 C  CB  . VAL A 82 ? 0.2140 0.1715 0.1258 0.0887  0.0451  -0.0242 57  VAL A CB  
490 C  CG1 . VAL A 82 ? 0.1859 0.1799 0.1721 0.0851  0.0129  0.0156  57  VAL A CG1 
491 C  CG2 . VAL A 82 ? 0.2817 0.2772 0.1780 0.0030  -0.0030 -0.0236 57  VAL A CG2 
492 N  N   . GLU A 83 ? 0.2739 0.1490 0.0920 0.1495  0.1005  0.0309  58  GLU A N   
493 C  CA  . GLU A 83 ? 0.3357 0.1229 0.1384 0.1429  0.1123  0.0202  58  GLU A CA  
494 C  C   . GLU A 83 ? 0.2872 0.1522 0.1527 0.1551  0.1123  0.0138  58  GLU A C   
495 O  O   . GLU A 83 ? 0.2461 0.1377 0.1147 0.1320  0.0729  -0.0032 58  GLU A O   
496 C  CB  . GLU A 83 ? 0.3729 0.2351 0.1307 0.1629  0.0732  -0.0156 58  GLU A CB  
497 C  CG  . GLU A 83 ? 0.3158 0.3456 0.1815 0.1681  0.0517  -0.0250 58  GLU A CG  
498 C  CD  . GLU A 83 ? 0.4321 0.3881 0.4779 0.2819  -0.1205 0.1398  58  GLU A CD  
499 O  OE1 . GLU A 83 ? 0.6973 0.3407 0.4798 0.2721  0.0613  0.1233  58  GLU A OE1 
500 O  OE2 . GLU A 83 ? 0.3594 0.8958 0.8638 0.1687  -0.2212 -0.1397 58  GLU A OE2 
501 N  N   . ARG A 84 ? 0.3649 0.1380 0.1867 0.1548  0.1359  0.0095  59  ARG A N   
502 C  CA  . ARG A 84 ? 0.3914 0.2015 0.1853 0.1186  0.1288  -0.0531 59  ARG A CA  
503 C  C   . ARG A 84 ? 0.3451 0.2143 0.1833 0.1892  0.0897  -0.0228 59  ARG A C   
504 O  O   . ARG A 84 ? 0.3797 0.3387 0.1831 0.2145  0.0475  -0.0276 59  ARG A O   
505 C  CB  . ARG A 84 ? 0.4688 0.2036 0.2955 0.1538  0.1307  -0.0873 59  ARG A CB  
506 C  CG  . ARG A 84 ? 0.5406 0.1843 0.4373 0.1487  -0.0342 -0.0282 59  ARG A CG  
507 C  CD  . ARG A 84 ? 0.8480 0.2380 0.5647 0.1341  -0.1341 -0.1110 59  ARG A CD  
508 N  NE  . ARG A 84 ? 0.9265 0.5034 0.8238 0.0451  -0.2346 0.0364  59  ARG A NE  
509 C  CZ  . ARG A 84 ? 1.3457 0.6979 0.7596 0.1138  -0.1830 -0.0133 59  ARG A CZ  
510 N  NH1 . ARG A 84 ? 1.2049 1.1466 1.3929 0.2451  0.0242  0.1506  59  ARG A NH1 
511 N  NH2 . ARG A 84 ? 1.5397 0.6570 1.0318 0.4599  -0.0483 -0.0467 59  ARG A NH2 
512 N  N   . LYS A 85 ? 0.3470 0.2887 0.1493 0.1488  0.1068  -0.0289 60  LYS A N   
513 C  CA  . LYS A 85 ? 0.2878 0.3823 0.1951 0.1845  0.0811  -0.0027 60  LYS A CA  
514 C  C   . LYS A 85 ? 0.2853 0.4009 0.1212 0.1884  0.0147  -0.0414 60  LYS A C   
515 O  O   . LYS A 85 ? 0.2794 0.3543 0.1898 0.1613  0.0253  -0.0822 60  LYS A O   
516 C  CB  . LYS A 85 ? 0.3045 0.4028 0.4047 0.2036  0.1368  0.0824  60  LYS A CB  
517 C  CG  . LYS A 85 ? 0.3394 0.4908 0.5594 0.2121  0.2429  0.1391  60  LYS A CG  
518 C  CD  . LYS A 85 ? 0.3757 0.6857 0.4928 0.2598  0.1205  0.1218  60  LYS A CD  
519 C  CE  . LYS A 85 ? 0.4966 0.9039 0.3462 0.1329  0.1125  0.1854  60  LYS A CE  
520 N  NZ  . LYS A 85 ? 0.1979 0.9455 0.3169 0.0749  0.0009  0.1722  60  LYS A NZ  
521 N  N   . ASN A 86 ? 0.2442 0.4178 0.1218 0.0678  0.0505  0.0085  61  ASN A N   
522 C  CA  . ASN A 86 ? 0.2411 0.3534 0.1658 0.0950  0.0602  0.0839  61  ASN A CA  
523 C  C   . ASN A 86 ? 0.2089 0.4554 0.2034 0.0773  0.0668  0.1273  61  ASN A C   
524 O  O   . ASN A 86 ? 0.2213 0.3823 0.2888 0.0825  0.0646  0.1255  61  ASN A O   
525 C  CB  . ASN A 86 ? 0.2971 0.2491 0.1861 0.0902  0.0585  0.0898  61  ASN A CB  
526 C  CG  . ASN A 86 ? 0.2952 0.3024 0.1830 0.0483  0.0899  0.0298  61  ASN A CG  
527 O  OD1 . ASN A 86 ? 0.2940 0.2721 0.1813 0.0793  0.1056  0.0227  61  ASN A OD1 
528 N  ND2 . ASN A 86 ? 0.2867 0.3066 0.1686 0.1275  0.0428  0.0393  61  ASN A ND2 
529 N  N   . SER A 87 ? 0.2846 0.3870 0.2020 0.1651  0.1050  0.1219  62  SER A N   
530 C  CA  . SER A 87 ? 0.3119 0.5012 0.1790 0.0985  0.0923  0.0965  62  SER A CA  
531 C  C   . SER A 87 ? 0.3842 0.4425 0.2441 0.2168  0.0137  0.2583  62  SER A C   
532 O  O   . SER A 87 ? 0.6790 0.7203 0.2322 0.0798  0.0615  0.2715  62  SER A O   
533 C  CB  . SER A 87 ? 0.2963 0.4459 0.5910 0.2027  0.0830  -0.0047 62  SER A CB  
534 O  OG  . SER A 87 ? 0.3766 0.3315 0.5657 0.2173  0.1448  0.1326  62  SER A OG  
535 O  OXT . SER A 87 ? 0.4567 0.5300 0.4014 0.0701  0.0533  0.0590  62  SER A OXT 
536 NA NA  . NA  B .  ? 0.3582 0.2810 0.3162 0.1021  0.1199  0.0029  101 NA  A NA  
537 O  O   . HOH C .  ? 0.1359 0.2958 0.0881 0.0794  -0.0278 -0.0733 201 HOH A O   
538 O  O   . HOH C .  ? 0.3588 0.4025 0.1523 0.2847  -0.0267 -0.1241 202 HOH A O   
539 O  O   . HOH C .  ? 0.6573 0.4629 0.4583 0.3788  -0.0896 -0.0285 203 HOH A O   
540 O  O   . HOH C .  ? 0.3812 0.3550 0.1725 0.0177  0.0958  0.0317  204 HOH A O   
541 O  O   . HOH C .  ? 0.5180 0.4336 0.4347 0.0279  0.0748  -0.1048 205 HOH A O   
542 O  O   . HOH C .  ? 0.5559 0.5231 0.3017 0.2945  0.2374  0.1597  206 HOH A O   
543 O  O   . HOH C .  ? 0.3438 0.8635 0.7171 0.0438  -0.1326 -0.0572 207 HOH A O   
544 O  O   . HOH C .  ? 0.5569 0.2955 0.4715 0.1566  -0.0564 0.0738  208 HOH A O   
545 O  O   . HOH C .  ? 0.5282 0.4863 0.6091 -0.0511 -0.1193 -0.0303 209 HOH A O   
546 O  O   . HOH C .  ? 0.2945 0.1652 0.0502 0.0613  0.0038  0.0189  210 HOH A O   
547 O  O   . HOH C .  ? 0.5637 0.3401 0.4637 0.1686  -0.0907 -0.0849 211 HOH A O   
548 O  O   . HOH C .  ? 0.6522 0.4443 0.5414 0.3314  0.1106  0.2207  212 HOH A O   
549 O  O   . HOH C .  ? 0.4053 0.4672 0.2148 -0.1302 0.1150  -0.1174 213 HOH A O   
550 O  O   . HOH C .  ? 0.6612 0.5074 0.5300 0.2677  0.0350  0.3068  214 HOH A O   
551 O  O   . HOH C .  ? 0.3708 0.4007 0.4342 0.2456  0.1410  0.0814  215 HOH A O   
552 O  O   . HOH C .  ? 0.4284 0.3527 0.2612 0.1776  -0.1148 -0.0574 216 HOH A O   
553 O  O   . HOH C .  ? 0.7416 0.2641 0.7400 0.0904  -0.2084 0.1936  217 HOH A O   
554 O  O   . HOH C .  ? 0.4301 0.5733 0.3550 0.0079  0.2402  -0.0090 218 HOH A O   
555 O  O   . HOH C .  ? 0.5397 0.2245 0.4406 0.0456  0.2542  0.0673  219 HOH A O   
556 O  O   . HOH C .  ? 0.2483 0.5414 0.1728 -0.0207 0.0833  -0.1060 220 HOH A O   
557 O  O   . HOH C .  ? 0.4034 0.1752 0.4051 0.0283  0.1416  0.0490  221 HOH A O   
558 O  O   . HOH C .  ? 0.1574 0.1302 0.0525 0.0676  0.0509  0.0030  222 HOH A O   
559 O  O   . HOH C .  ? 0.3685 0.1739 0.1533 0.1070  0.1777  -0.0089 223 HOH A O   
560 O  O   . HOH C .  ? 0.4532 0.2522 0.3847 0.1590  -0.2195 -0.0105 224 HOH A O   
561 O  O   . HOH C .  ? 0.1995 0.3970 0.2027 0.0317  0.0682  -0.1297 225 HOH A O   
562 O  O   . HOH C .  ? 0.2608 0.3939 0.1038 -0.0347 0.0499  -0.0329 226 HOH A O   
563 O  O   . HOH C .  ? 0.2962 0.4687 0.2160 -0.0941 0.0422  -0.0623 227 HOH A O   
564 O  O   . HOH C .  ? 0.4116 0.8587 0.2227 -0.0770 0.0066  0.0483  228 HOH A O   
565 O  O   . HOH C .  ? 0.3891 0.2124 0.1406 0.0044  0.1097  0.0139  229 HOH A O   
566 O  O   . HOH C .  ? 0.2033 0.2032 0.0765 -0.0077 0.0549  -0.0478 230 HOH A O   
567 O  O   . HOH C .  ? 0.5102 0.3897 0.6229 0.1058  0.1092  -0.0552 231 HOH A O   
568 O  O   . HOH C .  ? 0.2639 0.3233 0.4633 0.0505  0.1114  -0.0910 232 HOH A O   
569 O  O   . HOH C .  ? 0.3686 0.2990 0.6428 -0.0401 0.2642  -0.0612 233 HOH A O   
570 O  O   . HOH C .  ? 0.3830 0.4783 0.2487 0.2797  0.0386  0.0553  234 HOH A O   
571 O  O   . HOH C .  ? 0.4023 0.3573 0.1627 0.2278  0.0652  0.0169  235 HOH A O   
572 O  O   . HOH C .  ? 0.4802 0.5991 0.2296 0.3391  0.0361  -0.0422 236 HOH A O   
573 O  O   . HOH C .  ? 0.5152 0.2260 0.2069 0.0042  0.0820  0.0755  237 HOH A O   
574 O  O   . HOH C .  ? 0.1878 0.2177 0.0489 0.0839  0.0485  -0.0118 238 HOH A O   
575 O  O   . HOH C .  ? 0.3908 0.7506 0.2092 0.0049  -0.0615 -0.0116 239 HOH A O   
576 O  O   . HOH C .  ? 0.4808 0.2642 0.4801 0.0201  0.2878  -0.0836 240 HOH A O   
577 O  O   . HOH C .  ? 0.5004 0.2187 0.5913 0.1247  0.1942  -0.0237 241 HOH A O   
578 O  O   . HOH C .  ? 0.3367 0.1598 0.2041 0.0420  0.0159  -0.0459 242 HOH A O   
579 O  O   . HOH C .  ? 0.1822 0.5136 0.4918 0.1899  -0.0037 0.2474  243 HOH A O   
580 O  O   . HOH C .  ? 0.6086 0.7078 0.1998 -0.1054 -0.0048 0.1089  244 HOH A O   
581 O  O   . HOH C .  ? 0.5323 0.8725 0.3650 0.1708  0.2289  0.0504  245 HOH A O   
582 O  O   . HOH C .  ? 0.2947 0.2946 0.1189 0.0720  0.0581  0.0479  246 HOH A O   
583 O  O   . HOH C .  ? 0.2683 0.8646 0.4286 0.0158  0.1649  0.1120  247 HOH A O   
584 O  O   . HOH C .  ? 0.3927 0.1733 0.3785 0.1765  -0.2190 -0.0538 248 HOH A O   
585 O  O   . HOH C .  ? 0.4302 0.2161 0.4958 0.0892  0.1824  -0.1054 249 HOH A O   
586 O  O   . HOH C .  ? 0.4833 0.6862 0.3629 0.1189  0.1107  -0.0436 250 HOH A O   
587 O  O   . HOH C .  ? 0.6110 0.4741 0.4571 0.4010  0.1921  0.1776  251 HOH A O   
588 O  O   . HOH C .  ? 0.7377 0.5491 0.8145 0.2425  -0.2111 -0.4852 252 HOH A O   
589 O  O   . HOH C .  ? 0.5233 0.6336 0.6856 0.2363  -0.0088 0.3089  253 HOH A O   
590 O  O   . HOH C .  ? 0.4505 0.4196 0.3922 0.2492  0.0852  0.0282  254 HOH A O   
591 O  O   . HOH C .  ? 0.6521 0.4686 0.7514 0.3347  -0.2029 -0.0472 255 HOH A O   
592 O  O   . HOH C .  ? 0.4601 0.4933 0.4481 0.1233  -0.0400 -0.0504 256 HOH A O   
593 O  O   . HOH C .  ? 0.4364 0.3603 0.5851 0.1823  0.1112  0.0936  257 HOH A O   
594 O  O   . HOH C .  ? 0.3603 0.4073 0.2168 -0.0070 -0.0265 0.0402  258 HOH A O   
595 O  O   . HOH C .  ? 0.5069 0.3363 0.5881 0.0330  -0.1154 -0.0995 259 HOH A O   
596 O  O   . HOH C .  ? 0.6389 0.3908 0.4213 0.1375  0.1551  -0.0730 260 HOH A O   
597 O  O   . HOH C .  ? 0.5806 0.5565 0.5273 0.2293  0.2203  0.1666  261 HOH A O   
598 O  O   . HOH C .  ? 0.5733 0.7727 0.2310 0.1008  0.0181  0.0154  262 HOH A O   
599 O  O   . HOH C .  ? 0.3435 0.6309 0.2688 0.1273  0.0373  -0.1137 263 HOH A O   
# 
